data_3P3K
# 
_entry.id   3P3K 
# 
_audit_conform.dict_name       mmcif_pdbx.dic 
_audit_conform.dict_version    5.379 
_audit_conform.dict_location   http://mmcif.pdb.org/dictionaries/ascii/mmcif_pdbx.dic 
# 
loop_
_database_2.database_id 
_database_2.database_code 
_database_2.pdbx_database_accession 
_database_2.pdbx_DOI 
PDB   3P3K         pdb_00003p3k 10.2210/pdb3p3k/pdb 
RCSB  RCSB061911   ?            ?                   
WWPDB D_1000061911 ?            ?                   
# 
_pdbx_database_related.db_name        PDB 
_pdbx_database_related.db_id          1TXJ 
_pdbx_database_related.details        . 
_pdbx_database_related.content_type   unspecified 
# 
_pdbx_database_status.status_code                     REL 
_pdbx_database_status.entry_id                        3P3K 
_pdbx_database_status.recvd_initial_deposition_date   2010-10-05 
_pdbx_database_status.deposit_site                    RCSB 
_pdbx_database_status.process_site                    RCSB 
_pdbx_database_status.status_code_sf                  REL 
_pdbx_database_status.status_code_mr                  ? 
_pdbx_database_status.SG_entry                        ? 
_pdbx_database_status.status_code_cs                  ? 
_pdbx_database_status.methods_development_category    ? 
_pdbx_database_status.pdb_format_compatible           Y 
_pdbx_database_status.status_code_nmr_data            ? 
# 
loop_
_audit_author.name 
_audit_author.pdbx_ordinal 
'Eichhorn, T.'      1 
'Winter, D.'        2 
'Dirdjaja, N.'      3 
'Frank, M.'         4 
'Krauth-Siegel, L.' 5 
'Granzin, J.'       6 
'Efferth, T.'       7 
# 
_citation.id                        primary 
_citation.title                     
'Molecular interaction of artemisinin with translationally controlled tumor protein (TCTP) of Plasmodium falciparum.' 
_citation.journal_abbrev            'Biochem Pharmacol' 
_citation.journal_volume            85 
_citation.page_first                38 
_citation.page_last                 45 
_citation.year                      2013 
_citation.journal_id_ASTM           ? 
_citation.country                   ? 
_citation.journal_id_ISSN           ? 
_citation.journal_id_CSD            0353 
_citation.book_publisher            ? 
_citation.pdbx_database_id_PubMed   23085438 
_citation.pdbx_database_id_DOI      10.1016/j.bcp.2012.10.006 
# 
loop_
_citation_author.citation_id 
_citation_author.name 
_citation_author.ordinal 
_citation_author.identifier_ORCID 
primary 'Eichhorn, T.'        1  ? 
primary 'Winter, D.'          2  ? 
primary 'Buchele, B.'         3  ? 
primary 'Dirdjaja, N.'        4  ? 
primary 'Frank, M.'           5  ? 
primary 'Lehmann, W.D.'       6  ? 
primary 'Mertens, R.'         7  ? 
primary 'Krauth-Siegel, R.L.' 8  ? 
primary 'Simmet, T.'          9  ? 
primary 'Granzin, J.'         10 ? 
primary 'Efferth, T.'         11 ? 
# 
_cell.entry_id           3P3K 
_cell.length_a           61.858 
_cell.length_b           61.858 
_cell.length_c           111.684 
_cell.angle_alpha        90.00 
_cell.angle_beta         90.00 
_cell.angle_gamma        90.00 
_cell.Z_PDB              8 
_cell.pdbx_unique_axis   ? 
_cell.length_a_esd       ? 
_cell.length_b_esd       ? 
_cell.length_c_esd       ? 
_cell.angle_alpha_esd    ? 
_cell.angle_beta_esd     ? 
_cell.angle_gamma_esd    ? 
# 
_symmetry.entry_id                         3P3K 
_symmetry.space_group_name_H-M             'P 43 21 2' 
_symmetry.pdbx_full_space_group_name_H-M   ? 
_symmetry.cell_setting                     ? 
_symmetry.Int_Tables_number                96 
_symmetry.space_group_name_Hall            ? 
# 
loop_
_entity.id 
_entity.type 
_entity.src_method 
_entity.pdbx_description 
_entity.formula_weight 
_entity.pdbx_number_of_molecules 
_entity.pdbx_ec 
_entity.pdbx_mutation 
_entity.pdbx_fragment 
_entity.details 
1 polymer man 'Translationally-controlled tumor protein homolog' 21638.193 1  ? ? ? ? 
2 water   nat water                                              18.015    66 ? ? ? ? 
# 
_entity_name_com.entity_id   1 
_entity_name_com.name        TCTP 
# 
_entity_poly.entity_id                      1 
_entity_poly.type                           'polypeptide(L)' 
_entity_poly.nstd_linkage                   no 
_entity_poly.nstd_monomer                   no 
_entity_poly.pdbx_seq_one_letter_code       
;MEFRMKVFKDVFTNDEVCSDSYVQQDPFEVPEFREIAFEVKSNKRIKGNEDYGIADNSEDAVEGMGADVEHVIDIVDSFQ
LTSTAFSKKEYSAYIKNYMQKVAKYLEEKKPDRVEIFKTKAQPFIKHILTNFDDFEFYMGESLDMEAGIIYSYYKGEEIT
PRFVYISDGLFEEKYLEHHHHHH
;
_entity_poly.pdbx_seq_one_letter_code_can   
;MEFRMKVFKDVFTNDEVCSDSYVQQDPFEVPEFREIAFEVKSNKRIKGNEDYGIADNSEDAVEGMGADVEHVIDIVDSFQ
LTSTAFSKKEYSAYIKNYMQKVAKYLEEKKPDRVEIFKTKAQPFIKHILTNFDDFEFYMGESLDMEAGIIYSYYKGEEIT
PRFVYISDGLFEEKYLEHHHHHH
;
_entity_poly.pdbx_strand_id                 A 
_entity_poly.pdbx_target_identifier         ? 
# 
loop_
_entity_poly_seq.entity_id 
_entity_poly_seq.num 
_entity_poly_seq.mon_id 
_entity_poly_seq.hetero 
1 1   MET n 
1 2   GLU n 
1 3   PHE n 
1 4   ARG n 
1 5   MET n 
1 6   LYS n 
1 7   VAL n 
1 8   PHE n 
1 9   LYS n 
1 10  ASP n 
1 11  VAL n 
1 12  PHE n 
1 13  THR n 
1 14  ASN n 
1 15  ASP n 
1 16  GLU n 
1 17  VAL n 
1 18  CYS n 
1 19  SER n 
1 20  ASP n 
1 21  SER n 
1 22  TYR n 
1 23  VAL n 
1 24  GLN n 
1 25  GLN n 
1 26  ASP n 
1 27  PRO n 
1 28  PHE n 
1 29  GLU n 
1 30  VAL n 
1 31  PRO n 
1 32  GLU n 
1 33  PHE n 
1 34  ARG n 
1 35  GLU n 
1 36  ILE n 
1 37  ALA n 
1 38  PHE n 
1 39  GLU n 
1 40  VAL n 
1 41  LYS n 
1 42  SER n 
1 43  ASN n 
1 44  LYS n 
1 45  ARG n 
1 46  ILE n 
1 47  LYS n 
1 48  GLY n 
1 49  ASN n 
1 50  GLU n 
1 51  ASP n 
1 52  TYR n 
1 53  GLY n 
1 54  ILE n 
1 55  ALA n 
1 56  ASP n 
1 57  ASN n 
1 58  SER n 
1 59  GLU n 
1 60  ASP n 
1 61  ALA n 
1 62  VAL n 
1 63  GLU n 
1 64  GLY n 
1 65  MET n 
1 66  GLY n 
1 67  ALA n 
1 68  ASP n 
1 69  VAL n 
1 70  GLU n 
1 71  HIS n 
1 72  VAL n 
1 73  ILE n 
1 74  ASP n 
1 75  ILE n 
1 76  VAL n 
1 77  ASP n 
1 78  SER n 
1 79  PHE n 
1 80  GLN n 
1 81  LEU n 
1 82  THR n 
1 83  SER n 
1 84  THR n 
1 85  ALA n 
1 86  PHE n 
1 87  SER n 
1 88  LYS n 
1 89  LYS n 
1 90  GLU n 
1 91  TYR n 
1 92  SER n 
1 93  ALA n 
1 94  TYR n 
1 95  ILE n 
1 96  LYS n 
1 97  ASN n 
1 98  TYR n 
1 99  MET n 
1 100 GLN n 
1 101 LYS n 
1 102 VAL n 
1 103 ALA n 
1 104 LYS n 
1 105 TYR n 
1 106 LEU n 
1 107 GLU n 
1 108 GLU n 
1 109 LYS n 
1 110 LYS n 
1 111 PRO n 
1 112 ASP n 
1 113 ARG n 
1 114 VAL n 
1 115 GLU n 
1 116 ILE n 
1 117 PHE n 
1 118 LYS n 
1 119 THR n 
1 120 LYS n 
1 121 ALA n 
1 122 GLN n 
1 123 PRO n 
1 124 PHE n 
1 125 ILE n 
1 126 LYS n 
1 127 HIS n 
1 128 ILE n 
1 129 LEU n 
1 130 THR n 
1 131 ASN n 
1 132 PHE n 
1 133 ASP n 
1 134 ASP n 
1 135 PHE n 
1 136 GLU n 
1 137 PHE n 
1 138 TYR n 
1 139 MET n 
1 140 GLY n 
1 141 GLU n 
1 142 SER n 
1 143 LEU n 
1 144 ASP n 
1 145 MET n 
1 146 GLU n 
1 147 ALA n 
1 148 GLY n 
1 149 ILE n 
1 150 ILE n 
1 151 TYR n 
1 152 SER n 
1 153 TYR n 
1 154 TYR n 
1 155 LYS n 
1 156 GLY n 
1 157 GLU n 
1 158 GLU n 
1 159 ILE n 
1 160 THR n 
1 161 PRO n 
1 162 ARG n 
1 163 PHE n 
1 164 VAL n 
1 165 TYR n 
1 166 ILE n 
1 167 SER n 
1 168 ASP n 
1 169 GLY n 
1 170 LEU n 
1 171 PHE n 
1 172 GLU n 
1 173 GLU n 
1 174 LYS n 
1 175 TYR n 
1 176 LEU n 
1 177 GLU n 
1 178 HIS n 
1 179 HIS n 
1 180 HIS n 
1 181 HIS n 
1 182 HIS n 
1 183 HIS n 
# 
_entity_src_gen.entity_id                          1 
_entity_src_gen.pdbx_src_id                        1 
_entity_src_gen.pdbx_alt_source_flag               sample 
_entity_src_gen.pdbx_seq_type                      ? 
_entity_src_gen.pdbx_beg_seq_num                   ? 
_entity_src_gen.pdbx_end_seq_num                   ? 
_entity_src_gen.gene_src_common_name               ? 
_entity_src_gen.gene_src_genus                     ? 
_entity_src_gen.pdbx_gene_src_gene                 'TCTP, PFE0545c' 
_entity_src_gen.gene_src_species                   ? 
_entity_src_gen.gene_src_strain                    3D7 
_entity_src_gen.gene_src_tissue                    ? 
_entity_src_gen.gene_src_tissue_fraction           ? 
_entity_src_gen.gene_src_details                   ? 
_entity_src_gen.pdbx_gene_src_fragment             ? 
_entity_src_gen.pdbx_gene_src_scientific_name      'Plasmodium falciparum' 
_entity_src_gen.pdbx_gene_src_ncbi_taxonomy_id     36329 
_entity_src_gen.pdbx_gene_src_variant              ? 
_entity_src_gen.pdbx_gene_src_cell_line            ? 
_entity_src_gen.pdbx_gene_src_atcc                 ? 
_entity_src_gen.pdbx_gene_src_organ                ? 
_entity_src_gen.pdbx_gene_src_organelle            ? 
_entity_src_gen.pdbx_gene_src_cell                 ? 
_entity_src_gen.pdbx_gene_src_cellular_location    ? 
_entity_src_gen.host_org_common_name               ? 
_entity_src_gen.pdbx_host_org_scientific_name      'Escherichia coli' 
_entity_src_gen.pdbx_host_org_ncbi_taxonomy_id     562 
_entity_src_gen.host_org_genus                     ? 
_entity_src_gen.pdbx_host_org_gene                 ? 
_entity_src_gen.pdbx_host_org_organ                ? 
_entity_src_gen.host_org_species                   ? 
_entity_src_gen.pdbx_host_org_tissue               ? 
_entity_src_gen.pdbx_host_org_tissue_fraction      ? 
_entity_src_gen.pdbx_host_org_strain               ? 
_entity_src_gen.pdbx_host_org_variant              ? 
_entity_src_gen.pdbx_host_org_cell_line            ? 
_entity_src_gen.pdbx_host_org_atcc                 ? 
_entity_src_gen.pdbx_host_org_culture_collection   ? 
_entity_src_gen.pdbx_host_org_cell                 ? 
_entity_src_gen.pdbx_host_org_organelle            ? 
_entity_src_gen.pdbx_host_org_cellular_location    ? 
_entity_src_gen.pdbx_host_org_vector_type          ? 
_entity_src_gen.pdbx_host_org_vector               ? 
_entity_src_gen.host_org_details                   ? 
_entity_src_gen.expression_system_id               ? 
_entity_src_gen.plasmid_name                       ? 
_entity_src_gen.plasmid_details                    ? 
_entity_src_gen.pdbx_description                   ? 
# 
_struct_ref.id                         1 
_struct_ref.db_name                    UNP 
_struct_ref.db_code                    TCTP_PLAF7 
_struct_ref.pdbx_db_accession          Q8I3Z5 
_struct_ref.entity_id                  1 
_struct_ref.pdbx_seq_one_letter_code   
;MKVFKDVFTNDEVCSDSYVQQDPFEVPEFREIAFEVKSNKRIKGNEDYGIADNSEDAVEGMGADVEHVIDIVDSFQLTST
AFSKKEYSAYIKNYMQKVAKYLEEKKPDRVEIFKTKAQPFIKHILTNFDDFEFYMGESLDMEAGIIYSYYKGEEITPRFV
YISDGLFEEKY
;
_struct_ref.pdbx_align_begin           1 
_struct_ref.pdbx_db_isoform            ? 
# 
_struct_ref_seq.align_id                      1 
_struct_ref_seq.ref_id                        1 
_struct_ref_seq.pdbx_PDB_id_code              3P3K 
_struct_ref_seq.pdbx_strand_id                A 
_struct_ref_seq.seq_align_beg                 5 
_struct_ref_seq.pdbx_seq_align_beg_ins_code   ? 
_struct_ref_seq.seq_align_end                 175 
_struct_ref_seq.pdbx_seq_align_end_ins_code   ? 
_struct_ref_seq.pdbx_db_accession             Q8I3Z5 
_struct_ref_seq.db_align_beg                  1 
_struct_ref_seq.pdbx_db_align_beg_ins_code    ? 
_struct_ref_seq.db_align_end                  171 
_struct_ref_seq.pdbx_db_align_end_ins_code    ? 
_struct_ref_seq.pdbx_auth_seq_align_beg       5 
_struct_ref_seq.pdbx_auth_seq_align_end       175 
# 
loop_
_struct_ref_seq_dif.align_id 
_struct_ref_seq_dif.pdbx_pdb_id_code 
_struct_ref_seq_dif.mon_id 
_struct_ref_seq_dif.pdbx_pdb_strand_id 
_struct_ref_seq_dif.seq_num 
_struct_ref_seq_dif.pdbx_pdb_ins_code 
_struct_ref_seq_dif.pdbx_seq_db_name 
_struct_ref_seq_dif.pdbx_seq_db_accession_code 
_struct_ref_seq_dif.db_mon_id 
_struct_ref_seq_dif.pdbx_seq_db_seq_num 
_struct_ref_seq_dif.details 
_struct_ref_seq_dif.pdbx_auth_seq_num 
_struct_ref_seq_dif.pdbx_ordinal 
1 3P3K MET A 1   ? UNP Q8I3Z5 ? ? 'expression tag' 1   1  
1 3P3K GLU A 2   ? UNP Q8I3Z5 ? ? 'expression tag' 2   2  
1 3P3K PHE A 3   ? UNP Q8I3Z5 ? ? 'expression tag' 3   3  
1 3P3K ARG A 4   ? UNP Q8I3Z5 ? ? 'expression tag' 4   4  
1 3P3K LEU A 176 ? UNP Q8I3Z5 ? ? 'expression tag' 176 5  
1 3P3K GLU A 177 ? UNP Q8I3Z5 ? ? 'expression tag' 177 6  
1 3P3K HIS A 178 ? UNP Q8I3Z5 ? ? 'expression tag' 178 7  
1 3P3K HIS A 179 ? UNP Q8I3Z5 ? ? 'expression tag' 179 8  
1 3P3K HIS A 180 ? UNP Q8I3Z5 ? ? 'expression tag' 180 9  
1 3P3K HIS A 181 ? UNP Q8I3Z5 ? ? 'expression tag' 181 10 
1 3P3K HIS A 182 ? UNP Q8I3Z5 ? ? 'expression tag' 182 11 
1 3P3K HIS A 183 ? UNP Q8I3Z5 ? ? 'expression tag' 183 12 
# 
loop_
_chem_comp.id 
_chem_comp.type 
_chem_comp.mon_nstd_flag 
_chem_comp.name 
_chem_comp.pdbx_synonyms 
_chem_comp.formula 
_chem_comp.formula_weight 
ALA 'L-peptide linking' y ALANINE         ? 'C3 H7 N O2'     89.093  
ARG 'L-peptide linking' y ARGININE        ? 'C6 H15 N4 O2 1' 175.209 
ASN 'L-peptide linking' y ASPARAGINE      ? 'C4 H8 N2 O3'    132.118 
ASP 'L-peptide linking' y 'ASPARTIC ACID' ? 'C4 H7 N O4'     133.103 
CYS 'L-peptide linking' y CYSTEINE        ? 'C3 H7 N O2 S'   121.158 
GLN 'L-peptide linking' y GLUTAMINE       ? 'C5 H10 N2 O3'   146.144 
GLU 'L-peptide linking' y 'GLUTAMIC ACID' ? 'C5 H9 N O4'     147.129 
GLY 'peptide linking'   y GLYCINE         ? 'C2 H5 N O2'     75.067  
HIS 'L-peptide linking' y HISTIDINE       ? 'C6 H10 N3 O2 1' 156.162 
HOH non-polymer         . WATER           ? 'H2 O'           18.015  
ILE 'L-peptide linking' y ISOLEUCINE      ? 'C6 H13 N O2'    131.173 
LEU 'L-peptide linking' y LEUCINE         ? 'C6 H13 N O2'    131.173 
LYS 'L-peptide linking' y LYSINE          ? 'C6 H15 N2 O2 1' 147.195 
MET 'L-peptide linking' y METHIONINE      ? 'C5 H11 N O2 S'  149.211 
PHE 'L-peptide linking' y PHENYLALANINE   ? 'C9 H11 N O2'    165.189 
PRO 'L-peptide linking' y PROLINE         ? 'C5 H9 N O2'     115.130 
SER 'L-peptide linking' y SERINE          ? 'C3 H7 N O3'     105.093 
THR 'L-peptide linking' y THREONINE       ? 'C4 H9 N O3'     119.119 
TYR 'L-peptide linking' y TYROSINE        ? 'C9 H11 N O3'    181.189 
VAL 'L-peptide linking' y VALINE          ? 'C5 H11 N O2'    117.146 
# 
_exptl.entry_id          3P3K 
_exptl.method            'X-RAY DIFFRACTION' 
_exptl.crystals_number   1 
# 
_exptl_crystal.id                    1 
_exptl_crystal.density_meas          ? 
_exptl_crystal.density_Matthews      2.47 
_exptl_crystal.density_percent_sol   50.18 
_exptl_crystal.description           ? 
_exptl_crystal.F_000                 ? 
_exptl_crystal.preparation           ? 
# 
_exptl_crystal_grow.crystal_id      1 
_exptl_crystal_grow.method          'VAPOR DIFFUSION, HANGING DROP' 
_exptl_crystal_grow.temp            277.15 
_exptl_crystal_grow.temp_details    ? 
_exptl_crystal_grow.pH              7.0 
_exptl_crystal_grow.pdbx_details    
;21.5 % PEG 4000, 1,6-hexanediol, 50 mM bis-tris methane, 50mM magnesium acetate, pH 7.0, VAPOR DIFFUSION, HANGING DROP, temperature 277.15K
;
_exptl_crystal_grow.pdbx_pH_range   ? 
# 
_diffrn.id                     1 
_diffrn.ambient_temp           100 
_diffrn.ambient_temp_details   ? 
_diffrn.crystal_id             1 
# 
_diffrn_detector.diffrn_id              1 
_diffrn_detector.detector               'IMAGE PLATE' 
_diffrn_detector.type                   'MAR scanner 300 mm plate' 
_diffrn_detector.pdbx_collection_date   2009-03-05 
_diffrn_detector.details                'Graphite Monochromator' 
# 
_diffrn_radiation.diffrn_id                        1 
_diffrn_radiation.wavelength_id                    1 
_diffrn_radiation.pdbx_monochromatic_or_laue_m_l   M 
_diffrn_radiation.monochromator                    'Graphite Monochromator' 
_diffrn_radiation.pdbx_diffrn_protocol             'SINGLE WAVELENGTH' 
_diffrn_radiation.pdbx_scattering_type             x-ray 
# 
_diffrn_radiation_wavelength.id           1 
_diffrn_radiation_wavelength.wavelength   1.5418 
_diffrn_radiation_wavelength.wt           1.0 
# 
_diffrn_source.diffrn_id                   1 
_diffrn_source.source                      'ROTATING ANODE' 
_diffrn_source.type                        'ENRAF-NONIUS FR591' 
_diffrn_source.pdbx_synchrotron_site       ? 
_diffrn_source.pdbx_synchrotron_beamline   ? 
_diffrn_source.pdbx_wavelength             ? 
_diffrn_source.pdbx_wavelength_list        1.5418 
# 
_reflns.entry_id                     3P3K 
_reflns.observed_criterion_sigma_I   1.0 
_reflns.observed_criterion_sigma_F   1.0 
_reflns.d_resolution_low             29.8 
_reflns.d_resolution_high            2.55 
_reflns.number_obs                   7436 
_reflns.number_all                   ? 
_reflns.percent_possible_obs         99.0 
_reflns.pdbx_Rmerge_I_obs            0.056 
_reflns.pdbx_Rsym_value              ? 
_reflns.pdbx_netI_over_sigmaI        ? 
_reflns.B_iso_Wilson_estimate        50.1 
_reflns.pdbx_redundancy              4.9 
_reflns.R_free_details               ? 
_reflns.limit_h_max                  ? 
_reflns.limit_h_min                  ? 
_reflns.limit_k_max                  ? 
_reflns.limit_k_min                  ? 
_reflns.limit_l_max                  ? 
_reflns.limit_l_min                  ? 
_reflns.observed_criterion_F_max     ? 
_reflns.observed_criterion_F_min     ? 
_reflns.pdbx_chi_squared             ? 
_reflns.pdbx_scaling_rejects         ? 
_reflns.pdbx_ordinal                 1 
_reflns.pdbx_diffrn_id               1 
# 
_reflns_shell.d_res_high             2.55 
_reflns_shell.d_res_low              2.59 
_reflns_shell.percent_possible_all   98.2 
_reflns_shell.Rmerge_I_obs           0.182 
_reflns_shell.pdbx_Rsym_value        ? 
_reflns_shell.meanI_over_sigI_obs    7.6 
_reflns_shell.pdbx_redundancy        5.1 
_reflns_shell.percent_possible_obs   ? 
_reflns_shell.number_unique_all      ? 
_reflns_shell.number_measured_all    ? 
_reflns_shell.number_measured_obs    ? 
_reflns_shell.number_unique_obs      ? 
_reflns_shell.pdbx_chi_squared       ? 
_reflns_shell.pdbx_ordinal           1 
_reflns_shell.pdbx_diffrn_id         1 
# 
_refine.entry_id                                 3P3K 
_refine.ls_number_reflns_obs                     7436 
_refine.ls_number_reflns_all                     7455 
_refine.pdbx_ls_sigma_I                          ? 
_refine.pdbx_ls_sigma_F                          1.34 
_refine.pdbx_data_cutoff_high_absF               ? 
_refine.pdbx_data_cutoff_low_absF                ? 
_refine.pdbx_data_cutoff_high_rms_absF           ? 
_refine.ls_d_res_low                             29.8 
_refine.ls_d_res_high                            2.551 
_refine.ls_percent_reflns_obs                    98.53 
_refine.ls_R_factor_obs                          0.2169 
_refine.ls_R_factor_all                          ? 
_refine.ls_R_factor_R_work                       0.2157 
_refine.ls_R_factor_R_free                       0.2402 
_refine.ls_R_factor_R_free_error                 ? 
_refine.ls_R_factor_R_free_error_details         ? 
_refine.ls_percent_reflns_R_free                 4.60 
_refine.ls_number_reflns_R_free                  342 
_refine.ls_number_parameters                     ? 
_refine.ls_number_restraints                     ? 
_refine.occupancy_min                            ? 
_refine.occupancy_max                            ? 
_refine.correlation_coeff_Fo_to_Fc               ? 
_refine.correlation_coeff_Fo_to_Fc_free          ? 
_refine.B_iso_mean                               32.0 
_refine.aniso_B[1][1]                            -3.2733 
_refine.aniso_B[2][2]                            -3.2733 
_refine.aniso_B[3][3]                            6.5465 
_refine.aniso_B[1][2]                            -0.0000 
_refine.aniso_B[1][3]                            0.0000 
_refine.aniso_B[2][3]                            0.0000 
_refine.solvent_model_details                    'FLAT BULK SOLVENT MODEL' 
_refine.solvent_model_param_ksol                 0.347 
_refine.solvent_model_param_bsol                 23.140 
_refine.pdbx_solvent_vdw_probe_radii             1.20 
_refine.pdbx_solvent_ion_probe_radii             ? 
_refine.pdbx_solvent_shrinkage_radii             0.95 
_refine.pdbx_ls_cross_valid_method               THROUGHOUT 
_refine.details                                  ? 
_refine.pdbx_starting_model                      'PDB ENTRY 1TXJ' 
_refine.pdbx_method_to_determine_struct          'MOLECULAR REPLACEMENT' 
_refine.pdbx_isotropic_thermal_model             Isotropic 
_refine.pdbx_stereochemistry_target_values       ML 
_refine.pdbx_stereochem_target_val_spec_case     ? 
_refine.pdbx_R_Free_selection_details            RANDOM 
_refine.pdbx_overall_ESU_R_Free                  ? 
_refine.overall_SU_ML                            0.40 
_refine.overall_SU_B                             ? 
_refine.overall_SU_R_Cruickshank_DPI             ? 
_refine.ls_redundancy_reflns_obs                 ? 
_refine.B_iso_min                                ? 
_refine.B_iso_max                                ? 
_refine.overall_SU_R_free                        ? 
_refine.ls_wR_factor_R_free                      ? 
_refine.ls_wR_factor_R_work                      ? 
_refine.overall_FOM_free_R_set                   ? 
_refine.overall_FOM_work_R_set                   ? 
_refine.pdbx_overall_phase_error                 ? 
_refine.pdbx_refine_id                           'X-RAY DIFFRACTION' 
_refine.pdbx_diffrn_id                           1 
_refine.pdbx_overall_ESU_R                       ? 
_refine.pdbx_TLS_residual_ADP_flag               ? 
_refine.pdbx_overall_SU_R_free_Cruickshank_DPI   ? 
_refine.pdbx_overall_SU_R_Blow_DPI               ? 
_refine.pdbx_overall_SU_R_free_Blow_DPI          ? 
# 
_refine_hist.pdbx_refine_id                   'X-RAY DIFFRACTION' 
_refine_hist.cycle_id                         LAST 
_refine_hist.pdbx_number_atoms_protein        1352 
_refine_hist.pdbx_number_atoms_nucleic_acid   0 
_refine_hist.pdbx_number_atoms_ligand         0 
_refine_hist.number_atoms_solvent             66 
_refine_hist.number_atoms_total               1418 
_refine_hist.d_res_high                       2.551 
_refine_hist.d_res_low                        29.8 
# 
loop_
_refine_ls_restr.type 
_refine_ls_restr.dev_ideal 
_refine_ls_restr.dev_ideal_target 
_refine_ls_restr.weight 
_refine_ls_restr.number 
_refine_ls_restr.pdbx_refine_id 
_refine_ls_restr.pdbx_restraint_function 
f_bond_d           0.002  ? ? 1388 'X-RAY DIFFRACTION' ? 
f_angle_d          0.589  ? ? 1863 'X-RAY DIFFRACTION' ? 
f_dihedral_angle_d 12.603 ? ? 520  'X-RAY DIFFRACTION' ? 
f_chiral_restr     0.046  ? ? 190  'X-RAY DIFFRACTION' ? 
f_plane_restr      0.001  ? ? 238  'X-RAY DIFFRACTION' ? 
# 
loop_
_refine_ls_shell.pdbx_total_number_of_bins_used 
_refine_ls_shell.d_res_high 
_refine_ls_shell.d_res_low 
_refine_ls_shell.number_reflns_R_work 
_refine_ls_shell.R_factor_R_work 
_refine_ls_shell.percent_reflns_obs 
_refine_ls_shell.R_factor_R_free 
_refine_ls_shell.R_factor_R_free_error 
_refine_ls_shell.percent_reflns_R_free 
_refine_ls_shell.number_reflns_R_free 
_refine_ls_shell.number_reflns_all 
_refine_ls_shell.R_factor_all 
_refine_ls_shell.number_reflns_obs 
_refine_ls_shell.redundancy_reflns_obs 
_refine_ls_shell.pdbx_refine_id 
. 2.5506 3.2129  3450 . 98.00 . . . 159 . . 3450 . 'X-RAY DIFFRACTION' 
. 3.2129 29.8090 3644 . 99.00 . . . 183 . . 3644 . 'X-RAY DIFFRACTION' 
# 
_struct.entry_id                  3P3K 
_struct.title                     
'The crystal structure of translationally controlled tumor protein (TCTP) of Plasmodium falciparum' 
_struct.pdbx_model_details        ? 
_struct.pdbx_CASP_flag            N 
_struct.pdbx_model_type_details   ? 
# 
_struct_keywords.entry_id        3P3K 
_struct_keywords.pdbx_keywords   'METAL BINDING PROTEIN' 
_struct_keywords.text            'Mainly Beta, METAL BINDING PROTEIN' 
# 
loop_
_struct_asym.id 
_struct_asym.pdbx_blank_PDB_chainid_flag 
_struct_asym.pdbx_modified 
_struct_asym.entity_id 
_struct_asym.details 
A N N 1 ? 
B N N 2 ? 
# 
_struct_biol.id        1 
_struct_biol.details   ? 
# 
loop_
_struct_conf.conf_type_id 
_struct_conf.id 
_struct_conf.pdbx_PDB_helix_id 
_struct_conf.beg_label_comp_id 
_struct_conf.beg_label_asym_id 
_struct_conf.beg_label_seq_id 
_struct_conf.pdbx_beg_PDB_ins_code 
_struct_conf.end_label_comp_id 
_struct_conf.end_label_asym_id 
_struct_conf.end_label_seq_id 
_struct_conf.pdbx_end_PDB_ins_code 
_struct_conf.beg_auth_comp_id 
_struct_conf.beg_auth_asym_id 
_struct_conf.beg_auth_seq_id 
_struct_conf.end_auth_comp_id 
_struct_conf.end_auth_asym_id 
_struct_conf.end_auth_seq_id 
_struct_conf.pdbx_PDB_helix_class 
_struct_conf.details 
_struct_conf.pdbx_PDB_helix_length 
HELX_P HELX_P1 1 ASP A 26  ? GLU A 35  ? ASP A 26  GLU A 35  5 ? 10 
HELX_P HELX_P2 2 ASP A 74  ? PHE A 79  ? ASP A 74  PHE A 79  1 ? 6  
HELX_P HELX_P3 3 SER A 87  ? LYS A 110 ? SER A 87  LYS A 110 1 ? 24 
HELX_P HELX_P4 4 ARG A 113 ? ASN A 131 ? ARG A 113 ASN A 131 1 ? 19 
HELX_P HELX_P5 5 PHE A 132 ? PHE A 135 ? PHE A 132 PHE A 135 5 ? 4  
# 
_struct_conf_type.id          HELX_P 
_struct_conf_type.criteria    ? 
_struct_conf_type.reference   ? 
# 
loop_
_struct_sheet.id 
_struct_sheet.type 
_struct_sheet.number_strands 
_struct_sheet.details 
A ? 3 ? 
B ? 5 ? 
C ? 2 ? 
# 
loop_
_struct_sheet_order.sheet_id 
_struct_sheet_order.range_id_1 
_struct_sheet_order.range_id_2 
_struct_sheet_order.offset 
_struct_sheet_order.sense 
A 1 2 ? anti-parallel 
A 2 3 ? anti-parallel 
B 1 2 ? anti-parallel 
B 2 3 ? anti-parallel 
B 3 4 ? anti-parallel 
B 4 5 ? anti-parallel 
C 1 2 ? anti-parallel 
# 
loop_
_struct_sheet_range.sheet_id 
_struct_sheet_range.id 
_struct_sheet_range.beg_label_comp_id 
_struct_sheet_range.beg_label_asym_id 
_struct_sheet_range.beg_label_seq_id 
_struct_sheet_range.pdbx_beg_PDB_ins_code 
_struct_sheet_range.end_label_comp_id 
_struct_sheet_range.end_label_asym_id 
_struct_sheet_range.end_label_seq_id 
_struct_sheet_range.pdbx_end_PDB_ins_code 
_struct_sheet_range.beg_auth_comp_id 
_struct_sheet_range.beg_auth_asym_id 
_struct_sheet_range.beg_auth_seq_id 
_struct_sheet_range.end_auth_comp_id 
_struct_sheet_range.end_auth_asym_id 
_struct_sheet_range.end_auth_seq_id 
A 1 GLU A 16  ? SER A 19  ? GLU A 16  SER A 19  
A 2 PHE A 3   ? ASP A 10  ? PHE A 3   ASP A 10  
A 3 LEU A 170 ? GLU A 177 ? LEU A 170 GLU A 177 
B 1 ALA A 37  ? LYS A 41  ? ALA A 37  LYS A 41  
B 2 ARG A 162 ? ILE A 166 ? ARG A 162 ILE A 166 
B 3 ILE A 150 ? TYR A 153 ? ILE A 150 TYR A 153 
B 4 GLU A 136 ? MET A 139 ? GLU A 136 MET A 139 
B 5 THR A 82  ? THR A 84  ? THR A 82  THR A 84  
C 1 LYS A 44  ? ARG A 45  ? LYS A 44  ARG A 45  
C 2 VAL A 72  ? ILE A 73  ? VAL A 72  ILE A 73  
# 
loop_
_pdbx_struct_sheet_hbond.sheet_id 
_pdbx_struct_sheet_hbond.range_id_1 
_pdbx_struct_sheet_hbond.range_id_2 
_pdbx_struct_sheet_hbond.range_1_label_atom_id 
_pdbx_struct_sheet_hbond.range_1_label_comp_id 
_pdbx_struct_sheet_hbond.range_1_label_asym_id 
_pdbx_struct_sheet_hbond.range_1_label_seq_id 
_pdbx_struct_sheet_hbond.range_1_PDB_ins_code 
_pdbx_struct_sheet_hbond.range_1_auth_atom_id 
_pdbx_struct_sheet_hbond.range_1_auth_comp_id 
_pdbx_struct_sheet_hbond.range_1_auth_asym_id 
_pdbx_struct_sheet_hbond.range_1_auth_seq_id 
_pdbx_struct_sheet_hbond.range_2_label_atom_id 
_pdbx_struct_sheet_hbond.range_2_label_comp_id 
_pdbx_struct_sheet_hbond.range_2_label_asym_id 
_pdbx_struct_sheet_hbond.range_2_label_seq_id 
_pdbx_struct_sheet_hbond.range_2_PDB_ins_code 
_pdbx_struct_sheet_hbond.range_2_auth_atom_id 
_pdbx_struct_sheet_hbond.range_2_auth_comp_id 
_pdbx_struct_sheet_hbond.range_2_auth_asym_id 
_pdbx_struct_sheet_hbond.range_2_auth_seq_id 
A 1 2 O VAL A 17  ? O VAL A 17  N PHE A 8   ? N PHE A 8   
A 2 3 N PHE A 3   ? N PHE A 3   O GLU A 177 ? O GLU A 177 
B 1 2 N PHE A 38  ? N PHE A 38  O TYR A 165 ? O TYR A 165 
B 2 3 O VAL A 164 ? O VAL A 164 N TYR A 151 ? N TYR A 151 
B 3 4 O SER A 152 ? O SER A 152 N GLU A 136 ? N GLU A 136 
B 4 5 O PHE A 137 ? O PHE A 137 N THR A 84  ? N THR A 84  
C 1 2 N ARG A 45  ? N ARG A 45  O VAL A 72  ? O VAL A 72  
# 
_atom_sites.entry_id                    3P3K 
_atom_sites.fract_transf_matrix[1][1]   0.00163726 
_atom_sites.fract_transf_matrix[1][2]   0.01513434 
_atom_sites.fract_transf_matrix[1][3]   -0.00544158 
_atom_sites.fract_transf_matrix[2][1]   0.01607340 
_atom_sites.fract_transf_matrix[2][2]   -0.00172756 
_atom_sites.fract_transf_matrix[2][3]   0.00003138 
_atom_sites.fract_transf_matrix[3][1]   -0.00030581 
_atom_sites.fract_transf_matrix[3][2]   -0.00299847 
_atom_sites.fract_transf_matrix[3][3]   -0.00843148 
_atom_sites.fract_transf_vector[1]      0.167960 
_atom_sites.fract_transf_vector[2]      -0.259367 
_atom_sites.fract_transf_vector[3]      0.049093 
# 
loop_
_atom_type.symbol 
C 
N 
O 
S 
# 
loop_
_atom_site.group_PDB 
_atom_site.id 
_atom_site.type_symbol 
_atom_site.label_atom_id 
_atom_site.label_alt_id 
_atom_site.label_comp_id 
_atom_site.label_asym_id 
_atom_site.label_entity_id 
_atom_site.label_seq_id 
_atom_site.pdbx_PDB_ins_code 
_atom_site.Cartn_x 
_atom_site.Cartn_y 
_atom_site.Cartn_z 
_atom_site.occupancy 
_atom_site.B_iso_or_equiv 
_atom_site.pdbx_formal_charge 
_atom_site.auth_seq_id 
_atom_site.auth_comp_id 
_atom_site.auth_asym_id 
_atom_site.auth_atom_id 
_atom_site.pdbx_PDB_model_num 
ATOM   1    N N   . MET A 1 1   ? 15.841  -27.924 -0.936  1.00 26.95 ? 1   MET A N   1 
ATOM   2    C CA  . MET A 1 1   ? 14.740  -27.236 -1.597  1.00 27.05 ? 1   MET A CA  1 
ATOM   3    C C   . MET A 1 1   ? 14.840  -25.735 -1.351  1.00 25.13 ? 1   MET A C   1 
ATOM   4    O O   . MET A 1 1   ? 15.057  -25.298 -0.222  1.00 27.59 ? 1   MET A O   1 
ATOM   5    C CB  . MET A 1 1   ? 13.397  -27.777 -1.098  1.00 22.42 ? 1   MET A CB  1 
ATOM   6    C CG  . MET A 1 1   ? 12.196  -27.337 -1.923  1.00 31.24 ? 1   MET A CG  1 
ATOM   7    S SD  . MET A 1 1   ? 10.763  -28.405 -1.689  1.00 30.17 ? 1   MET A SD  1 
ATOM   8    C CE  . MET A 1 1   ? 10.358  -28.069 0.026   1.00 32.47 ? 1   MET A CE  1 
ATOM   9    N N   . GLU A 1 2   ? 14.690  -24.950 -2.413  1.00 24.40 ? 2   GLU A N   1 
ATOM   10   C CA  . GLU A 1 2   ? 14.796  -23.500 -2.299  1.00 28.65 ? 2   GLU A CA  1 
ATOM   11   C C   . GLU A 1 2   ? 13.458  -22.786 -2.472  1.00 28.82 ? 2   GLU A C   1 
ATOM   12   O O   . GLU A 1 2   ? 12.640  -23.162 -3.312  1.00 28.42 ? 2   GLU A O   1 
ATOM   13   C CB  . GLU A 1 2   ? 15.842  -22.949 -3.270  1.00 29.95 ? 2   GLU A CB  1 
ATOM   14   C CG  . GLU A 1 2   ? 15.878  -23.631 -4.628  1.00 32.71 ? 2   GLU A CG  1 
ATOM   15   C CD  . GLU A 1 2   ? 17.135  -23.281 -5.404  1.00 43.90 ? 2   GLU A CD  1 
ATOM   16   O OE1 . GLU A 1 2   ? 18.142  -22.918 -4.759  1.00 28.43 ? 2   GLU A OE1 1 
ATOM   17   O OE2 . GLU A 1 2   ? 17.118  -23.366 -6.650  1.00 43.99 ? 2   GLU A OE2 1 
ATOM   18   N N   . PHE A 1 3   ? 13.249  -21.754 -1.660  1.00 31.87 ? 3   PHE A N   1 
ATOM   19   C CA  . PHE A 1 3   ? 12.004  -20.994 -1.664  1.00 25.06 ? 3   PHE A CA  1 
ATOM   20   C C   . PHE A 1 3   ? 12.265  -19.547 -2.065  1.00 27.28 ? 3   PHE A C   1 
ATOM   21   O O   . PHE A 1 3   ? 13.157  -18.897 -1.519  1.00 27.68 ? 3   PHE A O   1 
ATOM   22   C CB  . PHE A 1 3   ? 11.363  -21.032 -0.276  1.00 23.21 ? 3   PHE A CB  1 
ATOM   23   C CG  . PHE A 1 3   ? 11.041  -22.418 0.207   1.00 27.04 ? 3   PHE A CG  1 
ATOM   24   C CD1 . PHE A 1 3   ? 12.048  -23.285 0.597   1.00 26.33 ? 3   PHE A CD1 1 
ATOM   25   C CD2 . PHE A 1 3   ? 9.729   -22.845 0.288   1.00 24.54 ? 3   PHE A CD2 1 
ATOM   26   C CE1 . PHE A 1 3   ? 11.752  -24.555 1.045   1.00 25.10 ? 3   PHE A CE1 1 
ATOM   27   C CE2 . PHE A 1 3   ? 9.425   -24.114 0.738   1.00 24.79 ? 3   PHE A CE2 1 
ATOM   28   C CZ  . PHE A 1 3   ? 10.438  -24.970 1.117   1.00 27.56 ? 3   PHE A CZ  1 
ATOM   29   N N   . ARG A 1 4   ? 11.482  -19.042 -3.011  1.00 26.48 ? 4   ARG A N   1 
ATOM   30   C CA  . ARG A 1 4   ? 11.647  -17.671 -3.481  1.00 27.48 ? 4   ARG A CA  1 
ATOM   31   C C   . ARG A 1 4   ? 10.406  -16.817 -3.240  1.00 26.27 ? 4   ARG A C   1 
ATOM   32   O O   . ARG A 1 4   ? 9.276   -17.280 -3.400  1.00 27.31 ? 4   ARG A O   1 
ATOM   33   C CB  . ARG A 1 4   ? 12.021  -17.656 -4.963  1.00 22.89 ? 4   ARG A CB  1 
ATOM   34   C CG  . ARG A 1 4   ? 13.349  -18.326 -5.247  1.00 32.55 ? 4   ARG A CG  1 
ATOM   35   C CD  . ARG A 1 4   ? 13.490  -18.690 -6.712  1.00 34.35 ? 4   ARG A CD  1 
ATOM   36   N NE  . ARG A 1 4   ? 14.447  -19.776 -6.893  1.00 41.56 ? 4   ARG A NE  1 
ATOM   37   C CZ  . ARG A 1 4   ? 15.756  -19.603 -7.025  1.00 44.02 ? 4   ARG A CZ  1 
ATOM   38   N NH1 . ARG A 1 4   ? 16.268  -18.380 -6.999  1.00 49.06 ? 4   ARG A NH1 1 
ATOM   39   N NH2 . ARG A 1 4   ? 16.554  -20.650 -7.183  1.00 45.47 ? 4   ARG A NH2 1 
ATOM   40   N N   . MET A 1 5   ? 10.631  -15.569 -2.848  1.00 24.04 ? 5   MET A N   1 
ATOM   41   C CA  . MET A 1 5   ? 9.547   -14.620 -2.636  1.00 28.05 ? 5   MET A CA  1 
ATOM   42   C C   . MET A 1 5   ? 10.087  -13.206 -2.486  1.00 32.00 ? 5   MET A C   1 
ATOM   43   O O   . MET A 1 5   ? 11.100  -12.984 -1.820  1.00 34.91 ? 5   MET A O   1 
ATOM   44   C CB  . MET A 1 5   ? 8.720   -14.995 -1.403  1.00 27.15 ? 5   MET A CB  1 
ATOM   45   C CG  . MET A 1 5   ? 7.667   -13.957 -1.034  1.00 27.64 ? 5   MET A CG  1 
ATOM   46   S SD  . MET A 1 5   ? 6.604   -14.484 0.324   1.00 36.49 ? 5   MET A SD  1 
ATOM   47   C CE  . MET A 1 5   ? 5.789   -15.890 -0.422  1.00 37.90 ? 5   MET A CE  1 
ATOM   48   N N   . LYS A 1 6   ? 9.411   -12.255 -3.120  1.00 30.68 ? 6   LYS A N   1 
ATOM   49   C CA  . LYS A 1 6   ? 9.722   -10.845 -2.943  1.00 27.52 ? 6   LYS A CA  1 
ATOM   50   C C   . LYS A 1 6   ? 8.609   -10.182 -2.141  1.00 29.99 ? 6   LYS A C   1 
ATOM   51   O O   . LYS A 1 6   ? 7.438   -10.250 -2.516  1.00 28.97 ? 6   LYS A O   1 
ATOM   52   C CB  . LYS A 1 6   ? 9.887   -10.152 -4.296  1.00 24.37 ? 6   LYS A CB  1 
ATOM   53   C CG  . LYS A 1 6   ? 10.425  -8.733  -4.199  1.00 34.34 ? 6   LYS A CG  1 
ATOM   54   C CD  . LYS A 1 6   ? 10.557  -8.094  -5.568  1.00 39.06 ? 6   LYS A CD  1 
ATOM   55   C CE  . LYS A 1 6   ? 9.199   -7.922  -6.223  1.00 46.59 ? 6   LYS A CE  1 
ATOM   56   N NZ  . LYS A 1 6   ? 9.306   -7.202  -7.520  1.00 57.59 ? 6   LYS A NZ  1 
ATOM   57   N N   . VAL A 1 7   ? 8.975   -9.550  -1.033  1.00 28.18 ? 7   VAL A N   1 
ATOM   58   C CA  . VAL A 1 7   ? 7.992   -8.906  -0.172  1.00 24.52 ? 7   VAL A CA  1 
ATOM   59   C C   . VAL A 1 7   ? 8.150   -7.392  -0.199  1.00 24.46 ? 7   VAL A C   1 
ATOM   60   O O   . VAL A 1 7   ? 9.193   -6.875  -0.598  1.00 23.61 ? 7   VAL A O   1 
ATOM   61   C CB  . VAL A 1 7   ? 8.096   -9.411  1.279   1.00 25.84 ? 7   VAL A CB  1 
ATOM   62   C CG1 . VAL A 1 7   ? 7.743   -10.887 1.350   1.00 28.87 ? 7   VAL A CG1 1 
ATOM   63   C CG2 . VAL A 1 7   ? 9.491   -9.169  1.827   1.00 31.94 ? 7   VAL A CG2 1 
ATOM   64   N N   . PHE A 1 8   ? 7.104   -6.687  0.222   1.00 24.13 ? 8   PHE A N   1 
ATOM   65   C CA  . PHE A 1 8   ? 7.118   -5.230  0.262   1.00 22.57 ? 8   PHE A CA  1 
ATOM   66   C C   . PHE A 1 8   ? 6.889   -4.734  1.684   1.00 22.86 ? 8   PHE A C   1 
ATOM   67   O O   . PHE A 1 8   ? 5.871   -5.044  2.305   1.00 24.99 ? 8   PHE A O   1 
ATOM   68   C CB  . PHE A 1 8   ? 6.061   -4.659  -0.681  1.00 25.33 ? 8   PHE A CB  1 
ATOM   69   C CG  . PHE A 1 8   ? 6.294   -5.001  -2.123  1.00 25.07 ? 8   PHE A CG  1 
ATOM   70   C CD1 . PHE A 1 8   ? 5.934   -6.242  -2.621  1.00 21.39 ? 8   PHE A CD1 1 
ATOM   71   C CD2 . PHE A 1 8   ? 6.880   -4.085  -2.980  1.00 23.07 ? 8   PHE A CD2 1 
ATOM   72   C CE1 . PHE A 1 8   ? 6.151   -6.561  -3.948  1.00 21.65 ? 8   PHE A CE1 1 
ATOM   73   C CE2 . PHE A 1 8   ? 7.097   -4.398  -4.306  1.00 30.33 ? 8   PHE A CE2 1 
ATOM   74   C CZ  . PHE A 1 8   ? 6.732   -5.637  -4.791  1.00 26.70 ? 8   PHE A CZ  1 
ATOM   75   N N   . LYS A 1 9   ? 7.841   -3.959  2.193   1.00 29.74 ? 9   LYS A N   1 
ATOM   76   C CA  . LYS A 1 9   ? 7.813   -3.541  3.588   1.00 24.24 ? 9   LYS A CA  1 
ATOM   77   C C   . LYS A 1 9   ? 7.686   -2.032  3.763   1.00 24.67 ? 9   LYS A C   1 
ATOM   78   O O   . LYS A 1 9   ? 8.240   -1.255  2.990   1.00 28.83 ? 9   LYS A O   1 
ATOM   79   C CB  . LYS A 1 9   ? 9.073   -4.033  4.306   1.00 18.83 ? 9   LYS A CB  1 
ATOM   80   C CG  . LYS A 1 9   ? 9.218   -5.543  4.354   1.00 24.45 ? 9   LYS A CG  1 
ATOM   81   C CD  . LYS A 1 9   ? 10.500  -5.940  5.070   1.00 27.30 ? 9   LYS A CD  1 
ATOM   82   C CE  . LYS A 1 9   ? 10.655  -7.450  5.146   1.00 34.98 ? 9   LYS A CE  1 
ATOM   83   N NZ  . LYS A 1 9   ? 11.886  -7.839  5.890   1.00 32.64 ? 9   LYS A NZ  1 
ATOM   84   N N   . ASP A 1 10  ? 6.948   -1.627  4.792   1.00 22.78 ? 10  ASP A N   1 
ATOM   85   C CA  . ASP A 1 10  ? 6.894   -0.227  5.187   1.00 23.58 ? 10  ASP A CA  1 
ATOM   86   C C   . ASP A 1 10  ? 8.296   0.204   5.602   1.00 26.43 ? 10  ASP A C   1 
ATOM   87   O O   . ASP A 1 10  ? 8.944   -0.467  6.403   1.00 28.61 ? 10  ASP A O   1 
ATOM   88   C CB  . ASP A 1 10  ? 5.912   -0.040  6.346   1.00 28.01 ? 10  ASP A CB  1 
ATOM   89   C CG  . ASP A 1 10  ? 5.705   1.416   6.708   1.00 24.98 ? 10  ASP A CG  1 
ATOM   90   O OD1 . ASP A 1 10  ? 6.498   1.948   7.511   1.00 25.36 ? 10  ASP A OD1 1 
ATOM   91   O OD2 . ASP A 1 10  ? 4.743   2.026   6.200   1.00 29.47 ? 10  ASP A OD2 1 
ATOM   92   N N   . VAL A 1 11  ? 8.772   1.311   5.043   1.00 27.19 ? 11  VAL A N   1 
ATOM   93   C CA  . VAL A 1 11  ? 10.139  1.762   5.289   1.00 27.07 ? 11  VAL A CA  1 
ATOM   94   C C   . VAL A 1 11  ? 10.352  2.255   6.720   1.00 31.92 ? 11  VAL A C   1 
ATOM   95   O O   . VAL A 1 11  ? 11.488  2.476   7.142   1.00 34.26 ? 11  VAL A O   1 
ATOM   96   C CB  . VAL A 1 11  ? 10.555  2.872   4.310   1.00 25.07 ? 11  VAL A CB  1 
ATOM   97   C CG1 . VAL A 1 11  ? 10.602  2.335   2.887   1.00 25.83 ? 11  VAL A CG1 1 
ATOM   98   C CG2 . VAL A 1 11  ? 9.600   4.052   4.411   1.00 27.78 ? 11  VAL A CG2 1 
ATOM   99   N N   . PHE A 1 12  ? 9.264   2.429   7.465   1.00 24.46 ? 12  PHE A N   1 
ATOM   100  C CA  . PHE A 1 12  ? 9.360   2.930   8.833   1.00 25.27 ? 12  PHE A CA  1 
ATOM   101  C C   . PHE A 1 12  ? 9.157   1.820   9.861   1.00 31.14 ? 12  PHE A C   1 
ATOM   102  O O   . PHE A 1 12  ? 9.849   1.770   10.874  1.00 28.31 ? 12  PHE A O   1 
ATOM   103  C CB  . PHE A 1 12  ? 8.346   4.054   9.077   1.00 23.03 ? 12  PHE A CB  1 
ATOM   104  C CG  . PHE A 1 12  ? 8.338   5.107   8.006   1.00 31.03 ? 12  PHE A CG  1 
ATOM   105  C CD1 . PHE A 1 12  ? 9.440   5.917   7.800   1.00 35.91 ? 12  PHE A CD1 1 
ATOM   106  C CD2 . PHE A 1 12  ? 7.218   5.293   7.214   1.00 26.69 ? 12  PHE A CD2 1 
ATOM   107  C CE1 . PHE A 1 12  ? 9.431   6.885   6.817   1.00 33.70 ? 12  PHE A CE1 1 
ATOM   108  C CE2 . PHE A 1 12  ? 7.201   6.261   6.229   1.00 28.79 ? 12  PHE A CE2 1 
ATOM   109  C CZ  . PHE A 1 12  ? 8.309   7.058   6.030   1.00 32.55 ? 12  PHE A CZ  1 
ATOM   110  N N   . THR A 1 13  ? 8.205   0.933   9.594   1.00 28.64 ? 13  THR A N   1 
ATOM   111  C CA  . THR A 1 13  ? 7.882   -0.141  10.525  1.00 24.19 ? 13  THR A CA  1 
ATOM   112  C C   . THR A 1 13  ? 8.529   -1.458  10.111  1.00 28.86 ? 13  THR A C   1 
ATOM   113  O O   . THR A 1 13  ? 8.787   -2.320  10.950  1.00 30.33 ? 13  THR A O   1 
ATOM   114  C CB  . THR A 1 13  ? 6.359   -0.343  10.652  1.00 24.54 ? 13  THR A CB  1 
ATOM   115  O OG1 . THR A 1 13  ? 5.828   -0.787  9.399   1.00 26.25 ? 13  THR A OG1 1 
ATOM   116  C CG2 . THR A 1 13  ? 5.678   0.958   11.054  1.00 25.99 ? 13  THR A CG2 1 
ATOM   117  N N   . ASN A 1 14  ? 8.793   -1.599  8.814   1.00 28.93 ? 14  ASN A N   1 
ATOM   118  C CA  . ASN A 1 14  ? 9.357   -2.825  8.254   1.00 25.26 ? 14  ASN A CA  1 
ATOM   119  C C   . ASN A 1 14  ? 8.318   -3.935  8.126   1.00 23.36 ? 14  ASN A C   1 
ATOM   120  O O   . ASN A 1 14  ? 8.648   -5.072  7.790   1.00 30.14 ? 14  ASN A O   1 
ATOM   121  C CB  . ASN A 1 14  ? 10.566  -3.301  9.065   1.00 31.70 ? 14  ASN A CB  1 
ATOM   122  C CG  . ASN A 1 14  ? 11.789  -2.425  8.861   1.00 33.73 ? 14  ASN A CG  1 
ATOM   123  O OD1 . ASN A 1 14  ? 12.056  -1.958  7.754   1.00 33.09 ? 14  ASN A OD1 1 
ATOM   124  N ND2 . ASN A 1 14  ? 12.539  -2.195  9.933   1.00 32.97 ? 14  ASN A ND2 1 
ATOM   125  N N   . ASP A 1 15  ? 7.061   -3.594  8.392   1.00 23.86 ? 15  ASP A N   1 
ATOM   126  C CA  . ASP A 1 15  ? 5.970   -4.545  8.240   1.00 21.69 ? 15  ASP A CA  1 
ATOM   127  C C   . ASP A 1 15  ? 5.846   -5.005  6.794   1.00 22.89 ? 15  ASP A C   1 
ATOM   128  O O   . ASP A 1 15  ? 5.977   -4.205  5.866   1.00 22.66 ? 15  ASP A O   1 
ATOM   129  C CB  . ASP A 1 15  ? 4.642   -3.922  8.673   1.00 22.45 ? 15  ASP A CB  1 
ATOM   130  C CG  . ASP A 1 15  ? 4.600   -3.592  10.150  1.00 26.87 ? 15  ASP A CG  1 
ATOM   131  O OD1 . ASP A 1 15  ? 5.421   -4.141  10.915  1.00 27.18 ? 15  ASP A OD1 1 
ATOM   132  O OD2 . ASP A 1 15  ? 3.731   -2.788  10.546  1.00 25.87 ? 15  ASP A OD2 1 
ATOM   133  N N   . GLU A 1 16  ? 5.595   -6.297  6.607   1.00 25.38 ? 16  GLU A N   1 
ATOM   134  C CA  . GLU A 1 16  ? 5.281   -6.822  5.286   1.00 26.25 ? 16  GLU A CA  1 
ATOM   135  C C   . GLU A 1 16  ? 3.810   -6.564  4.993   1.00 22.32 ? 16  GLU A C   1 
ATOM   136  O O   . GLU A 1 16  ? 2.932   -6.983  5.747   1.00 20.72 ? 16  GLU A O   1 
ATOM   137  C CB  . GLU A 1 16  ? 5.580   -8.316  5.204   1.00 22.34 ? 16  GLU A CB  1 
ATOM   138  C CG  . GLU A 1 16  ? 7.051   -8.663  5.326   1.00 27.88 ? 16  GLU A CG  1 
ATOM   139  C CD  . GLU A 1 16  ? 7.305   -10.149 5.198   1.00 33.77 ? 16  GLU A CD  1 
ATOM   140  O OE1 . GLU A 1 16  ? 6.337   -10.896 4.944   1.00 28.48 ? 16  GLU A OE1 1 
ATOM   141  O OE2 . GLU A 1 16  ? 8.470   -10.570 5.353   1.00 36.04 ? 16  GLU A OE2 1 
ATOM   142  N N   . VAL A 1 17  ? 3.546   -5.863  3.897   1.00 18.98 ? 17  VAL A N   1 
ATOM   143  C CA  . VAL A 1 17  ? 2.187   -5.461  3.563   1.00 18.83 ? 17  VAL A CA  1 
ATOM   144  C C   . VAL A 1 17  ? 1.736   -6.007  2.211   1.00 20.29 ? 17  VAL A C   1 
ATOM   145  O O   . VAL A 1 17  ? 0.569   -5.875  1.845   1.00 19.48 ? 17  VAL A O   1 
ATOM   146  C CB  . VAL A 1 17  ? 2.039   -3.931  3.573   1.00 22.68 ? 17  VAL A CB  1 
ATOM   147  C CG1 . VAL A 1 17  ? 2.213   -3.387  4.988   1.00 19.50 ? 17  VAL A CG1 1 
ATOM   148  C CG2 . VAL A 1 17  ? 3.040   -3.295  2.620   1.00 17.10 ? 17  VAL A CG2 1 
ATOM   149  N N   . CYS A 1 18  ? 2.661   -6.609  1.472   1.00 20.14 ? 18  CYS A N   1 
ATOM   150  C CA  . CYS A 1 18  ? 2.339   -7.195  0.174   1.00 18.03 ? 18  CYS A CA  1 
ATOM   151  C C   . CYS A 1 18  ? 3.482   -8.073  -0.326  1.00 21.17 ? 18  CYS A C   1 
ATOM   152  O O   . CYS A 1 18  ? 4.588   -8.031  0.215   1.00 22.43 ? 18  CYS A O   1 
ATOM   153  C CB  . CYS A 1 18  ? 2.028   -6.099  -0.848  1.00 16.89 ? 18  CYS A CB  1 
ATOM   154  S SG  . CYS A 1 18  ? 1.255   -6.688  -2.376  1.00 24.77 ? 18  CYS A SG  1 
ATOM   155  N N   . SER A 1 19  ? 3.211   -8.872  -1.354  1.00 23.33 ? 19  SER A N   1 
ATOM   156  C CA  . SER A 1 19  ? 4.228   -9.744  -1.930  1.00 24.20 ? 19  SER A CA  1 
ATOM   157  C C   . SER A 1 19  ? 4.072   -9.853  -3.444  1.00 28.74 ? 19  SER A C   1 
ATOM   158  O O   . SER A 1 19  ? 3.107   -9.354  -4.018  1.00 24.01 ? 19  SER A O   1 
ATOM   159  C CB  . SER A 1 19  ? 4.170   -11.139 -1.301  1.00 22.22 ? 19  SER A CB  1 
ATOM   160  O OG  . SER A 1 19  ? 3.054   -11.872 -1.774  1.00 23.78 ? 19  SER A OG  1 
ATOM   161  N N   . ASP A 1 20  ? 5.028   -10.518 -4.084  1.00 25.54 ? 20  ASP A N   1 
ATOM   162  C CA  . ASP A 1 20  ? 5.001   -10.696 -5.532  1.00 22.89 ? 20  ASP A CA  1 
ATOM   163  C C   . ASP A 1 20  ? 4.063   -11.830 -5.938  1.00 27.65 ? 20  ASP A C   1 
ATOM   164  O O   . ASP A 1 20  ? 3.962   -12.174 -7.117  1.00 25.29 ? 20  ASP A O   1 
ATOM   165  C CB  . ASP A 1 20  ? 6.412   -10.944 -6.073  1.00 24.21 ? 20  ASP A CB  1 
ATOM   166  C CG  . ASP A 1 20  ? 7.027   -12.222 -5.539  1.00 30.42 ? 20  ASP A CG  1 
ATOM   167  O OD1 . ASP A 1 20  ? 6.497   -12.787 -4.558  1.00 30.67 ? 20  ASP A OD1 1 
ATOM   168  O OD2 . ASP A 1 20  ? 8.053   -12.660 -6.099  1.00 33.18 ? 20  ASP A OD2 1 
ATOM   169  N N   . SER A 1 21  ? 3.383   -12.409 -4.952  1.00 30.38 ? 21  SER A N   1 
ATOM   170  C CA  . SER A 1 21  ? 2.346   -13.398 -5.215  1.00 28.02 ? 21  SER A CA  1 
ATOM   171  C C   . SER A 1 21  ? 1.124   -12.692 -5.785  1.00 29.66 ? 21  SER A C   1 
ATOM   172  O O   . SER A 1 21  ? 0.223   -13.327 -6.334  1.00 33.74 ? 21  SER A O   1 
ATOM   173  C CB  . SER A 1 21  ? 1.973   -14.148 -3.934  1.00 30.50 ? 21  SER A CB  1 
ATOM   174  O OG  . SER A 1 21  ? 3.055   -14.935 -3.471  1.00 30.11 ? 21  SER A OG  1 
ATOM   175  N N   . TYR A 1 22  ? 1.107   -11.371 -5.651  1.00 29.58 ? 22  TYR A N   1 
ATOM   176  C CA  . TYR A 1 22  ? 0.013   -10.560 -6.161  1.00 29.87 ? 22  TYR A CA  1 
ATOM   177  C C   . TYR A 1 22  ? 0.483   -9.696  -7.331  1.00 29.17 ? 22  TYR A C   1 
ATOM   178  O O   . TYR A 1 22  ? 1.342   -8.829  -7.170  1.00 28.64 ? 22  TYR A O   1 
ATOM   179  C CB  . TYR A 1 22  ? -0.563  -9.685  -5.045  1.00 25.22 ? 22  TYR A CB  1 
ATOM   180  C CG  . TYR A 1 22  ? -1.124  -10.463 -3.872  1.00 29.94 ? 22  TYR A CG  1 
ATOM   181  C CD1 . TYR A 1 22  ? -0.296  -10.908 -2.844  1.00 28.75 ? 22  TYR A CD1 1 
ATOM   182  C CD2 . TYR A 1 22  ? -2.482  -10.748 -3.788  1.00 25.92 ? 22  TYR A CD2 1 
ATOM   183  C CE1 . TYR A 1 22  ? -0.806  -11.618 -1.771  1.00 26.70 ? 22  TYR A CE1 1 
ATOM   184  C CE2 . TYR A 1 22  ? -2.999  -11.458 -2.717  1.00 28.34 ? 22  TYR A CE2 1 
ATOM   185  C CZ  . TYR A 1 22  ? -2.158  -11.889 -1.712  1.00 27.61 ? 22  TYR A CZ  1 
ATOM   186  O OH  . TYR A 1 22  ? -2.671  -12.594 -0.645  1.00 29.36 ? 22  TYR A OH  1 
ATOM   187  N N   . VAL A 1 23  ? -0.081  -9.946  -8.508  1.00 30.03 ? 23  VAL A N   1 
ATOM   188  C CA  . VAL A 1 23  ? 0.274   -9.195  -9.707  1.00 31.80 ? 23  VAL A CA  1 
ATOM   189  C C   . VAL A 1 23  ? -0.116  -7.729  -9.558  1.00 27.02 ? 23  VAL A C   1 
ATOM   190  O O   . VAL A 1 23  ? -1.222  -7.414  -9.118  1.00 30.87 ? 23  VAL A O   1 
ATOM   191  C CB  . VAL A 1 23  ? -0.404  -9.780  -10.959 1.00 31.56 ? 23  VAL A CB  1 
ATOM   192  C CG1 . VAL A 1 23  ? -0.116  -8.918  -12.181 1.00 21.18 ? 23  VAL A CG1 1 
ATOM   193  C CG2 . VAL A 1 23  ? 0.063   -11.206 -11.190 1.00 31.96 ? 23  VAL A CG2 1 
ATOM   194  N N   . GLN A 1 24  ? 0.797   -6.838  -9.929  1.00 26.89 ? 24  GLN A N   1 
ATOM   195  C CA  . GLN A 1 24  ? 0.565   -5.406  -9.792  1.00 26.95 ? 24  GLN A CA  1 
ATOM   196  C C   . GLN A 1 24  ? -0.096  -4.804  -11.030 1.00 26.75 ? 24  GLN A C   1 
ATOM   197  O O   . GLN A 1 24  ? 0.124   -5.259  -12.154 1.00 29.88 ? 24  GLN A O   1 
ATOM   198  C CB  . GLN A 1 24  ? 1.871   -4.676  -9.470  1.00 24.41 ? 24  GLN A CB  1 
ATOM   199  C CG  . GLN A 1 24  ? 2.486   -5.058  -8.131  1.00 26.49 ? 24  GLN A CG  1 
ATOM   200  C CD  . GLN A 1 24  ? 3.744   -4.268  -7.821  1.00 28.57 ? 24  GLN A CD  1 
ATOM   201  O OE1 . GLN A 1 24  ? 4.255   -3.539  -8.670  1.00 31.34 ? 24  GLN A OE1 1 
ATOM   202  N NE2 . GLN A 1 24  ? 4.247   -4.406  -6.600  1.00 32.17 ? 24  GLN A NE2 1 
ATOM   203  N N   . GLN A 1 25  ? -0.907  -3.775  -10.806 1.00 27.66 ? 25  GLN A N   1 
ATOM   204  C CA  . GLN A 1 25  ? -1.647  -3.110  -11.871 1.00 29.56 ? 25  GLN A CA  1 
ATOM   205  C C   . GLN A 1 25  ? -1.718  -1.612  -11.587 1.00 28.40 ? 25  GLN A C   1 
ATOM   206  O O   . GLN A 1 25  ? -1.505  -1.179  -10.454 1.00 26.21 ? 25  GLN A O   1 
ATOM   207  C CB  . GLN A 1 25  ? -3.062  -3.685  -11.967 1.00 32.25 ? 25  GLN A CB  1 
ATOM   208  C CG  . GLN A 1 25  ? -3.119  -5.196  -12.123 1.00 36.93 ? 25  GLN A CG  1 
ATOM   209  C CD  . GLN A 1 25  ? -4.462  -5.775  -11.712 1.00 57.56 ? 25  GLN A CD  1 
ATOM   210  O OE1 . GLN A 1 25  ? -5.498  -5.124  -11.842 1.00 51.13 ? 25  GLN A OE1 1 
ATOM   211  N NE2 . GLN A 1 25  ? -4.447  -7.001  -11.202 1.00 46.43 ? 25  GLN A NE2 1 
ATOM   212  N N   . ASP A 1 26  ? -2.008  -0.820  -12.614 1.00 26.56 ? 26  ASP A N   1 
ATOM   213  C CA  . ASP A 1 26  ? -2.182  0.618   -12.442 1.00 23.22 ? 26  ASP A CA  1 
ATOM   214  C C   . ASP A 1 26  ? -3.350  0.896   -11.505 1.00 25.66 ? 26  ASP A C   1 
ATOM   215  O O   . ASP A 1 26  ? -4.450  0.389   -11.716 1.00 23.77 ? 26  ASP A O   1 
ATOM   216  C CB  . ASP A 1 26  ? -2.438  1.297   -13.789 1.00 21.93 ? 26  ASP A CB  1 
ATOM   217  C CG  . ASP A 1 26  ? -1.370  0.985   -14.814 1.00 20.44 ? 26  ASP A CG  1 
ATOM   218  O OD1 . ASP A 1 26  ? -0.225  0.702   -14.411 1.00 25.14 ? 26  ASP A OD1 1 
ATOM   219  O OD2 . ASP A 1 26  ? -1.677  1.027   -16.025 1.00 20.76 ? 26  ASP A OD2 1 
ATOM   220  N N   . PRO A 1 27  ? -3.114  1.703   -10.462 1.00 25.39 ? 27  PRO A N   1 
ATOM   221  C CA  . PRO A 1 27  ? -4.191  2.066   -9.535  1.00 23.19 ? 27  PRO A CA  1 
ATOM   222  C C   . PRO A 1 27  ? -5.381  2.679   -10.272 1.00 25.38 ? 27  PRO A C   1 
ATOM   223  O O   . PRO A 1 27  ? -5.235  3.719   -10.915 1.00 20.80 ? 27  PRO A O   1 
ATOM   224  C CB  . PRO A 1 27  ? -3.534  3.114   -8.634  1.00 22.53 ? 27  PRO A CB  1 
ATOM   225  C CG  . PRO A 1 27  ? -2.082  2.776   -8.671  1.00 20.89 ? 27  PRO A CG  1 
ATOM   226  C CD  . PRO A 1 27  ? -1.823  2.299   -10.070 1.00 24.38 ? 27  PRO A CD  1 
ATOM   227  N N   . PHE A 1 28  ? -6.538  2.032   -10.179 1.00 22.60 ? 28  PHE A N   1 
ATOM   228  C CA  . PHE A 1 28  ? -7.754  2.526   -10.809 1.00 20.21 ? 28  PHE A CA  1 
ATOM   229  C C   . PHE A 1 28  ? -7.636  2.546   -12.332 1.00 22.45 ? 28  PHE A C   1 
ATOM   230  O O   . PHE A 1 28  ? -8.334  3.304   -13.004 1.00 26.08 ? 28  PHE A O   1 
ATOM   231  C CB  . PHE A 1 28  ? -8.097  3.929   -10.295 1.00 24.97 ? 28  PHE A CB  1 
ATOM   232  C CG  . PHE A 1 28  ? -7.823  4.126   -8.830  1.00 21.29 ? 28  PHE A CG  1 
ATOM   233  C CD1 . PHE A 1 28  ? -8.633  3.537   -7.874  1.00 21.19 ? 28  PHE A CD1 1 
ATOM   234  C CD2 . PHE A 1 28  ? -6.758  4.905   -8.409  1.00 20.56 ? 28  PHE A CD2 1 
ATOM   235  C CE1 . PHE A 1 28  ? -8.384  3.717   -6.526  1.00 20.57 ? 28  PHE A CE1 1 
ATOM   236  C CE2 . PHE A 1 28  ? -6.504  5.089   -7.064  1.00 23.38 ? 28  PHE A CE2 1 
ATOM   237  C CZ  . PHE A 1 28  ? -7.317  4.494   -6.120  1.00 21.29 ? 28  PHE A CZ  1 
ATOM   238  N N   . GLU A 1 29  ? -6.747  1.713   -12.866 1.00 28.04 ? 29  GLU A N   1 
ATOM   239  C CA  . GLU A 1 29  ? -6.509  1.644   -14.308 1.00 28.55 ? 29  GLU A CA  1 
ATOM   240  C C   . GLU A 1 29  ? -5.891  2.930   -14.845 1.00 25.06 ? 29  GLU A C   1 
ATOM   241  O O   . GLU A 1 29  ? -5.898  3.171   -16.054 1.00 31.35 ? 29  GLU A O   1 
ATOM   242  C CB  . GLU A 1 29  ? -7.802  1.337   -15.069 1.00 24.69 ? 29  GLU A CB  1 
ATOM   243  C CG  . GLU A 1 29  ? -8.321  -0.076  -14.873 1.00 33.09 ? 29  GLU A CG  1 
ATOM   244  C CD  . GLU A 1 29  ? -9.550  -0.368  -15.717 1.00 38.17 ? 29  GLU A CD  1 
ATOM   245  O OE1 . GLU A 1 29  ? -9.482  -0.203  -16.954 1.00 47.83 ? 29  GLU A OE1 1 
ATOM   246  O OE2 . GLU A 1 29  ? -10.585 -0.761  -15.138 1.00 43.71 ? 29  GLU A OE2 1 
ATOM   247  N N   . VAL A 1 30  ? -5.360  3.749   -13.944 1.00 25.91 ? 30  VAL A N   1 
ATOM   248  C CA  . VAL A 1 30  ? -4.729  5.004   -14.327 1.00 26.80 ? 30  VAL A CA  1 
ATOM   249  C C   . VAL A 1 30  ? -3.224  4.814   -14.481 1.00 21.69 ? 30  VAL A C   1 
ATOM   250  O O   . VAL A 1 30  ? -2.510  4.644   -13.495 1.00 24.11 ? 30  VAL A O   1 
ATOM   251  C CB  . VAL A 1 30  ? -5.013  6.110   -13.300 1.00 23.27 ? 30  VAL A CB  1 
ATOM   252  C CG1 . VAL A 1 30  ? -4.339  7.408   -13.711 1.00 21.35 ? 30  VAL A CG1 1 
ATOM   253  C CG2 . VAL A 1 30  ? -6.511  6.315   -13.151 1.00 24.27 ? 30  VAL A CG2 1 
ATOM   254  N N   . PRO A 1 31  ? -2.744  4.834   -15.731 1.00 24.55 ? 31  PRO A N   1 
ATOM   255  C CA  . PRO A 1 31  ? -1.330  4.619   -16.058 1.00 23.91 ? 31  PRO A CA  1 
ATOM   256  C C   . PRO A 1 31  ? -0.419  5.625   -15.359 1.00 26.49 ? 31  PRO A C   1 
ATOM   257  O O   . PRO A 1 31  ? 0.657   5.256   -14.884 1.00 24.66 ? 31  PRO A O   1 
ATOM   258  C CB  . PRO A 1 31  ? -1.288  4.829   -17.575 1.00 21.91 ? 31  PRO A CB  1 
ATOM   259  C CG  . PRO A 1 31  ? -2.678  4.525   -18.033 1.00 22.11 ? 31  PRO A CG  1 
ATOM   260  C CD  . PRO A 1 31  ? -3.561  5.042   -16.939 1.00 25.80 ? 31  PRO A CD  1 
ATOM   261  N N   . GLU A 1 32  ? -0.849  6.880   -15.297 1.00 28.09 ? 32  GLU A N   1 
ATOM   262  C CA  . GLU A 1 32  ? -0.045  7.930   -14.682 1.00 25.85 ? 32  GLU A CA  1 
ATOM   263  C C   . GLU A 1 32  ? 0.215   7.652   -13.203 1.00 23.09 ? 32  GLU A C   1 
ATOM   264  O O   . GLU A 1 32  ? 1.245   8.051   -12.664 1.00 25.51 ? 32  GLU A O   1 
ATOM   265  C CB  . GLU A 1 32  ? -0.717  9.298   -14.847 1.00 28.68 ? 32  GLU A CB  1 
ATOM   266  C CG  . GLU A 1 32  ? -0.878  9.754   -16.287 1.00 29.71 ? 32  GLU A CG  1 
ATOM   267  C CD  . GLU A 1 32  ? -2.076  9.127   -16.970 1.00 35.07 ? 32  GLU A CD  1 
ATOM   268  O OE1 . GLU A 1 32  ? -2.937  8.560   -16.266 1.00 29.72 ? 32  GLU A OE1 1 
ATOM   269  O OE2 . GLU A 1 32  ? -2.156  9.200   -18.214 1.00 38.25 ? 32  GLU A OE2 1 
ATOM   270  N N   . PHE A 1 33  ? -0.719  6.964   -12.552 1.00 23.92 ? 33  PHE A N   1 
ATOM   271  C CA  . PHE A 1 33  ? -0.590  6.677   -11.127 1.00 20.91 ? 33  PHE A CA  1 
ATOM   272  C C   . PHE A 1 33  ? 0.457   5.605   -10.831 1.00 26.23 ? 33  PHE A C   1 
ATOM   273  O O   . PHE A 1 33  ? 1.006   5.553   -9.729  1.00 26.87 ? 33  PHE A O   1 
ATOM   274  C CB  . PHE A 1 33  ? -1.939  6.266   -10.532 1.00 17.51 ? 33  PHE A CB  1 
ATOM   275  C CG  . PHE A 1 33  ? -2.936  7.387   -10.458 1.00 22.65 ? 33  PHE A CG  1 
ATOM   276  C CD1 . PHE A 1 33  ? -2.551  8.691   -10.714 1.00 25.24 ? 33  PHE A CD1 1 
ATOM   277  C CD2 . PHE A 1 33  ? -4.256  7.136   -10.123 1.00 23.08 ? 33  PHE A CD2 1 
ATOM   278  C CE1 . PHE A 1 33  ? -3.466  9.725   -10.646 1.00 26.22 ? 33  PHE A CE1 1 
ATOM   279  C CE2 . PHE A 1 33  ? -5.175  8.164   -10.053 1.00 24.42 ? 33  PHE A CE2 1 
ATOM   280  C CZ  . PHE A 1 33  ? -4.779  9.462   -10.313 1.00 21.31 ? 33  PHE A CZ  1 
ATOM   281  N N   . ARG A 1 34  ? 0.737   4.758   -11.815 1.00 25.72 ? 34  ARG A N   1 
ATOM   282  C CA  . ARG A 1 34  ? 1.620   3.613   -11.609 1.00 23.84 ? 34  ARG A CA  1 
ATOM   283  C C   . ARG A 1 34  ? 3.019   4.023   -11.154 1.00 24.68 ? 34  ARG A C   1 
ATOM   284  O O   . ARG A 1 34  ? 3.750   3.220   -10.570 1.00 25.36 ? 34  ARG A O   1 
ATOM   285  C CB  . ARG A 1 34  ? 1.715   2.772   -12.883 1.00 23.65 ? 34  ARG A CB  1 
ATOM   286  C CG  . ARG A 1 34  ? 2.500   1.484   -12.712 1.00 22.59 ? 34  ARG A CG  1 
ATOM   287  C CD  . ARG A 1 34  ? 1.824   0.560   -11.711 1.00 24.91 ? 34  ARG A CD  1 
ATOM   288  N NE  . ARG A 1 34  ? 2.482   -0.741  -11.636 1.00 25.34 ? 34  ARG A NE  1 
ATOM   289  C CZ  . ARG A 1 34  ? 2.280   -1.728  -12.503 1.00 25.81 ? 34  ARG A CZ  1 
ATOM   290  N NH1 . ARG A 1 34  ? 1.443   -1.558  -13.519 1.00 22.39 ? 34  ARG A NH1 1 
ATOM   291  N NH2 . ARG A 1 34  ? 2.918   -2.882  -12.361 1.00 22.53 ? 34  ARG A NH2 1 
ATOM   292  N N   . GLU A 1 35  ? 3.383   5.273   -11.418 1.00 28.08 ? 35  GLU A N   1 
ATOM   293  C CA  . GLU A 1 35  ? 4.719   5.762   -11.099 1.00 27.23 ? 35  GLU A CA  1 
ATOM   294  C C   . GLU A 1 35  ? 4.984   5.822   -9.593  1.00 27.07 ? 35  GLU A C   1 
ATOM   295  O O   . GLU A 1 35  ? 6.118   5.639   -9.151  1.00 26.70 ? 35  GLU A O   1 
ATOM   296  C CB  . GLU A 1 35  ? 4.941   7.141   -11.721 1.00 25.05 ? 35  GLU A CB  1 
ATOM   297  C CG  . GLU A 1 35  ? 6.330   7.705   -11.495 1.00 24.20 ? 35  GLU A CG  1 
ATOM   298  C CD  . GLU A 1 35  ? 7.409   6.878   -12.165 1.00 31.47 ? 35  GLU A CD  1 
ATOM   299  O OE1 . GLU A 1 35  ? 7.158   6.359   -13.274 1.00 35.06 ? 35  GLU A OE1 1 
ATOM   300  O OE2 . GLU A 1 35  ? 8.505   6.741   -11.582 1.00 32.64 ? 35  GLU A OE2 1 
ATOM   301  N N   . ILE A 1 36  ? 3.939   6.072   -8.810  1.00 26.62 ? 36  ILE A N   1 
ATOM   302  C CA  . ILE A 1 36  ? 4.093   6.241   -7.368  1.00 29.10 ? 36  ILE A CA  1 
ATOM   303  C C   . ILE A 1 36  ? 3.162   5.353   -6.545  1.00 27.06 ? 36  ILE A C   1 
ATOM   304  O O   . ILE A 1 36  ? 3.033   5.533   -5.334  1.00 30.46 ? 36  ILE A O   1 
ATOM   305  C CB  . ILE A 1 36  ? 3.892   7.716   -6.950  1.00 26.26 ? 36  ILE A CB  1 
ATOM   306  C CG1 . ILE A 1 36  ? 2.667   8.316   -7.645  1.00 20.31 ? 36  ILE A CG1 1 
ATOM   307  C CG2 . ILE A 1 36  ? 5.134   8.531   -7.271  1.00 26.21 ? 36  ILE A CG2 1 
ATOM   308  C CD1 . ILE A 1 36  ? 1.340   7.830   -7.099  1.00 22.03 ? 36  ILE A CD1 1 
ATOM   309  N N   . ALA A 1 37  ? 2.514   4.398   -7.203  1.00 27.45 ? 37  ALA A N   1 
ATOM   310  C CA  . ALA A 1 37  ? 1.591   3.501   -6.519  1.00 28.41 ? 37  ALA A CA  1 
ATOM   311  C C   . ALA A 1 37  ? 1.235   2.304   -7.392  1.00 24.64 ? 37  ALA A C   1 
ATOM   312  O O   . ALA A 1 37  ? 1.363   2.361   -8.615  1.00 27.62 ? 37  ALA A O   1 
ATOM   313  C CB  . ALA A 1 37  ? 0.332   4.251   -6.109  1.00 23.56 ? 37  ALA A CB  1 
ATOM   314  N N   . PHE A 1 38  ? 0.796   1.218   -6.762  1.00 26.69 ? 38  PHE A N   1 
ATOM   315  C CA  . PHE A 1 38  ? 0.338   0.046   -7.502  1.00 25.41 ? 38  PHE A CA  1 
ATOM   316  C C   . PHE A 1 38  ? -0.888  -0.600  -6.865  1.00 25.90 ? 38  PHE A C   1 
ATOM   317  O O   . PHE A 1 38  ? -1.168  -0.399  -5.682  1.00 21.20 ? 38  PHE A O   1 
ATOM   318  C CB  . PHE A 1 38  ? 1.466   -0.979  -7.673  1.00 23.99 ? 38  PHE A CB  1 
ATOM   319  C CG  . PHE A 1 38  ? 1.944   -1.585  -6.383  1.00 32.07 ? 38  PHE A CG  1 
ATOM   320  C CD1 . PHE A 1 38  ? 1.319   -2.700  -5.852  1.00 28.99 ? 38  PHE A CD1 1 
ATOM   321  C CD2 . PHE A 1 38  ? 3.026   -1.046  -5.710  1.00 20.60 ? 38  PHE A CD2 1 
ATOM   322  C CE1 . PHE A 1 38  ? 1.760   -3.262  -4.670  1.00 22.12 ? 38  PHE A CE1 1 
ATOM   323  C CE2 . PHE A 1 38  ? 3.472   -1.601  -4.527  1.00 21.58 ? 38  PHE A CE2 1 
ATOM   324  C CZ  . PHE A 1 38  ? 2.839   -2.712  -4.005  1.00 22.22 ? 38  PHE A CZ  1 
ATOM   325  N N   . GLU A 1 39  ? -1.608  -1.378  -7.666  1.00 28.36 ? 39  GLU A N   1 
ATOM   326  C CA  . GLU A 1 39  ? -2.851  -2.006  -7.241  1.00 23.12 ? 39  GLU A CA  1 
ATOM   327  C C   . GLU A 1 39  ? -2.782  -3.517  -7.403  1.00 24.95 ? 39  GLU A C   1 
ATOM   328  O O   . GLU A 1 39  ? -2.194  -4.022  -8.357  1.00 27.19 ? 39  GLU A O   1 
ATOM   329  C CB  . GLU A 1 39  ? -4.025  -1.450  -8.051  1.00 23.69 ? 39  GLU A CB  1 
ATOM   330  C CG  . GLU A 1 39  ? -5.339  -2.198  -7.861  1.00 22.76 ? 39  GLU A CG  1 
ATOM   331  C CD  . GLU A 1 39  ? -6.482  -1.579  -8.645  1.00 32.26 ? 39  GLU A CD  1 
ATOM   332  O OE1 . GLU A 1 39  ? -6.774  -0.384  -8.424  1.00 24.32 ? 39  GLU A OE1 1 
ATOM   333  O OE2 . GLU A 1 39  ? -7.083  -2.283  -9.485  1.00 27.46 ? 39  GLU A OE2 1 
ATOM   334  N N   . VAL A 1 40  ? -3.380  -4.235  -6.462  1.00 22.59 ? 40  VAL A N   1 
ATOM   335  C CA  . VAL A 1 40  ? -3.458  -5.686  -6.545  1.00 26.15 ? 40  VAL A CA  1 
ATOM   336  C C   . VAL A 1 40  ? -4.868  -6.164  -6.215  1.00 30.26 ? 40  VAL A C   1 
ATOM   337  O O   . VAL A 1 40  ? -5.605  -5.505  -5.482  1.00 22.69 ? 40  VAL A O   1 
ATOM   338  C CB  . VAL A 1 40  ? -2.451  -6.369  -5.594  1.00 23.02 ? 40  VAL A CB  1 
ATOM   339  C CG1 . VAL A 1 40  ? -1.023  -5.969  -5.948  1.00 20.37 ? 40  VAL A CG1 1 
ATOM   340  C CG2 . VAL A 1 40  ? -2.764  -6.020  -4.152  1.00 24.30 ? 40  VAL A CG2 1 
ATOM   341  N N   . LYS A 1 41  ? -5.241  -7.310  -6.775  1.00 31.26 ? 41  LYS A N   1 
ATOM   342  C CA  . LYS A 1 41  ? -6.557  -7.889  -6.539  1.00 29.83 ? 41  LYS A CA  1 
ATOM   343  C C   . LYS A 1 41  ? -6.500  -8.916  -5.414  1.00 31.52 ? 41  LYS A C   1 
ATOM   344  O O   . LYS A 1 41  ? -5.601  -9.755  -5.369  1.00 29.40 ? 41  LYS A O   1 
ATOM   345  C CB  . LYS A 1 41  ? -7.081  -8.544  -7.817  1.00 26.01 ? 41  LYS A CB  1 
ATOM   346  C CG  . LYS A 1 41  ? -8.331  -9.395  -7.628  1.00 39.85 ? 41  LYS A CG  1 
ATOM   347  C CD  . LYS A 1 41  ? -9.562  -8.542  -7.362  1.00 36.47 ? 41  LYS A CD  1 
ATOM   348  C CE  . LYS A 1 41  ? -10.829 -9.388  -7.372  1.00 29.16 ? 41  LYS A CE  1 
ATOM   349  N NZ  . LYS A 1 41  ? -12.056 -8.577  -7.144  1.00 36.42 ? 41  LYS A NZ  1 
ATOM   350  N N   . SER A 1 42  ? -7.462  -8.844  -4.500  1.00 33.11 ? 42  SER A N   1 
ATOM   351  C CA  . SER A 1 42  ? -7.534  -9.803  -3.408  1.00 29.96 ? 42  SER A CA  1 
ATOM   352  C C   . SER A 1 42  ? -8.536  -10.902 -3.736  1.00 29.64 ? 42  SER A C   1 
ATOM   353  O O   . SER A 1 42  ? -9.288  -10.806 -4.706  1.00 32.27 ? 42  SER A O   1 
ATOM   354  C CB  . SER A 1 42  ? -7.925  -9.112  -2.103  1.00 27.06 ? 42  SER A CB  1 
ATOM   355  O OG  . SER A 1 42  ? -9.259  -8.647  -2.142  1.00 23.01 ? 42  SER A OG  1 
ATOM   356  N N   . ASN A 1 43  ? -8.532  -11.956 -2.927  1.00 29.78 ? 43  ASN A N   1 
ATOM   357  C CA  . ASN A 1 43  ? -9.475  -13.052 -3.090  1.00 31.28 ? 43  ASN A CA  1 
ATOM   358  C C   . ASN A 1 43  ? -9.970  -13.586 -1.753  1.00 33.29 ? 43  ASN A C   1 
ATOM   359  O O   . ASN A 1 43  ? -9.454  -13.223 -0.698  1.00 31.18 ? 43  ASN A O   1 
ATOM   360  C CB  . ASN A 1 43  ? -8.850  -14.187 -3.905  1.00 30.38 ? 43  ASN A CB  1 
ATOM   361  C CG  . ASN A 1 43  ? -8.869  -13.914 -5.396  1.00 35.16 ? 43  ASN A CG  1 
ATOM   362  O OD1 . ASN A 1 43  ? -9.902  -14.055 -6.052  1.00 37.29 ? 43  ASN A OD1 1 
ATOM   363  N ND2 . ASN A 1 43  ? -7.722  -13.530 -5.941  1.00 38.07 ? 43  ASN A ND2 1 
ATOM   364  N N   . LYS A 1 44  ? -10.975 -14.452 -1.807  1.00 37.25 ? 44  LYS A N   1 
ATOM   365  C CA  . LYS A 1 44  ? -11.490 -15.092 -0.607  1.00 28.48 ? 44  LYS A CA  1 
ATOM   366  C C   . LYS A 1 44  ? -10.569 -16.216 -0.158  1.00 33.45 ? 44  LYS A C   1 
ATOM   367  O O   . LYS A 1 44  ? -10.145 -17.048 -0.961  1.00 34.28 ? 44  LYS A O   1 
ATOM   368  C CB  . LYS A 1 44  ? -12.896 -15.641 -0.848  1.00 33.26 ? 44  LYS A CB  1 
ATOM   369  C CG  . LYS A 1 44  ? -13.979 -14.586 -0.934  1.00 40.98 ? 44  LYS A CG  1 
ATOM   370  C CD  . LYS A 1 44  ? -15.325 -15.228 -1.220  1.00 39.51 ? 44  LYS A CD  1 
ATOM   371  C CE  . LYS A 1 44  ? -16.417 -14.187 -1.393  1.00 51.19 ? 44  LYS A CE  1 
ATOM   372  N NZ  . LYS A 1 44  ? -17.708 -14.817 -1.795  1.00 54.15 ? 44  LYS A NZ  1 
ATOM   373  N N   . ARG A 1 45  ? -10.257 -16.226 1.132   1.00 30.95 ? 45  ARG A N   1 
ATOM   374  C CA  . ARG A 1 45  ? -9.477  -17.299 1.731   1.00 30.85 ? 45  ARG A CA  1 
ATOM   375  C C   . ARG A 1 45  ? -10.335 -18.032 2.754   1.00 33.46 ? 45  ARG A C   1 
ATOM   376  O O   . ARG A 1 45  ? -10.971 -17.407 3.602   1.00 32.10 ? 45  ARG A O   1 
ATOM   377  C CB  . ARG A 1 45  ? -8.215  -16.747 2.394   1.00 31.18 ? 45  ARG A CB  1 
ATOM   378  C CG  . ARG A 1 45  ? -7.545  -17.730 3.341   1.00 28.71 ? 45  ARG A CG  1 
ATOM   379  C CD  . ARG A 1 45  ? -6.242  -17.178 3.893   1.00 30.35 ? 45  ARG A CD  1 
ATOM   380  N NE  . ARG A 1 45  ? -5.213  -17.069 2.863   1.00 35.61 ? 45  ARG A NE  1 
ATOM   381  C CZ  . ARG A 1 45  ? -3.958  -16.701 3.098   1.00 32.13 ? 45  ARG A CZ  1 
ATOM   382  N NH1 . ARG A 1 45  ? -3.575  -16.406 4.333   1.00 36.45 ? 45  ARG A NH1 1 
ATOM   383  N NH2 . ARG A 1 45  ? -3.088  -16.628 2.101   1.00 28.43 ? 45  ARG A NH2 1 
ATOM   384  N N   . ILE A 1 46  ? -10.353 -19.357 2.666   1.00 43.33 ? 46  ILE A N   1 
ATOM   385  C CA  . ILE A 1 46  ? -11.221 -20.167 3.513   1.00 57.57 ? 46  ILE A CA  1 
ATOM   386  C C   . ILE A 1 46  ? -10.702 -20.292 4.946   1.00 57.19 ? 46  ILE A C   1 
ATOM   387  O O   . ILE A 1 46  ? -9.495  -20.299 5.184   1.00 46.82 ? 46  ILE A O   1 
ATOM   388  C CB  . ILE A 1 46  ? -11.441 -21.574 2.917   1.00 64.87 ? 46  ILE A CB  1 
ATOM   389  C CG1 . ILE A 1 46  ? -12.311 -22.416 3.852   1.00 70.80 ? 46  ILE A CG1 1 
ATOM   390  C CG2 . ILE A 1 46  ? -10.110 -22.262 2.660   1.00 59.52 ? 46  ILE A CG2 1 
ATOM   391  C CD1 . ILE A 1 46  ? -12.564 -23.817 3.352   1.00 75.72 ? 46  ILE A CD1 1 
ATOM   392  N N   . LYS A 1 47  ? -11.634 -20.383 5.892   1.00 62.19 ? 47  LYS A N   1 
ATOM   393  C CA  . LYS A 1 47  ? -11.311 -20.521 7.307   1.00 58.84 ? 47  LYS A CA  1 
ATOM   394  C C   . LYS A 1 47  ? -10.144 -21.484 7.518   1.00 60.25 ? 47  LYS A C   1 
ATOM   395  O O   . LYS A 1 47  ? -10.099 -22.219 8.509   1.00 51.59 ? 47  LYS A O   1 
ATOM   396  C CB  . LYS A 1 47  ? -12.539 -21.004 8.084   1.00 58.90 ? 47  LYS A CB  1 
ATOM   397  C CG  . LYS A 1 47  ? -13.810 -20.199 7.822   1.00 72.43 ? 47  LYS A CG  1 
ATOM   398  C CD  . LYS A 1 47  ? -15.014 -20.835 8.508   1.00 54.37 ? 47  LYS A CD  1 
ATOM   399  C CE  . LYS A 1 47  ? -16.279 -20.014 8.298   1.00 75.95 ? 47  LYS A CE  1 
ATOM   400  N NZ  . LYS A 1 47  ? -17.475 -20.669 8.906   1.00 73.10 ? 47  LYS A NZ  1 
ATOM   401  N N   . HIS A 1 71  ? -14.903 -17.126 5.715   1.00 51.52 ? 71  HIS A N   1 
ATOM   402  C CA  . HIS A 1 71  ? -13.858 -16.702 4.791   1.00 58.34 ? 71  HIS A CA  1 
ATOM   403  C C   . HIS A 1 71  ? -13.288 -15.346 5.187   1.00 46.86 ? 71  HIS A C   1 
ATOM   404  O O   . HIS A 1 71  ? -13.943 -14.561 5.871   1.00 44.88 ? 71  HIS A O   1 
ATOM   405  C CB  . HIS A 1 71  ? -14.405 -16.628 3.365   1.00 58.61 ? 71  HIS A CB  1 
ATOM   406  C CG  . HIS A 1 71  ? -14.993 -17.908 2.873   1.00 74.05 ? 71  HIS A CG  1 
ATOM   407  N ND1 . HIS A 1 71  ? -14.264 -18.832 2.133   1.00 68.87 ? 71  HIS A ND1 1 
ATOM   408  C CD2 . HIS A 1 71  ? -16.230 -18.435 2.992   1.00 82.61 ? 71  HIS A CD2 1 
ATOM   409  C CE1 . HIS A 1 71  ? -15.032 -19.853 1.833   1.00 80.02 ? 71  HIS A CE1 1 
ATOM   410  N NE2 . HIS A 1 71  ? -16.238 -19.643 2.343   1.00 91.70 ? 71  HIS A NE2 1 
ATOM   411  N N   . VAL A 1 72  ? -12.062 -15.076 4.752   1.00 37.33 ? 72  VAL A N   1 
ATOM   412  C CA  . VAL A 1 72  ? -11.438 -13.780 4.976   1.00 31.62 ? 72  VAL A CA  1 
ATOM   413  C C   . VAL A 1 72  ? -10.796 -13.301 3.685   1.00 31.46 ? 72  VAL A C   1 
ATOM   414  O O   . VAL A 1 72  ? -10.727 -14.045 2.706   1.00 33.42 ? 72  VAL A O   1 
ATOM   415  C CB  . VAL A 1 72  ? -10.357 -13.845 6.071   1.00 30.56 ? 72  VAL A CB  1 
ATOM   416  C CG1 . VAL A 1 72  ? -10.973 -14.220 7.411   1.00 29.97 ? 72  VAL A CG1 1 
ATOM   417  C CG2 . VAL A 1 72  ? -9.264  -14.830 5.681   1.00 25.80 ? 72  VAL A CG2 1 
ATOM   418  N N   . ILE A 1 73  ? -10.335 -12.055 3.681   1.00 38.10 ? 73  ILE A N   1 
ATOM   419  C CA  . ILE A 1 73  ? -9.616  -11.520 2.534   1.00 32.98 ? 73  ILE A CA  1 
ATOM   420  C C   . ILE A 1 73  ? -8.161  -11.938 2.644   1.00 24.63 ? 73  ILE A C   1 
ATOM   421  O O   . ILE A 1 73  ? -7.521  -11.712 3.670   1.00 27.07 ? 73  ILE A O   1 
ATOM   422  C CB  . ILE A 1 73  ? -9.708  -9.985  2.476   1.00 33.50 ? 73  ILE A CB  1 
ATOM   423  C CG1 . ILE A 1 73  ? -11.174 -9.545  2.488   1.00 32.35 ? 73  ILE A CG1 1 
ATOM   424  C CG2 . ILE A 1 73  ? -8.986  -9.452  1.245   1.00 21.51 ? 73  ILE A CG2 1 
ATOM   425  C CD1 . ILE A 1 73  ? -11.995 -10.147 1.370   1.00 36.63 ? 73  ILE A CD1 1 
ATOM   426  N N   . ASP A 1 74  ? -7.638  -12.558 1.592   1.00 22.71 ? 74  ASP A N   1 
ATOM   427  C CA  . ASP A 1 74  ? -6.281  -13.091 1.636   1.00 25.73 ? 74  ASP A CA  1 
ATOM   428  C C   . ASP A 1 74  ? -5.239  -12.030 1.966   1.00 25.04 ? 74  ASP A C   1 
ATOM   429  O O   . ASP A 1 74  ? -4.380  -12.248 2.814   1.00 28.37 ? 74  ASP A O   1 
ATOM   430  C CB  . ASP A 1 74  ? -5.924  -13.815 0.334   1.00 26.73 ? 74  ASP A CB  1 
ATOM   431  C CG  . ASP A 1 74  ? -6.199  -12.977 -0.900  1.00 31.62 ? 74  ASP A CG  1 
ATOM   432  O OD1 . ASP A 1 74  ? -6.474  -11.764 -0.766  1.00 26.37 ? 74  ASP A OD1 1 
ATOM   433  O OD2 . ASP A 1 74  ? -6.129  -13.537 -2.013  1.00 28.63 ? 74  ASP A OD2 1 
ATOM   434  N N   . ILE A 1 75  ? -5.319  -10.887 1.296   1.00 23.59 ? 75  ILE A N   1 
ATOM   435  C CA  . ILE A 1 75  ? -4.391  -9.788  1.537   1.00 27.22 ? 75  ILE A CA  1 
ATOM   436  C C   . ILE A 1 75  ? -4.363  -9.407  3.015   1.00 27.23 ? 75  ILE A C   1 
ATOM   437  O O   . ILE A 1 75  ? -3.301  -9.381  3.637   1.00 26.83 ? 75  ILE A O   1 
ATOM   438  C CB  . ILE A 1 75  ? -4.752  -8.546  0.699   1.00 28.44 ? 75  ILE A CB  1 
ATOM   439  C CG1 . ILE A 1 75  ? -4.386  -8.763  -0.771  1.00 24.38 ? 75  ILE A CG1 1 
ATOM   440  C CG2 . ILE A 1 75  ? -4.031  -7.317  1.227   1.00 24.77 ? 75  ILE A CG2 1 
ATOM   441  C CD1 . ILE A 1 75  ? -2.911  -8.564  -1.069  1.00 24.45 ? 75  ILE A CD1 1 
ATOM   442  N N   . VAL A 1 76  ? -5.536  -9.122  3.572   1.00 27.43 ? 76  VAL A N   1 
ATOM   443  C CA  . VAL A 1 76  ? -5.652  -8.725  4.972   1.00 26.12 ? 76  VAL A CA  1 
ATOM   444  C C   . VAL A 1 76  ? -5.130  -9.803  5.923   1.00 26.78 ? 76  VAL A C   1 
ATOM   445  O O   . VAL A 1 76  ? -4.366  -9.513  6.844   1.00 31.58 ? 76  VAL A O   1 
ATOM   446  C CB  . VAL A 1 76  ? -7.111  -8.388  5.336   1.00 28.05 ? 76  VAL A CB  1 
ATOM   447  C CG1 . VAL A 1 76  ? -7.247  -8.144  6.830   1.00 23.87 ? 76  VAL A CG1 1 
ATOM   448  C CG2 . VAL A 1 76  ? -7.595  -7.180  4.538   1.00 22.33 ? 76  VAL A CG2 1 
ATOM   449  N N   . ASP A 1 77  ? -5.549  -11.045 5.694   1.00 27.75 ? 77  ASP A N   1 
ATOM   450  C CA  . ASP A 1 77  ? -5.144  -12.168 6.534   1.00 25.29 ? 77  ASP A CA  1 
ATOM   451  C C   . ASP A 1 77  ? -3.650  -12.451 6.409   1.00 26.66 ? 77  ASP A C   1 
ATOM   452  O O   . ASP A 1 77  ? -2.944  -12.578 7.409   1.00 32.93 ? 77  ASP A O   1 
ATOM   453  C CB  . ASP A 1 77  ? -5.952  -13.418 6.164   1.00 25.10 ? 77  ASP A CB  1 
ATOM   454  C CG  . ASP A 1 77  ? -5.629  -14.612 7.048   1.00 23.89 ? 77  ASP A CG  1 
ATOM   455  O OD1 . ASP A 1 77  ? -6.093  -14.638 8.208   1.00 27.70 ? 77  ASP A OD1 1 
ATOM   456  O OD2 . ASP A 1 77  ? -4.923  -15.529 6.580   1.00 27.57 ? 77  ASP A OD2 1 
ATOM   457  N N   . SER A 1 78  ? -3.174  -12.538 5.171   1.00 27.39 ? 78  SER A N   1 
ATOM   458  C CA  . SER A 1 78  ? -1.799  -12.935 4.896   1.00 24.73 ? 78  SER A CA  1 
ATOM   459  C C   . SER A 1 78  ? -0.771  -11.993 5.518   1.00 27.98 ? 78  SER A C   1 
ATOM   460  O O   . SER A 1 78  ? 0.286   -12.432 5.971   1.00 31.34 ? 78  SER A O   1 
ATOM   461  C CB  . SER A 1 78  ? -1.571  -13.033 3.384   1.00 27.01 ? 78  SER A CB  1 
ATOM   462  O OG  . SER A 1 78  ? -0.889  -14.228 3.048   1.00 32.39 ? 78  SER A OG  1 
ATOM   463  N N   . PHE A 1 79  ? -1.082  -10.701 5.544   1.00 26.27 ? 79  PHE A N   1 
ATOM   464  C CA  . PHE A 1 79  ? -0.124  -9.702  6.010   1.00 24.36 ? 79  PHE A CA  1 
ATOM   465  C C   . PHE A 1 79  ? -0.575  -9.013  7.294   1.00 25.66 ? 79  PHE A C   1 
ATOM   466  O O   . PHE A 1 79  ? -0.051  -7.961  7.660   1.00 27.30 ? 79  PHE A O   1 
ATOM   467  C CB  . PHE A 1 79  ? 0.142   -8.668  4.912   1.00 22.98 ? 79  PHE A CB  1 
ATOM   468  C CG  . PHE A 1 79  ? 0.636   -9.265  3.626   1.00 24.94 ? 79  PHE A CG  1 
ATOM   469  C CD1 . PHE A 1 79  ? 1.967   -9.611  3.474   1.00 18.65 ? 79  PHE A CD1 1 
ATOM   470  C CD2 . PHE A 1 79  ? -0.233  -9.484  2.571   1.00 21.62 ? 79  PHE A CD2 1 
ATOM   471  C CE1 . PHE A 1 79  ? 2.423   -10.163 2.294   1.00 20.20 ? 79  PHE A CE1 1 
ATOM   472  C CE2 . PHE A 1 79  ? 0.217   -10.035 1.388   1.00 20.36 ? 79  PHE A CE2 1 
ATOM   473  C CZ  . PHE A 1 79  ? 1.548   -10.375 1.249   1.00 20.07 ? 79  PHE A CZ  1 
ATOM   474  N N   . GLN A 1 80  ? -1.546  -9.616  7.971   1.00 26.80 ? 80  GLN A N   1 
ATOM   475  C CA  . GLN A 1 80  ? -2.029  -9.111  9.252   1.00 30.62 ? 80  GLN A CA  1 
ATOM   476  C C   . GLN A 1 80  ? -2.327  -7.612  9.237   1.00 27.47 ? 80  GLN A C   1 
ATOM   477  O O   . GLN A 1 80  ? -1.866  -6.871  10.105  1.00 32.65 ? 80  GLN A O   1 
ATOM   478  C CB  . GLN A 1 80  ? -1.036  -9.446  10.370  1.00 26.66 ? 80  GLN A CB  1 
ATOM   479  C CG  . GLN A 1 80  ? -0.974  -10.931 10.712  1.00 37.92 ? 80  GLN A CG  1 
ATOM   480  C CD  . GLN A 1 80  ? 0.217   -11.289 11.584  1.00 46.87 ? 80  GLN A CD  1 
ATOM   481  O OE1 . GLN A 1 80  ? 1.335   -11.450 11.092  1.00 46.62 ? 80  GLN A OE1 1 
ATOM   482  N NE2 . GLN A 1 80  ? -0.017  -11.416 12.885  1.00 47.42 ? 80  GLN A NE2 1 
ATOM   483  N N   . LEU A 1 81  ? -3.099  -7.171  8.247   1.00 29.21 ? 81  LEU A N   1 
ATOM   484  C CA  . LEU A 1 81  ? -3.553  -5.788  8.191   1.00 27.85 ? 81  LEU A CA  1 
ATOM   485  C C   . LEU A 1 81  ? -4.784  -5.621  9.070   1.00 29.61 ? 81  LEU A C   1 
ATOM   486  O O   . LEU A 1 81  ? -5.494  -6.587  9.345   1.00 25.44 ? 81  LEU A O   1 
ATOM   487  C CB  . LEU A 1 81  ? -3.894  -5.392  6.756   1.00 25.54 ? 81  LEU A CB  1 
ATOM   488  C CG  . LEU A 1 81  ? -2.868  -5.773  5.691   1.00 27.59 ? 81  LEU A CG  1 
ATOM   489  C CD1 . LEU A 1 81  ? -3.377  -5.412  4.306   1.00 26.99 ? 81  LEU A CD1 1 
ATOM   490  C CD2 . LEU A 1 81  ? -1.531  -5.106  5.971   1.00 20.06 ? 81  LEU A CD2 1 
ATOM   491  N N   . THR A 1 82  ? -5.034  -4.391  9.502   1.00 27.51 ? 82  THR A N   1 
ATOM   492  C CA  . THR A 1 82  ? -6.203  -4.086  10.315  1.00 23.59 ? 82  THR A CA  1 
ATOM   493  C C   . THR A 1 82  ? -6.868  -2.805  9.828   1.00 25.35 ? 82  THR A C   1 
ATOM   494  O O   . THR A 1 82  ? -6.227  -1.759  9.729   1.00 30.37 ? 82  THR A O   1 
ATOM   495  C CB  . THR A 1 82  ? -5.841  -3.932  11.803  1.00 25.62 ? 82  THR A CB  1 
ATOM   496  O OG1 . THR A 1 82  ? -5.100  -5.078  12.239  1.00 28.70 ? 82  THR A OG1 1 
ATOM   497  C CG2 . THR A 1 82  ? -7.100  -3.797  12.646  1.00 26.95 ? 82  THR A CG2 1 
ATOM   498  N N   . SER A 1 83  ? -8.157  -2.893  9.521   1.00 24.34 ? 83  SER A N   1 
ATOM   499  C CA  . SER A 1 83  ? -8.899  -1.748  9.010   1.00 26.51 ? 83  SER A CA  1 
ATOM   500  C C   . SER A 1 83  ? -9.004  -0.643  10.054  1.00 28.17 ? 83  SER A C   1 
ATOM   501  O O   . SER A 1 83  ? -9.211  -0.907  11.238  1.00 27.61 ? 83  SER A O   1 
ATOM   502  C CB  . SER A 1 83  ? -10.299 -2.172  8.570   1.00 28.49 ? 83  SER A CB  1 
ATOM   503  O OG  . SER A 1 83  ? -11.112 -2.467  9.689   1.00 30.93 ? 83  SER A OG  1 
ATOM   504  N N   . THR A 1 84  ? -8.862  0.599   9.604   1.00 29.68 ? 84  THR A N   1 
ATOM   505  C CA  . THR A 1 84  ? -9.010  1.750   10.481  1.00 30.06 ? 84  THR A CA  1 
ATOM   506  C C   . THR A 1 84  ? -10.057 2.700   9.915   1.00 34.90 ? 84  THR A C   1 
ATOM   507  O O   . THR A 1 84  ? -10.248 2.779   8.701   1.00 30.82 ? 84  THR A O   1 
ATOM   508  C CB  . THR A 1 84  ? -7.674  2.497   10.663  1.00 37.39 ? 84  THR A CB  1 
ATOM   509  O OG1 . THR A 1 84  ? -7.854  3.594   11.566  1.00 38.75 ? 84  THR A OG1 1 
ATOM   510  C CG2 . THR A 1 84  ? -7.166  3.021   9.327   1.00 31.46 ? 84  THR A CG2 1 
ATOM   511  N N   . ALA A 1 85  ? -10.741 3.416   10.800  1.00 32.25 ? 85  ALA A N   1 
ATOM   512  C CA  . ALA A 1 85  ? -11.780 4.350   10.382  1.00 38.51 ? 85  ALA A CA  1 
ATOM   513  C C   . ALA A 1 85  ? -11.244 5.774   10.260  1.00 37.91 ? 85  ALA A C   1 
ATOM   514  O O   . ALA A 1 85  ? -10.706 6.331   11.216  1.00 37.65 ? 85  ALA A O   1 
ATOM   515  C CB  . ALA A 1 85  ? -12.959 4.301   11.349  1.00 35.23 ? 85  ALA A CB  1 
ATOM   516  N N   . PHE A 1 86  ? -11.385 6.351   9.071   1.00 32.80 ? 86  PHE A N   1 
ATOM   517  C CA  . PHE A 1 86  ? -11.017 7.742   8.836   1.00 33.29 ? 86  PHE A CA  1 
ATOM   518  C C   . PHE A 1 86  ? -12.232 8.574   8.449   1.00 39.41 ? 86  PHE A C   1 
ATOM   519  O O   . PHE A 1 86  ? -13.039 8.159   7.619   1.00 41.34 ? 86  PHE A O   1 
ATOM   520  C CB  . PHE A 1 86  ? -9.984  7.854   7.710   1.00 32.09 ? 86  PHE A CB  1 
ATOM   521  C CG  . PHE A 1 86  ? -8.559  7.719   8.165   1.00 36.38 ? 86  PHE A CG  1 
ATOM   522  C CD1 . PHE A 1 86  ? -7.992  8.658   9.012   1.00 35.54 ? 86  PHE A CD1 1 
ATOM   523  C CD2 . PHE A 1 86  ? -7.777  6.669   7.719   1.00 31.79 ? 86  PHE A CD2 1 
ATOM   524  C CE1 . PHE A 1 86  ? -6.676  8.538   9.420   1.00 32.09 ? 86  PHE A CE1 1 
ATOM   525  C CE2 . PHE A 1 86  ? -6.460  6.544   8.122   1.00 28.84 ? 86  PHE A CE2 1 
ATOM   526  C CZ  . PHE A 1 86  ? -5.910  7.479   8.975   1.00 28.32 ? 86  PHE A CZ  1 
ATOM   527  N N   . SER A 1 87  ? -12.364 9.749   9.055   1.00 33.35 ? 87  SER A N   1 
ATOM   528  C CA  . SER A 1 87  ? -13.263 10.762  8.525   1.00 35.67 ? 87  SER A CA  1 
ATOM   529  C C   . SER A 1 87  ? -12.445 11.517  7.490   1.00 39.21 ? 87  SER A C   1 
ATOM   530  O O   . SER A 1 87  ? -11.217 11.530  7.564   1.00 35.97 ? 87  SER A O   1 
ATOM   531  C CB  . SER A 1 87  ? -13.738 11.712  9.625   1.00 31.96 ? 87  SER A CB  1 
ATOM   532  O OG  . SER A 1 87  ? -12.724 12.640  9.968   1.00 37.61 ? 87  SER A OG  1 
ATOM   533  N N   . LYS A 1 88  ? -13.105 12.140  6.524   1.00 38.26 ? 88  LYS A N   1 
ATOM   534  C CA  . LYS A 1 88  ? -12.377 12.799  5.445   1.00 37.01 ? 88  LYS A CA  1 
ATOM   535  C C   . LYS A 1 88  ? -11.410 13.851  5.978   1.00 40.44 ? 88  LYS A C   1 
ATOM   536  O O   . LYS A 1 88  ? -10.375 14.125  5.368   1.00 44.61 ? 88  LYS A O   1 
ATOM   537  C CB  . LYS A 1 88  ? -13.335 13.417  4.426   1.00 32.96 ? 88  LYS A CB  1 
ATOM   538  C CG  . LYS A 1 88  ? -12.646 13.896  3.161   1.00 38.71 ? 88  LYS A CG  1 
ATOM   539  C CD  . LYS A 1 88  ? -13.652 14.261  2.088   1.00 31.99 ? 88  LYS A CD  1 
ATOM   540  C CE  . LYS A 1 88  ? -12.959 14.617  0.784   1.00 30.07 ? 88  LYS A CE  1 
ATOM   541  N NZ  . LYS A 1 88  ? -13.944 14.969  -0.273  1.00 38.67 ? 88  LYS A NZ  1 
ATOM   542  N N   . LYS A 1 89  ? -11.750 14.432  7.123   1.00 43.38 ? 89  LYS A N   1 
ATOM   543  C CA  . LYS A 1 89  ? -10.901 15.437  7.747   1.00 44.89 ? 89  LYS A CA  1 
ATOM   544  C C   . LYS A 1 89  ? -9.701  14.796  8.429   1.00 38.72 ? 89  LYS A C   1 
ATOM   545  O O   . LYS A 1 89  ? -8.570  15.260  8.284   1.00 36.04 ? 89  LYS A O   1 
ATOM   546  C CB  . LYS A 1 89  ? -11.699 16.260  8.755   1.00 48.33 ? 89  LYS A CB  1 
ATOM   547  C CG  . LYS A 1 89  ? -10.931 17.429  9.338   1.00 54.54 ? 89  LYS A CG  1 
ATOM   548  C CD  . LYS A 1 89  ? -11.873 18.442  9.957   1.00 64.00 ? 89  LYS A CD  1 
ATOM   549  C CE  . LYS A 1 89  ? -11.121 19.692  10.379  1.00 62.89 ? 89  LYS A CE  1 
ATOM   550  N NZ  . LYS A 1 89  ? -12.046 20.775  10.813  1.00 56.98 ? 89  LYS A NZ  1 
ATOM   551  N N   . GLU A 1 90  ? -9.950  13.725  9.175   1.00 39.52 ? 90  GLU A N   1 
ATOM   552  C CA  . GLU A 1 90  ? -8.875  13.015  9.857   1.00 35.36 ? 90  GLU A CA  1 
ATOM   553  C C   . GLU A 1 90  ? -7.858  12.470  8.861   1.00 39.03 ? 90  GLU A C   1 
ATOM   554  O O   . GLU A 1 90  ? -6.656  12.482  9.123   1.00 41.24 ? 90  GLU A O   1 
ATOM   555  C CB  . GLU A 1 90  ? -9.431  11.877  10.717  1.00 35.41 ? 90  GLU A CB  1 
ATOM   556  C CG  . GLU A 1 90  ? -10.354 12.340  11.832  1.00 39.21 ? 90  GLU A CG  1 
ATOM   557  C CD  . GLU A 1 90  ? -10.796 11.203  12.734  1.00 40.19 ? 90  GLU A CD  1 
ATOM   558  O OE1 . GLU A 1 90  ? -11.067 10.097  12.217  1.00 39.87 ? 90  GLU A OE1 1 
ATOM   559  O OE2 . GLU A 1 90  ? -10.869 11.416  13.963  1.00 46.12 ? 90  GLU A OE2 1 
ATOM   560  N N   . TYR A 1 91  ? -8.344  11.995  7.718   1.00 39.48 ? 91  TYR A N   1 
ATOM   561  C CA  . TYR A 1 91  ? -7.466  11.443  6.693   1.00 35.31 ? 91  TYR A CA  1 
ATOM   562  C C   . TYR A 1 91  ? -6.606  12.525  6.053   1.00 41.06 ? 91  TYR A C   1 
ATOM   563  O O   . TYR A 1 91  ? -5.425  12.313  5.782   1.00 38.01 ? 91  TYR A O   1 
ATOM   564  C CB  . TYR A 1 91  ? -8.269  10.709  5.617   1.00 32.95 ? 91  TYR A CB  1 
ATOM   565  C CG  . TYR A 1 91  ? -7.436  10.322  4.416   1.00 38.12 ? 91  TYR A CG  1 
ATOM   566  C CD1 . TYR A 1 91  ? -6.497  9.303   4.497   1.00 38.35 ? 91  TYR A CD1 1 
ATOM   567  C CD2 . TYR A 1 91  ? -7.581  10.983  3.203   1.00 32.29 ? 91  TYR A CD2 1 
ATOM   568  C CE1 . TYR A 1 91  ? -5.729  8.949   3.404   1.00 30.34 ? 91  TYR A CE1 1 
ATOM   569  C CE2 . TYR A 1 91  ? -6.817  10.634  2.102   1.00 30.22 ? 91  TYR A CE2 1 
ATOM   570  C CZ  . TYR A 1 91  ? -5.893  9.616   2.212   1.00 27.61 ? 91  TYR A CZ  1 
ATOM   571  O OH  . TYR A 1 91  ? -5.130  9.263   1.124   1.00 31.23 ? 91  TYR A OH  1 
ATOM   572  N N   . SER A 1 92  ? -7.210  13.682  5.805   1.00 34.04 ? 92  SER A N   1 
ATOM   573  C CA  . SER A 1 92  ? -6.490  14.802  5.218   1.00 38.10 ? 92  SER A CA  1 
ATOM   574  C C   . SER A 1 92  ? -5.327  15.204  6.118   1.00 36.45 ? 92  SER A C   1 
ATOM   575  O O   . SER A 1 92  ? -4.222  15.475  5.642   1.00 34.60 ? 92  SER A O   1 
ATOM   576  C CB  . SER A 1 92  ? -7.434  15.981  4.979   1.00 36.63 ? 92  SER A CB  1 
ATOM   577  O OG  . SER A 1 92  ? -8.409  15.654  4.000   1.00 34.77 ? 92  SER A OG  1 
ATOM   578  N N   . ALA A 1 93  ? -5.577  15.225  7.423   1.00 38.86 ? 93  ALA A N   1 
ATOM   579  C CA  . ALA A 1 93  ? -4.528  15.507  8.394   1.00 35.70 ? 93  ALA A CA  1 
ATOM   580  C C   . ALA A 1 93  ? -3.417  14.468  8.292   1.00 37.86 ? 93  ALA A C   1 
ATOM   581  O O   . ALA A 1 93  ? -2.235  14.811  8.239   1.00 36.99 ? 93  ALA A O   1 
ATOM   582  C CB  . ALA A 1 93  ? -5.104  15.533  9.805   1.00 31.03 ? 93  ALA A CB  1 
ATOM   583  N N   . TYR A 1 94  ? -3.806  13.195  8.255   1.00 39.28 ? 94  TYR A N   1 
ATOM   584  C CA  . TYR A 1 94  ? -2.850  12.098  8.144   1.00 37.84 ? 94  TYR A CA  1 
ATOM   585  C C   . TYR A 1 94  ? -2.009  12.179  6.873   1.00 32.45 ? 94  TYR A C   1 
ATOM   586  O O   . TYR A 1 94  ? -0.781  12.228  6.933   1.00 34.09 ? 94  TYR A O   1 
ATOM   587  C CB  . TYR A 1 94  ? -3.566  10.745  8.198   1.00 31.63 ? 94  TYR A CB  1 
ATOM   588  C CG  . TYR A 1 94  ? -2.756  9.629   7.580   1.00 36.97 ? 94  TYR A CG  1 
ATOM   589  C CD1 . TYR A 1 94  ? -1.747  8.999   8.296   1.00 36.80 ? 94  TYR A CD1 1 
ATOM   590  C CD2 . TYR A 1 94  ? -2.988  9.218   6.273   1.00 31.41 ? 94  TYR A CD2 1 
ATOM   591  C CE1 . TYR A 1 94  ? -0.998  7.987   7.730   1.00 33.61 ? 94  TYR A CE1 1 
ATOM   592  C CE2 . TYR A 1 94  ? -2.242  8.206   5.700   1.00 27.20 ? 94  TYR A CE2 1 
ATOM   593  C CZ  . TYR A 1 94  ? -1.249  7.595   6.433   1.00 32.02 ? 94  TYR A CZ  1 
ATOM   594  O OH  . TYR A 1 94  ? -0.503  6.586   5.868   1.00 34.81 ? 94  TYR A OH  1 
ATOM   595  N N   . ILE A 1 95  ? -2.679  12.190  5.723   1.00 34.64 ? 95  ILE A N   1 
ATOM   596  C CA  . ILE A 1 95  ? -1.994  12.092  4.438   1.00 31.39 ? 95  ILE A CA  1 
ATOM   597  C C   . ILE A 1 95  ? -0.985  13.216  4.220   1.00 29.58 ? 95  ILE A C   1 
ATOM   598  O O   . ILE A 1 95  ? 0.059   13.008  3.603   1.00 30.43 ? 95  ILE A O   1 
ATOM   599  C CB  . ILE A 1 95  ? -2.986  12.049  3.258   1.00 30.01 ? 95  ILE A CB  1 
ATOM   600  C CG1 . ILE A 1 95  ? -2.266  11.635  1.973   1.00 30.16 ? 95  ILE A CG1 1 
ATOM   601  C CG2 . ILE A 1 95  ? -3.681  13.394  3.087   1.00 29.74 ? 95  ILE A CG2 1 
ATOM   602  C CD1 . ILE A 1 95  ? -1.554  10.302  2.080   1.00 31.46 ? 95  ILE A CD1 1 
ATOM   603  N N   . LYS A 1 96  ? -1.293  14.404  4.727   1.00 32.08 ? 96  LYS A N   1 
ATOM   604  C CA  . LYS A 1 96  ? -0.377  15.529  4.599   1.00 35.91 ? 96  LYS A CA  1 
ATOM   605  C C   . LYS A 1 96  ? 0.920   15.248  5.344   1.00 36.19 ? 96  LYS A C   1 
ATOM   606  O O   . LYS A 1 96  ? 2.008   15.371  4.782   1.00 35.45 ? 96  LYS A O   1 
ATOM   607  C CB  . LYS A 1 96  ? -1.011  16.822  5.112   1.00 40.73 ? 96  LYS A CB  1 
ATOM   608  C CG  . LYS A 1 96  ? -0.095  18.033  4.997   1.00 39.98 ? 96  LYS A CG  1 
ATOM   609  C CD  . LYS A 1 96  ? -0.851  19.332  5.225   1.00 54.32 ? 96  LYS A CD  1 
ATOM   610  C CE  . LYS A 1 96  ? 0.058   20.538  5.020   1.00 66.72 ? 96  LYS A CE  1 
ATOM   611  N NZ  . LYS A 1 96  ? -0.688  21.828  5.095   1.00 51.29 ? 96  LYS A NZ  1 
ATOM   612  N N   . ASN A 1 97  ? 0.799   14.866  6.612   1.00 32.31 ? 97  ASN A N   1 
ATOM   613  C CA  . ASN A 1 97  ? 1.964   14.534  7.424   1.00 34.60 ? 97  ASN A CA  1 
ATOM   614  C C   . ASN A 1 97  ? 2.743   13.351  6.866   1.00 34.32 ? 97  ASN A C   1 
ATOM   615  O O   . ASN A 1 97  ? 3.971   13.323  6.922   1.00 32.09 ? 97  ASN A O   1 
ATOM   616  C CB  . ASN A 1 97  ? 1.557   14.250  8.871   1.00 35.98 ? 97  ASN A CB  1 
ATOM   617  C CG  . ASN A 1 97  ? 1.218   15.511  9.640   1.00 39.72 ? 97  ASN A CG  1 
ATOM   618  O OD1 . ASN A 1 97  ? 2.105   16.271  10.026  1.00 41.28 ? 97  ASN A OD1 1 
ATOM   619  N ND2 . ASN A 1 97  ? -0.070  15.734  9.876   1.00 41.50 ? 97  ASN A ND2 1 
ATOM   620  N N   . TYR A 1 98  ? 2.023   12.369  6.332   1.00 33.53 ? 98  TYR A N   1 
ATOM   621  C CA  . TYR A 1 98  ? 2.654   11.166  5.802   1.00 28.31 ? 98  TYR A CA  1 
ATOM   622  C C   . TYR A 1 98  ? 3.459   11.465  4.539   1.00 28.68 ? 98  TYR A C   1 
ATOM   623  O O   . TYR A 1 98  ? 4.559   10.943  4.360   1.00 30.27 ? 98  TYR A O   1 
ATOM   624  C CB  . TYR A 1 98  ? 1.612   10.077  5.528   1.00 28.07 ? 98  TYR A CB  1 
ATOM   625  C CG  . TYR A 1 98  ? 2.198   8.811   4.944   1.00 28.38 ? 98  TYR A CG  1 
ATOM   626  C CD1 . TYR A 1 98  ? 3.027   7.994   5.700   1.00 33.89 ? 98  TYR A CD1 1 
ATOM   627  C CD2 . TYR A 1 98  ? 1.915   8.428   3.639   1.00 25.89 ? 98  TYR A CD2 1 
ATOM   628  C CE1 . TYR A 1 98  ? 3.565   6.835   5.170   1.00 28.03 ? 98  TYR A CE1 1 
ATOM   629  C CE2 . TYR A 1 98  ? 2.446   7.272   3.103   1.00 29.25 ? 98  TYR A CE2 1 
ATOM   630  C CZ  . TYR A 1 98  ? 3.270   6.479   3.870   1.00 30.58 ? 98  TYR A CZ  1 
ATOM   631  O OH  . TYR A 1 98  ? 3.797   5.328   3.330   1.00 26.86 ? 98  TYR A OH  1 
ATOM   632  N N   . MET A 1 99  ? 2.904   12.302  3.668   1.00 30.53 ? 99  MET A N   1 
ATOM   633  C CA  . MET A 1 99  ? 3.585   12.681  2.435   1.00 29.29 ? 99  MET A CA  1 
ATOM   634  C C   . MET A 1 99  ? 4.900   13.391  2.731   1.00 32.28 ? 99  MET A C   1 
ATOM   635  O O   . MET A 1 99  ? 5.905   13.161  2.058   1.00 36.01 ? 99  MET A O   1 
ATOM   636  C CB  . MET A 1 99  ? 2.690   13.577  1.577   1.00 36.72 ? 99  MET A CB  1 
ATOM   637  C CG  . MET A 1 99  ? 1.461   12.886  1.000   1.00 37.63 ? 99  MET A CG  1 
ATOM   638  S SD  . MET A 1 99  ? 1.828   11.602  -0.212  1.00 45.54 ? 99  MET A SD  1 
ATOM   639  C CE  . MET A 1 99  ? 1.870   10.135  0.825   1.00 29.60 ? 99  MET A CE  1 
ATOM   640  N N   . GLN A 1 100 ? 4.881   14.262  3.734   1.00 31.74 ? 100 GLN A N   1 
ATOM   641  C CA  . GLN A 1 100 ? 6.081   14.970  4.158   1.00 31.23 ? 100 GLN A CA  1 
ATOM   642  C C   . GLN A 1 100 ? 7.052   14.003  4.823   1.00 32.16 ? 100 GLN A C   1 
ATOM   643  O O   . GLN A 1 100 ? 8.268   14.121  4.668   1.00 32.20 ? 100 GLN A O   1 
ATOM   644  C CB  . GLN A 1 100 ? 5.725   16.111  5.114   1.00 34.14 ? 100 GLN A CB  1 
ATOM   645  C CG  . GLN A 1 100 ? 5.032   17.296  4.449   1.00 40.64 ? 100 GLN A CG  1 
ATOM   646  C CD  . GLN A 1 100 ? 4.534   18.320  5.456   1.00 51.58 ? 100 GLN A CD  1 
ATOM   647  O OE1 . GLN A 1 100 ? 4.647   18.122  6.666   1.00 53.84 ? 100 GLN A OE1 1 
ATOM   648  N NE2 . GLN A 1 100 ? 3.976   19.418  4.958   1.00 57.04 ? 100 GLN A NE2 1 
ATOM   649  N N   . LYS A 1 101 ? 6.505   13.042  5.560   1.00 37.70 ? 101 LYS A N   1 
ATOM   650  C CA  . LYS A 1 101 ? 7.312   12.033  6.233   1.00 32.54 ? 101 LYS A CA  1 
ATOM   651  C C   . LYS A 1 101 ? 8.048   11.162  5.221   1.00 32.30 ? 101 LYS A C   1 
ATOM   652  O O   . LYS A 1 101 ? 9.214   10.817  5.414   1.00 33.29 ? 101 LYS A O   1 
ATOM   653  C CB  . LYS A 1 101 ? 6.429   11.163  7.132   1.00 31.62 ? 101 LYS A CB  1 
ATOM   654  C CG  . LYS A 1 101 ? 7.188   10.120  7.933   1.00 34.73 ? 101 LYS A CG  1 
ATOM   655  C CD  . LYS A 1 101 ? 6.244   9.254   8.750   1.00 32.44 ? 101 LYS A CD  1 
ATOM   656  C CE  . LYS A 1 101 ? 7.003   8.234   9.579   1.00 31.49 ? 101 LYS A CE  1 
ATOM   657  N NZ  . LYS A 1 101 ? 7.845   8.878   10.624  1.00 40.67 ? 101 LYS A NZ  1 
ATOM   658  N N   . VAL A 1 102 ? 7.355   10.811  4.142   1.00 32.98 ? 102 VAL A N   1 
ATOM   659  C CA  . VAL A 1 102 ? 7.922   9.969   3.093   1.00 33.65 ? 102 VAL A CA  1 
ATOM   660  C C   . VAL A 1 102 ? 8.894   10.751  2.219   1.00 33.53 ? 102 VAL A C   1 
ATOM   661  O O   . VAL A 1 102 ? 9.981   10.267  1.896   1.00 35.01 ? 102 VAL A O   1 
ATOM   662  C CB  . VAL A 1 102 ? 6.819   9.364   2.203   1.00 33.02 ? 102 VAL A CB  1 
ATOM   663  C CG1 . VAL A 1 102 ? 7.429   8.673   0.991   1.00 27.86 ? 102 VAL A CG1 1 
ATOM   664  C CG2 . VAL A 1 102 ? 5.966   8.395   3.005   1.00 25.75 ? 102 VAL A CG2 1 
ATOM   665  N N   . ALA A 1 103 ? 8.496   11.959  1.837   1.00 34.01 ? 103 ALA A N   1 
ATOM   666  C CA  . ALA A 1 103 ? 9.355   12.841  1.056   1.00 37.22 ? 103 ALA A CA  1 
ATOM   667  C C   . ALA A 1 103 ? 10.668  13.072  1.789   1.00 37.86 ? 103 ALA A C   1 
ATOM   668  O O   . ALA A 1 103 ? 11.737  13.094  1.181   1.00 34.37 ? 103 ALA A O   1 
ATOM   669  C CB  . ALA A 1 103 ? 8.656   14.162  0.793   1.00 32.58 ? 103 ALA A CB  1 
ATOM   670  N N   . LYS A 1 104 ? 10.577  13.243  3.103   1.00 34.23 ? 104 LYS A N   1 
ATOM   671  C CA  . LYS A 1 104 ? 11.760  13.433  3.930   1.00 29.76 ? 104 LYS A CA  1 
ATOM   672  C C   . LYS A 1 104 ? 12.643  12.197  3.848   1.00 33.27 ? 104 LYS A C   1 
ATOM   673  O O   . LYS A 1 104 ? 13.855  12.300  3.665   1.00 37.62 ? 104 LYS A O   1 
ATOM   674  C CB  . LYS A 1 104 ? 11.361  13.710  5.381   1.00 35.03 ? 104 LYS A CB  1 
ATOM   675  C CG  . LYS A 1 104 ? 12.473  14.298  6.237   1.00 44.54 ? 104 LYS A CG  1 
ATOM   676  C CD  . LYS A 1 104 ? 11.922  14.803  7.563   1.00 60.46 ? 104 LYS A CD  1 
ATOM   677  C CE  . LYS A 1 104 ? 12.985  15.534  8.374   1.00 77.72 ? 104 LYS A CE  1 
ATOM   678  N NZ  . LYS A 1 104 ? 12.434  16.068  9.655   1.00 65.28 ? 104 LYS A NZ  1 
ATOM   679  N N   . TYR A 1 105 ? 12.026  11.028  3.979   1.00 32.69 ? 105 TYR A N   1 
ATOM   680  C CA  . TYR A 1 105 ? 12.741  9.763   3.851   1.00 30.53 ? 105 TYR A CA  1 
ATOM   681  C C   . TYR A 1 105 ? 13.490  9.685   2.525   1.00 35.00 ? 105 TYR A C   1 
ATOM   682  O O   . TYR A 1 105 ? 14.635  9.234   2.474   1.00 34.91 ? 105 TYR A O   1 
ATOM   683  C CB  . TYR A 1 105 ? 11.773  8.583   3.980   1.00 27.45 ? 105 TYR A CB  1 
ATOM   684  C CG  . TYR A 1 105 ? 12.354  7.263   3.524   1.00 29.24 ? 105 TYR A CG  1 
ATOM   685  C CD1 . TYR A 1 105 ? 13.188  6.524   4.355   1.00 34.10 ? 105 TYR A CD1 1 
ATOM   686  C CD2 . TYR A 1 105 ? 12.067  6.754   2.263   1.00 30.75 ? 105 TYR A CD2 1 
ATOM   687  C CE1 . TYR A 1 105 ? 13.723  5.319   3.941   1.00 30.05 ? 105 TYR A CE1 1 
ATOM   688  C CE2 . TYR A 1 105 ? 12.597  5.548   1.841   1.00 33.17 ? 105 TYR A CE2 1 
ATOM   689  C CZ  . TYR A 1 105 ? 13.425  4.835   2.684   1.00 37.08 ? 105 TYR A CZ  1 
ATOM   690  O OH  . TYR A 1 105 ? 13.954  3.635   2.266   1.00 38.45 ? 105 TYR A OH  1 
ATOM   691  N N   . LEU A 1 106 ? 12.836  10.130  1.456   1.00 35.30 ? 106 LEU A N   1 
ATOM   692  C CA  . LEU A 1 106 ? 13.423  10.084  0.121   1.00 34.46 ? 106 LEU A CA  1 
ATOM   693  C C   . LEU A 1 106 ? 14.635  11.001  0.006   1.00 35.49 ? 106 LEU A C   1 
ATOM   694  O O   . LEU A 1 106 ? 15.657  10.619  -0.559  1.00 38.70 ? 106 LEU A O   1 
ATOM   695  C CB  . LEU A 1 106 ? 12.377  10.439  -0.938  1.00 33.35 ? 106 LEU A CB  1 
ATOM   696  C CG  . LEU A 1 106 ? 11.263  9.401   -1.100  1.00 31.19 ? 106 LEU A CG  1 
ATOM   697  C CD1 . LEU A 1 106 ? 10.244  9.856   -2.132  1.00 33.17 ? 106 LEU A CD1 1 
ATOM   698  C CD2 . LEU A 1 106 ? 11.845  8.046   -1.477  1.00 33.25 ? 106 LEU A CD2 1 
ATOM   699  N N   . GLU A 1 107 ? 14.522  12.208  0.548   1.00 32.39 ? 107 GLU A N   1 
ATOM   700  C CA  . GLU A 1 107 ? 15.633  13.153  0.537   1.00 34.38 ? 107 GLU A CA  1 
ATOM   701  C C   . GLU A 1 107 ? 16.915  12.513  1.063   1.00 37.73 ? 107 GLU A C   1 
ATOM   702  O O   . GLU A 1 107 ? 18.000  12.743  0.525   1.00 39.99 ? 107 GLU A O   1 
ATOM   703  C CB  . GLU A 1 107 ? 15.291  14.393  1.368   1.00 40.06 ? 107 GLU A CB  1 
ATOM   704  C CG  . GLU A 1 107 ? 14.166  15.233  0.793   1.00 43.81 ? 107 GLU A CG  1 
ATOM   705  C CD  . GLU A 1 107 ? 13.648  16.266  1.776   1.00 55.13 ? 107 GLU A CD  1 
ATOM   706  O OE1 . GLU A 1 107 ? 14.260  16.428  2.855   1.00 53.43 ? 107 GLU A OE1 1 
ATOM   707  O OE2 . GLU A 1 107 ? 12.623  16.911  1.470   1.00 46.82 ? 107 GLU A OE2 1 
ATOM   708  N N   . GLU A 1 108 ? 16.780  11.702  2.108   1.00 39.95 ? 108 GLU A N   1 
ATOM   709  C CA  . GLU A 1 108 ? 17.930  11.091  2.766   1.00 39.46 ? 108 GLU A CA  1 
ATOM   710  C C   . GLU A 1 108 ? 18.357  9.782   2.106   1.00 40.18 ? 108 GLU A C   1 
ATOM   711  O O   . GLU A 1 108 ? 19.550  9.533   1.922   1.00 45.07 ? 108 GLU A O   1 
ATOM   712  C CB  . GLU A 1 108 ? 17.620  10.826  4.241   1.00 39.89 ? 108 GLU A CB  1 
ATOM   713  C CG  . GLU A 1 108 ? 16.457  11.628  4.802   1.00 47.67 ? 108 GLU A CG  1 
ATOM   714  C CD  . GLU A 1 108 ? 16.826  13.054  5.169   1.00 66.77 ? 108 GLU A CD  1 
ATOM   715  O OE1 . GLU A 1 108 ? 17.930  13.512  4.800   1.00 66.53 ? 108 GLU A OE1 1 
ATOM   716  O OE2 . GLU A 1 108 ? 16.004  13.716  5.836   1.00 56.43 ? 108 GLU A OE2 1 
ATOM   717  N N   . LYS A 1 109 ? 17.383  8.948   1.755   1.00 37.89 ? 109 LYS A N   1 
ATOM   718  C CA  . LYS A 1 109 ? 17.679  7.584   1.322   1.00 40.64 ? 109 LYS A CA  1 
ATOM   719  C C   . LYS A 1 109 ? 17.589  7.351   -0.188  1.00 38.12 ? 109 LYS A C   1 
ATOM   720  O O   . LYS A 1 109 ? 18.347  6.553   -0.740  1.00 38.45 ? 109 LYS A O   1 
ATOM   721  C CB  . LYS A 1 109 ? 16.797  6.580   2.070   1.00 40.08 ? 109 LYS A CB  1 
ATOM   722  C CG  . LYS A 1 109 ? 16.996  6.599   3.579   1.00 43.46 ? 109 LYS A CG  1 
ATOM   723  C CD  . LYS A 1 109 ? 18.472  6.491   3.940   1.00 55.27 ? 109 LYS A CD  1 
ATOM   724  C CE  . LYS A 1 109 ? 18.695  6.605   5.442   1.00 56.46 ? 109 LYS A CE  1 
ATOM   725  N NZ  . LYS A 1 109 ? 20.146  6.639   5.794   1.00 57.89 ? 109 LYS A NZ  1 
ATOM   726  N N   . LYS A 1 110 ? 16.660  8.034   -0.848  1.00 40.00 ? 110 LYS A N   1 
ATOM   727  C CA  . LYS A 1 110 ? 16.501  7.902   -2.296  1.00 43.58 ? 110 LYS A CA  1 
ATOM   728  C C   . LYS A 1 110 ? 16.174  9.242   -2.947  1.00 39.30 ? 110 LYS A C   1 
ATOM   729  O O   . LYS A 1 110 ? 15.059  9.453   -3.420  1.00 40.78 ? 110 LYS A O   1 
ATOM   730  C CB  . LYS A 1 110 ? 15.417  6.875   -2.627  1.00 37.66 ? 110 LYS A CB  1 
ATOM   731  C CG  . LYS A 1 110 ? 15.717  5.485   -2.102  1.00 36.33 ? 110 LYS A CG  1 
ATOM   732  C CD  . LYS A 1 110 ? 14.490  4.596   -2.140  1.00 45.12 ? 110 LYS A CD  1 
ATOM   733  C CE  . LYS A 1 110 ? 14.779  3.232   -1.529  1.00 52.57 ? 110 LYS A CE  1 
ATOM   734  N NZ  . LYS A 1 110 ? 13.536  2.421   -1.367  1.00 42.67 ? 110 LYS A NZ  1 
ATOM   735  N N   . PRO A 1 111 ? 17.160  10.147  -2.983  1.00 40.16 ? 111 PRO A N   1 
ATOM   736  C CA  . PRO A 1 111 ? 16.997  11.533  -3.440  1.00 42.83 ? 111 PRO A CA  1 
ATOM   737  C C   . PRO A 1 111 ? 16.568  11.663  -4.902  1.00 36.67 ? 111 PRO A C   1 
ATOM   738  O O   . PRO A 1 111 ? 16.079  12.720  -5.302  1.00 36.47 ? 111 PRO A O   1 
ATOM   739  C CB  . PRO A 1 111 ? 18.397  12.127  -3.248  1.00 43.52 ? 111 PRO A CB  1 
ATOM   740  C CG  . PRO A 1 111 ? 19.317  10.947  -3.284  1.00 43.53 ? 111 PRO A CG  1 
ATOM   741  C CD  . PRO A 1 111 ? 18.556  9.847   -2.619  1.00 35.29 ? 111 PRO A CD  1 
ATOM   742  N N   . ASP A 1 112 ? 16.756  10.607  -5.686  1.00 39.75 ? 112 ASP A N   1 
ATOM   743  C CA  . ASP A 1 112 ? 16.411  10.648  -7.102  1.00 39.99 ? 112 ASP A CA  1 
ATOM   744  C C   . ASP A 1 112 ? 14.915  10.429  -7.308  1.00 40.41 ? 112 ASP A C   1 
ATOM   745  O O   . ASP A 1 112 ? 14.421  10.443  -8.436  1.00 40.41 ? 112 ASP A O   1 
ATOM   746  C CB  . ASP A 1 112 ? 17.226  9.615   -7.885  1.00 40.91 ? 112 ASP A CB  1 
ATOM   747  C CG  . ASP A 1 112 ? 17.058  8.206   -7.343  1.00 54.97 ? 112 ASP A CG  1 
ATOM   748  O OD1 . ASP A 1 112 ? 17.722  7.866   -6.336  1.00 50.98 ? 112 ASP A OD1 1 
ATOM   749  O OD2 . ASP A 1 112 ? 16.265  7.434   -7.929  1.00 44.40 ? 112 ASP A OD2 1 
ATOM   750  N N   . ARG A 1 113 ? 14.198  10.238  -6.206  1.00 35.72 ? 113 ARG A N   1 
ATOM   751  C CA  . ARG A 1 113 ? 12.763  9.998   -6.254  1.00 36.67 ? 113 ARG A CA  1 
ATOM   752  C C   . ARG A 1 113 ? 11.977  11.178  -5.693  1.00 38.67 ? 113 ARG A C   1 
ATOM   753  O O   . ARG A 1 113 ? 10.756  11.239  -5.832  1.00 39.35 ? 113 ARG A O   1 
ATOM   754  C CB  . ARG A 1 113 ? 12.412  8.730   -5.470  1.00 35.25 ? 113 ARG A CB  1 
ATOM   755  C CG  . ARG A 1 113 ? 12.849  7.430   -6.131  1.00 32.11 ? 113 ARG A CG  1 
ATOM   756  C CD  . ARG A 1 113 ? 12.015  7.147   -7.363  1.00 31.34 ? 113 ARG A CD  1 
ATOM   757  N NE  . ARG A 1 113 ? 10.594  7.102   -7.037  1.00 28.02 ? 113 ARG A NE  1 
ATOM   758  C CZ  . ARG A 1 113 ? 9.632   6.867   -7.921  1.00 28.64 ? 113 ARG A CZ  1 
ATOM   759  N NH1 . ARG A 1 113 ? 9.938   6.654   -9.193  1.00 32.11 ? 113 ARG A NH1 1 
ATOM   760  N NH2 . ARG A 1 113 ? 8.366   6.844   -7.531  1.00 22.92 ? 113 ARG A NH2 1 
ATOM   761  N N   . VAL A 1 114 ? 12.683  12.115  -5.066  1.00 35.44 ? 114 VAL A N   1 
ATOM   762  C CA  . VAL A 1 114 ? 12.047  13.215  -4.347  1.00 37.81 ? 114 VAL A CA  1 
ATOM   763  C C   . VAL A 1 114 ? 11.052  14.024  -5.184  1.00 34.45 ? 114 VAL A C   1 
ATOM   764  O O   . VAL A 1 114 ? 9.911   14.229  -4.770  1.00 36.46 ? 114 VAL A O   1 
ATOM   765  C CB  . VAL A 1 114 ? 13.094  14.181  -3.749  1.00 40.65 ? 114 VAL A CB  1 
ATOM   766  C CG1 . VAL A 1 114 ? 12.402  15.250  -2.910  1.00 35.63 ? 114 VAL A CG1 1 
ATOM   767  C CG2 . VAL A 1 114 ? 14.105  13.414  -2.916  1.00 34.63 ? 114 VAL A CG2 1 
ATOM   768  N N   . GLU A 1 115 ? 11.486  14.483  -6.353  1.00 35.59 ? 115 GLU A N   1 
ATOM   769  C CA  . GLU A 1 115 ? 10.637  15.320  -7.200  1.00 38.34 ? 115 GLU A CA  1 
ATOM   770  C C   . GLU A 1 115 ? 9.548   14.532  -7.927  1.00 34.15 ? 115 GLU A C   1 
ATOM   771  O O   . GLU A 1 115 ? 8.439   15.029  -8.120  1.00 33.68 ? 115 GLU A O   1 
ATOM   772  C CB  . GLU A 1 115 ? 11.482  16.119  -8.197  1.00 31.02 ? 115 GLU A CB  1 
ATOM   773  C CG  . GLU A 1 115 ? 12.222  17.288  -7.566  1.00 45.41 ? 115 GLU A CG  1 
ATOM   774  C CD  . GLU A 1 115 ? 11.282  18.294  -6.925  1.00 50.27 ? 115 GLU A CD  1 
ATOM   775  O OE1 . GLU A 1 115 ? 10.367  18.783  -7.622  1.00 50.85 ? 115 GLU A OE1 1 
ATOM   776  O OE2 . GLU A 1 115 ? 11.453  18.587  -5.723  1.00 49.51 ? 115 GLU A OE2 1 
ATOM   777  N N   . ILE A 1 116 ? 9.865   13.305  -8.330  1.00 31.12 ? 116 ILE A N   1 
ATOM   778  C CA  . ILE A 1 116 ? 8.882   12.455  -8.993  1.00 28.27 ? 116 ILE A CA  1 
ATOM   779  C C   . ILE A 1 116 ? 7.743   12.130  -8.029  1.00 31.85 ? 116 ILE A C   1 
ATOM   780  O O   . ILE A 1 116 ? 6.569   12.198  -8.391  1.00 28.95 ? 116 ILE A O   1 
ATOM   781  C CB  . ILE A 1 116 ? 9.506   11.144  -9.514  1.00 28.11 ? 116 ILE A CB  1 
ATOM   782  C CG1 . ILE A 1 116 ? 10.738  11.435  -10.374 1.00 29.83 ? 116 ILE A CG1 1 
ATOM   783  C CG2 . ILE A 1 116 ? 8.481   10.350  -10.309 1.00 33.59 ? 116 ILE A CG2 1 
ATOM   784  C CD1 . ILE A 1 116 ? 11.379  10.187  -10.964 1.00 30.13 ? 116 ILE A CD1 1 
ATOM   785  N N   . PHE A 1 117 ? 8.107   11.781  -6.799  1.00 30.83 ? 117 PHE A N   1 
ATOM   786  C CA  . PHE A 1 117 ? 7.135   11.484  -5.753  1.00 29.13 ? 117 PHE A CA  1 
ATOM   787  C C   . PHE A 1 117 ? 6.201   12.666  -5.515  1.00 27.24 ? 117 PHE A C   1 
ATOM   788  O O   . PHE A 1 117 ? 4.979   12.529  -5.572  1.00 32.05 ? 117 PHE A O   1 
ATOM   789  C CB  . PHE A 1 117 ? 7.852   11.109  -4.454  1.00 29.55 ? 117 PHE A CB  1 
ATOM   790  C CG  . PHE A 1 117 ? 6.932   10.961  -3.275  1.00 26.58 ? 117 PHE A CG  1 
ATOM   791  C CD1 . PHE A 1 117 ? 6.091   9.865   -3.170  1.00 22.13 ? 117 PHE A CD1 1 
ATOM   792  C CD2 . PHE A 1 117 ? 6.915   11.913  -2.267  1.00 21.44 ? 117 PHE A CD2 1 
ATOM   793  C CE1 . PHE A 1 117 ? 5.245   9.725   -2.087  1.00 23.45 ? 117 PHE A CE1 1 
ATOM   794  C CE2 . PHE A 1 117 ? 6.070   11.776  -1.180  1.00 26.00 ? 117 PHE A CE2 1 
ATOM   795  C CZ  . PHE A 1 117 ? 5.235   10.680  -1.091  1.00 33.19 ? 117 PHE A CZ  1 
ATOM   796  N N   . LYS A 1 118 ? 6.788   13.826  -5.246  1.00 28.38 ? 118 LYS A N   1 
ATOM   797  C CA  . LYS A 1 118 ? 6.023   15.044  -5.006  1.00 34.66 ? 118 LYS A CA  1 
ATOM   798  C C   . LYS A 1 118 ? 5.094   15.363  -6.171  1.00 33.45 ? 118 LYS A C   1 
ATOM   799  O O   . LYS A 1 118 ? 3.914   15.661  -5.976  1.00 36.42 ? 118 LYS A O   1 
ATOM   800  C CB  . LYS A 1 118 ? 6.967   16.222  -4.753  1.00 37.34 ? 118 LYS A CB  1 
ATOM   801  C CG  . LYS A 1 118 ? 7.657   16.187  -3.398  1.00 35.71 ? 118 LYS A CG  1 
ATOM   802  C CD  . LYS A 1 118 ? 8.746   17.246  -3.316  1.00 41.72 ? 118 LYS A CD  1 
ATOM   803  C CE  . LYS A 1 118 ? 9.376   17.300  -1.933  1.00 43.76 ? 118 LYS A CE  1 
ATOM   804  N NZ  . LYS A 1 118 ? 8.444   17.865  -0.918  1.00 50.80 ? 118 LYS A NZ  1 
ATOM   805  N N   . THR A 1 119 ? 5.634   15.294  -7.383  1.00 30.16 ? 119 THR A N   1 
ATOM   806  C CA  . THR A 1 119 ? 4.872   15.630  -8.578  1.00 29.65 ? 119 THR A CA  1 
ATOM   807  C C   . THR A 1 119 ? 3.731   14.647  -8.835  1.00 27.68 ? 119 THR A C   1 
ATOM   808  O O   . THR A 1 119 ? 2.571   15.046  -8.934  1.00 30.32 ? 119 THR A O   1 
ATOM   809  C CB  . THR A 1 119 ? 5.778   15.684  -9.826  1.00 32.23 ? 119 THR A CB  1 
ATOM   810  O OG1 . THR A 1 119 ? 6.800   16.673  -9.639  1.00 35.49 ? 119 THR A OG1 1 
ATOM   811  C CG2 . THR A 1 119 ? 4.962   16.034  -11.060 1.00 34.91 ? 119 THR A CG2 1 
ATOM   812  N N   . LYS A 1 120 ? 4.066   13.364  -8.932  1.00 26.21 ? 120 LYS A N   1 
ATOM   813  C CA  . LYS A 1 120 ? 3.109   12.341  -9.353  1.00 26.02 ? 120 LYS A CA  1 
ATOM   814  C C   . LYS A 1 120 ? 2.077   11.952  -8.293  1.00 24.24 ? 120 LYS A C   1 
ATOM   815  O O   . LYS A 1 120 ? 1.100   11.271  -8.597  1.00 20.47 ? 120 LYS A O   1 
ATOM   816  C CB  . LYS A 1 120 ? 3.851   11.093  -9.837  1.00 23.42 ? 120 LYS A CB  1 
ATOM   817  C CG  . LYS A 1 120 ? 4.834   11.365  -10.964 1.00 28.07 ? 120 LYS A CG  1 
ATOM   818  C CD  . LYS A 1 120 ? 4.150   12.088  -12.112 1.00 23.12 ? 120 LYS A CD  1 
ATOM   819  C CE  . LYS A 1 120 ? 5.137   12.455  -13.209 1.00 26.15 ? 120 LYS A CE  1 
ATOM   820  N NZ  . LYS A 1 120 ? 4.457   13.189  -14.310 1.00 28.74 ? 120 LYS A NZ  1 
ATOM   821  N N   . ALA A 1 121 ? 2.292   12.384  -7.054  1.00 24.33 ? 121 ALA A N   1 
ATOM   822  C CA  . ALA A 1 121 ? 1.392   12.029  -5.963  1.00 23.84 ? 121 ALA A CA  1 
ATOM   823  C C   . ALA A 1 121 ? 0.179   12.950  -5.916  1.00 25.51 ? 121 ALA A C   1 
ATOM   824  O O   . ALA A 1 121 ? -0.856  12.602  -5.351  1.00 27.73 ? 121 ALA A O   1 
ATOM   825  C CB  . ALA A 1 121 ? 2.126   12.063  -4.639  1.00 31.40 ? 121 ALA A CB  1 
ATOM   826  N N   . GLN A 1 122 ? 0.319   14.130  -6.507  1.00 28.29 ? 122 GLN A N   1 
ATOM   827  C CA  . GLN A 1 122 ? -0.740  15.130  -6.469  1.00 30.34 ? 122 GLN A CA  1 
ATOM   828  C C   . GLN A 1 122 ? -2.066  14.607  -7.023  1.00 31.09 ? 122 GLN A C   1 
ATOM   829  O O   . GLN A 1 122 ? -3.070  14.592  -6.311  1.00 28.36 ? 122 GLN A O   1 
ATOM   830  C CB  . GLN A 1 122 ? -0.306  16.403  -7.202  1.00 40.40 ? 122 GLN A CB  1 
ATOM   831  C CG  . GLN A 1 122 ? 0.897   17.086  -6.576  1.00 48.61 ? 122 GLN A CG  1 
ATOM   832  C CD  . GLN A 1 122 ? 0.602   17.620  -5.188  1.00 61.51 ? 122 GLN A CD  1 
ATOM   833  O OE1 . GLN A 1 122 ? -0.516  18.045  -4.899  1.00 52.07 ? 122 GLN A OE1 1 
ATOM   834  N NE2 . GLN A 1 122 ? 1.605   17.596  -4.319  1.00 54.97 ? 122 GLN A NE2 1 
ATOM   835  N N   . PRO A 1 123 ? -2.076  14.164  -8.291  1.00 28.78 ? 123 PRO A N   1 
ATOM   836  C CA  . PRO A 1 123 ? -3.335  13.699  -8.883  1.00 23.95 ? 123 PRO A CA  1 
ATOM   837  C C   . PRO A 1 123 ? -3.878  12.478  -8.149  1.00 29.17 ? 123 PRO A C   1 
ATOM   838  O O   . PRO A 1 123 ? -5.090  12.303  -8.042  1.00 29.61 ? 123 PRO A O   1 
ATOM   839  C CB  . PRO A 1 123 ? -2.929  13.324  -10.315 1.00 16.62 ? 123 PRO A CB  1 
ATOM   840  C CG  . PRO A 1 123 ? -1.638  14.062  -10.557 1.00 26.11 ? 123 PRO A CG  1 
ATOM   841  C CD  . PRO A 1 123 ? -0.952  14.048  -9.236  1.00 23.29 ? 123 PRO A CD  1 
ATOM   842  N N   . PHE A 1 124 ? -2.971  11.654  -7.637  1.00 22.07 ? 124 PHE A N   1 
ATOM   843  C CA  . PHE A 1 124 ? -3.333  10.418  -6.954  1.00 22.57 ? 124 PHE A CA  1 
ATOM   844  C C   . PHE A 1 124 ? -4.094  10.672  -5.652  1.00 24.83 ? 124 PHE A C   1 
ATOM   845  O O   . PHE A 1 124 ? -5.156  10.092  -5.419  1.00 27.05 ? 124 PHE A O   1 
ATOM   846  C CB  . PHE A 1 124 ? -2.080  9.584   -6.681  1.00 23.93 ? 124 PHE A CB  1 
ATOM   847  C CG  . PHE A 1 124 ? -2.354  8.294   -5.971  1.00 26.94 ? 124 PHE A CG  1 
ATOM   848  C CD1 . PHE A 1 124 ? -2.924  7.227   -6.642  1.00 22.29 ? 124 PHE A CD1 1 
ATOM   849  C CD2 . PHE A 1 124 ? -2.035  8.145   -4.633  1.00 25.92 ? 124 PHE A CD2 1 
ATOM   850  C CE1 . PHE A 1 124 ? -3.177  6.036   -5.992  1.00 20.70 ? 124 PHE A CE1 1 
ATOM   851  C CE2 . PHE A 1 124 ? -2.285  6.958   -3.975  1.00 24.38 ? 124 PHE A CE2 1 
ATOM   852  C CZ  . PHE A 1 124 ? -2.857  5.901   -4.655  1.00 22.21 ? 124 PHE A CZ  1 
ATOM   853  N N   . ILE A 1 125 ? -3.547  11.540  -4.807  1.00 23.50 ? 125 ILE A N   1 
ATOM   854  C CA  . ILE A 1 125 ? -4.168  11.852  -3.523  1.00 25.00 ? 125 ILE A CA  1 
ATOM   855  C C   . ILE A 1 125 ? -5.497  12.574  -3.709  1.00 24.75 ? 125 ILE A C   1 
ATOM   856  O O   . ILE A 1 125 ? -6.447  12.352  -2.958  1.00 28.54 ? 125 ILE A O   1 
ATOM   857  C CB  . ILE A 1 125 ? -3.234  12.687  -2.630  1.00 29.96 ? 125 ILE A CB  1 
ATOM   858  C CG1 . ILE A 1 125 ? -2.014  11.858  -2.235  1.00 24.42 ? 125 ILE A CG1 1 
ATOM   859  C CG2 . ILE A 1 125 ? -3.964  13.159  -1.383  1.00 24.40 ? 125 ILE A CG2 1 
ATOM   860  C CD1 . ILE A 1 125 ? -2.369  10.562  -1.537  1.00 22.83 ? 125 ILE A CD1 1 
ATOM   861  N N   . LYS A 1 126 ? -5.557  13.437  -4.715  1.00 27.21 ? 126 LYS A N   1 
ATOM   862  C CA  . LYS A 1 126 ? -6.786  14.151  -5.036  1.00 30.69 ? 126 LYS A CA  1 
ATOM   863  C C   . LYS A 1 126 ? -7.889  13.194  -5.479  1.00 31.92 ? 126 LYS A C   1 
ATOM   864  O O   . LYS A 1 126 ? -9.056  13.381  -5.139  1.00 30.31 ? 126 LYS A O   1 
ATOM   865  C CB  . LYS A 1 126 ? -6.527  15.193  -6.123  1.00 29.14 ? 126 LYS A CB  1 
ATOM   866  C CG  . LYS A 1 126 ? -5.667  16.356  -5.663  1.00 35.77 ? 126 LYS A CG  1 
ATOM   867  C CD  . LYS A 1 126 ? -5.425  17.334  -6.797  1.00 39.12 ? 126 LYS A CD  1 
ATOM   868  C CE  . LYS A 1 126 ? -4.473  18.447  -6.385  1.00 38.88 ? 126 LYS A CE  1 
ATOM   869  N NZ  . LYS A 1 126 ? -4.121  19.333  -7.532  1.00 31.70 ? 126 LYS A NZ  1 
ATOM   870  N N   . HIS A 1 127 ? -7.510  12.172  -6.239  1.00 25.65 ? 127 HIS A N   1 
ATOM   871  C CA  . HIS A 1 127 ? -8.463  11.168  -6.694  1.00 26.68 ? 127 HIS A CA  1 
ATOM   872  C C   . HIS A 1 127 ? -9.034  10.396  -5.508  1.00 25.11 ? 127 HIS A C   1 
ATOM   873  O O   . HIS A 1 127 ? -10.209 10.023  -5.506  1.00 27.49 ? 127 HIS A O   1 
ATOM   874  C CB  . HIS A 1 127 ? -7.804  10.204  -7.682  1.00 30.41 ? 127 HIS A CB  1 
ATOM   875  C CG  . HIS A 1 127 ? -8.713  9.109   -8.152  1.00 28.18 ? 127 HIS A CG  1 
ATOM   876  N ND1 . HIS A 1 127 ? -9.650  9.294   -9.141  1.00 31.73 ? 127 HIS A ND1 1 
ATOM   877  C CD2 . HIS A 1 127 ? -8.828  7.817   -7.756  1.00 25.51 ? 127 HIS A CD2 1 
ATOM   878  C CE1 . HIS A 1 127 ? -10.306 8.159   -9.343  1.00 26.79 ? 127 HIS A CE1 1 
ATOM   879  N NE2 . HIS A 1 127 ? -9.825  7.253   -8.514  1.00 26.36 ? 127 HIS A NE2 1 
ATOM   880  N N   . ILE A 1 128 ? -8.198  10.157  -4.502  1.00 24.94 ? 128 ILE A N   1 
ATOM   881  C CA  . ILE A 1 128 ? -8.628  9.458   -3.298  1.00 29.88 ? 128 ILE A CA  1 
ATOM   882  C C   . ILE A 1 128 ? -9.592  10.314  -2.479  1.00 30.11 ? 128 ILE A C   1 
ATOM   883  O O   . ILE A 1 128 ? -10.666 9.855   -2.096  1.00 34.68 ? 128 ILE A O   1 
ATOM   884  C CB  . ILE A 1 128 ? -7.426  9.053   -2.419  1.00 31.57 ? 128 ILE A CB  1 
ATOM   885  C CG1 . ILE A 1 128 ? -6.556  8.027   -3.149  1.00 24.81 ? 128 ILE A CG1 1 
ATOM   886  C CG2 . ILE A 1 128 ? -7.900  8.500   -1.082  1.00 26.01 ? 128 ILE A CG2 1 
ATOM   887  C CD1 . ILE A 1 128 ? -5.361  7.570   -2.349  1.00 28.15 ? 128 ILE A CD1 1 
ATOM   888  N N   . LEU A 1 129 ? -9.198  11.557  -2.214  1.00 28.10 ? 129 LEU A N   1 
ATOM   889  C CA  . LEU A 1 129 ? -10.063 12.501  -1.514  1.00 28.35 ? 129 LEU A CA  1 
ATOM   890  C C   . LEU A 1 129 ? -11.383 12.673  -2.259  1.00 29.88 ? 129 LEU A C   1 
ATOM   891  O O   . LEU A 1 129 ? -12.458 12.577  -1.666  1.00 30.38 ? 129 LEU A O   1 
ATOM   892  C CB  . LEU A 1 129 ? -9.365  13.852  -1.356  1.00 27.66 ? 129 LEU A CB  1 
ATOM   893  C CG  . LEU A 1 129 ? -8.151  13.926  -0.429  1.00 23.41 ? 129 LEU A CG  1 
ATOM   894  C CD1 . LEU A 1 129 ? -7.428  15.257  -0.584  1.00 22.30 ? 129 LEU A CD1 1 
ATOM   895  C CD2 . LEU A 1 129 ? -8.570  13.710  1.016   1.00 23.94 ? 129 LEU A CD2 1 
ATOM   896  N N   . THR A 1 130 ? -11.301 12.923  -3.563  1.00 34.28 ? 130 THR A N   1 
ATOM   897  C CA  . THR A 1 130 ? -12.496 13.134  -4.378  1.00 29.53 ? 130 THR A CA  1 
ATOM   898  C C   . THR A 1 130 ? -13.456 11.947  -4.297  1.00 28.37 ? 130 THR A C   1 
ATOM   899  O O   . THR A 1 130 ? -14.675 12.124  -4.315  1.00 25.95 ? 130 THR A O   1 
ATOM   900  C CB  . THR A 1 130 ? -12.143 13.429  -5.854  1.00 31.34 ? 130 THR A CB  1 
ATOM   901  O OG1 . THR A 1 130 ? -11.478 14.695  -5.946  1.00 37.54 ? 130 THR A OG1 1 
ATOM   902  C CG2 . THR A 1 130 ? -13.403 13.465  -6.707  1.00 35.25 ? 130 THR A CG2 1 
ATOM   903  N N   . ASN A 1 131 ? -12.901 10.742  -4.196  1.00 31.79 ? 131 ASN A N   1 
ATOM   904  C CA  . ASN A 1 131 ? -13.705 9.530   -4.069  1.00 25.21 ? 131 ASN A CA  1 
ATOM   905  C C   . ASN A 1 131 ? -13.582 8.913   -2.681  1.00 29.34 ? 131 ASN A C   1 
ATOM   906  O O   . ASN A 1 131 ? -13.577 7.693   -2.536  1.00 29.22 ? 131 ASN A O   1 
ATOM   907  C CB  . ASN A 1 131 ? -13.283 8.496   -5.114  1.00 22.36 ? 131 ASN A CB  1 
ATOM   908  C CG  . ASN A 1 131 ? -13.438 9.001   -6.534  1.00 26.32 ? 131 ASN A CG  1 
ATOM   909  O OD1 . ASN A 1 131 ? -14.541 9.020   -7.080  1.00 28.67 ? 131 ASN A OD1 1 
ATOM   910  N ND2 . ASN A 1 131 ? -12.329 9.402   -7.146  1.00 28.86 ? 131 ASN A ND2 1 
ATOM   911  N N   . PHE A 1 132 ? -13.495 9.764   -1.662  1.00 27.31 ? 132 PHE A N   1 
ATOM   912  C CA  . PHE A 1 132 ? -13.178 9.325   -0.303  1.00 29.51 ? 132 PHE A CA  1 
ATOM   913  C C   . PHE A 1 132 ? -14.060 8.198   0.243   1.00 31.66 ? 132 PHE A C   1 
ATOM   914  O O   . PHE A 1 132 ? -13.571 7.296   0.919   1.00 30.26 ? 132 PHE A O   1 
ATOM   915  C CB  . PHE A 1 132 ? -13.189 10.515  0.664   1.00 26.97 ? 132 PHE A CB  1 
ATOM   916  C CG  . PHE A 1 132 ? -12.782 10.157  2.065   1.00 38.29 ? 132 PHE A CG  1 
ATOM   917  C CD1 . PHE A 1 132 ? -11.445 9.993   2.390   1.00 33.96 ? 132 PHE A CD1 1 
ATOM   918  C CD2 . PHE A 1 132 ? -13.733 9.985   3.056   1.00 31.40 ? 132 PHE A CD2 1 
ATOM   919  C CE1 . PHE A 1 132 ? -11.065 9.661   3.675   1.00 35.05 ? 132 PHE A CE1 1 
ATOM   920  C CE2 . PHE A 1 132 ? -13.359 9.654   4.343   1.00 29.85 ? 132 PHE A CE2 1 
ATOM   921  C CZ  . PHE A 1 132 ? -12.024 9.492   4.654   1.00 34.24 ? 132 PHE A CZ  1 
ATOM   922  N N   . ASP A 1 133 ? -15.355 8.254   -0.048  1.00 30.72 ? 133 ASP A N   1 
ATOM   923  C CA  . ASP A 1 133 ? -16.302 7.291   0.513   1.00 31.20 ? 133 ASP A CA  1 
ATOM   924  C C   . ASP A 1 133 ? -16.147 5.875   -0.049  1.00 30.72 ? 133 ASP A C   1 
ATOM   925  O O   . ASP A 1 133 ? -16.639 4.911   0.539   1.00 29.02 ? 133 ASP A O   1 
ATOM   926  C CB  . ASP A 1 133 ? -17.745 7.778   0.330   1.00 24.53 ? 133 ASP A CB  1 
ATOM   927  C CG  . ASP A 1 133 ? -18.063 9.002   1.176   1.00 41.64 ? 133 ASP A CG  1 
ATOM   928  O OD1 . ASP A 1 133 ? -17.330 9.257   2.158   1.00 32.36 ? 133 ASP A OD1 1 
ATOM   929  O OD2 . ASP A 1 133 ? -19.050 9.703   0.863   1.00 42.49 ? 133 ASP A OD2 1 
ATOM   930  N N   . ASP A 1 134 ? -15.464 5.750   -1.185  1.00 31.36 ? 134 ASP A N   1 
ATOM   931  C CA  . ASP A 1 134 ? -15.287 4.449   -1.825  1.00 28.90 ? 134 ASP A CA  1 
ATOM   932  C C   . ASP A 1 134 ? -14.227 3.595   -1.137  1.00 27.77 ? 134 ASP A C   1 
ATOM   933  O O   . ASP A 1 134 ? -14.108 2.401   -1.416  1.00 32.70 ? 134 ASP A O   1 
ATOM   934  C CB  . ASP A 1 134 ? -14.894 4.620   -3.295  1.00 27.66 ? 134 ASP A CB  1 
ATOM   935  C CG  . ASP A 1 134 ? -15.972 5.296   -4.117  1.00 33.75 ? 134 ASP A CG  1 
ATOM   936  O OD1 . ASP A 1 134 ? -17.133 5.343   -3.660  1.00 36.81 ? 134 ASP A OD1 1 
ATOM   937  O OD2 . ASP A 1 134 ? -15.655 5.772   -5.228  1.00 33.83 ? 134 ASP A OD2 1 
ATOM   938  N N   . PHE A 1 135 ? -13.458 4.209   -0.243  1.00 26.94 ? 135 PHE A N   1 
ATOM   939  C CA  . PHE A 1 135 ? -12.262 3.568   0.291   1.00 29.32 ? 135 PHE A CA  1 
ATOM   940  C C   . PHE A 1 135 ? -12.393 3.039   1.716   1.00 29.09 ? 135 PHE A C   1 
ATOM   941  O O   . PHE A 1 135 ? -13.073 3.626   2.557   1.00 26.79 ? 135 PHE A O   1 
ATOM   942  C CB  . PHE A 1 135 ? -11.074 4.534   0.228   1.00 23.34 ? 135 PHE A CB  1 
ATOM   943  C CG  . PHE A 1 135 ? -10.651 4.892   -1.168  1.00 27.25 ? 135 PHE A CG  1 
ATOM   944  C CD1 . PHE A 1 135 ? -9.859  4.029   -1.906  1.00 26.99 ? 135 PHE A CD1 1 
ATOM   945  C CD2 . PHE A 1 135 ? -11.034 6.095   -1.737  1.00 28.40 ? 135 PHE A CD2 1 
ATOM   946  C CE1 . PHE A 1 135 ? -9.465  4.355   -3.189  1.00 23.24 ? 135 PHE A CE1 1 
ATOM   947  C CE2 . PHE A 1 135 ? -10.643 6.426   -3.019  1.00 31.46 ? 135 PHE A CE2 1 
ATOM   948  C CZ  . PHE A 1 135 ? -9.858  5.555   -3.746  1.00 28.60 ? 135 PHE A CZ  1 
ATOM   949  N N   . GLU A 1 136 ? -11.731 1.913   1.965   1.00 33.42 ? 136 GLU A N   1 
ATOM   950  C CA  . GLU A 1 136 ? -11.449 1.448   3.315   1.00 26.99 ? 136 GLU A CA  1 
ATOM   951  C C   . GLU A 1 136 ? -9.953  1.621   3.536   1.00 24.66 ? 136 GLU A C   1 
ATOM   952  O O   . GLU A 1 136 ? -9.182  1.636   2.578   1.00 24.05 ? 136 GLU A O   1 
ATOM   953  C CB  . GLU A 1 136 ? -11.839 -0.018  3.481   1.00 27.11 ? 136 GLU A CB  1 
ATOM   954  C CG  . GLU A 1 136 ? -13.334 -0.274  3.489   1.00 33.34 ? 136 GLU A CG  1 
ATOM   955  C CD  . GLU A 1 136 ? -13.669 -1.683  3.929   1.00 45.73 ? 136 GLU A CD  1 
ATOM   956  O OE1 . GLU A 1 136 ? -13.941 -2.532  3.054   1.00 44.29 ? 136 GLU A OE1 1 
ATOM   957  O OE2 . GLU A 1 136 ? -13.652 -1.943  5.150   1.00 50.16 ? 136 GLU A OE2 1 
ATOM   958  N N   . PHE A 1 137 ? -9.535  1.760   4.789   1.00 31.05 ? 137 PHE A N   1 
ATOM   959  C CA  . PHE A 1 137 ? -8.126  2.008   5.078   1.00 23.42 ? 137 PHE A CA  1 
ATOM   960  C C   . PHE A 1 137 ? -7.593  1.005   6.090   1.00 26.57 ? 137 PHE A C   1 
ATOM   961  O O   . PHE A 1 137 ? -8.289  0.640   7.033   1.00 30.54 ? 137 PHE A O   1 
ATOM   962  C CB  . PHE A 1 137 ? -7.927  3.435   5.589   1.00 24.08 ? 137 PHE A CB  1 
ATOM   963  C CG  . PHE A 1 137 ? -8.667  4.471   4.793   1.00 28.81 ? 137 PHE A CG  1 
ATOM   964  C CD1 . PHE A 1 137 ? -10.003 4.733   5.049   1.00 23.66 ? 137 PHE A CD1 1 
ATOM   965  C CD2 . PHE A 1 137 ? -8.031  5.183   3.789   1.00 27.19 ? 137 PHE A CD2 1 
ATOM   966  C CE1 . PHE A 1 137 ? -10.690 5.683   4.320   1.00 23.80 ? 137 PHE A CE1 1 
ATOM   967  C CE2 . PHE A 1 137 ? -8.714  6.135   3.057   1.00 25.71 ? 137 PHE A CE2 1 
ATOM   968  C CZ  . PHE A 1 137 ? -10.045 6.386   3.323   1.00 26.66 ? 137 PHE A CZ  1 
ATOM   969  N N   . TYR A 1 138 ? -6.354  0.566   5.888   1.00 27.38 ? 138 TYR A N   1 
ATOM   970  C CA  . TYR A 1 138 ? -5.749  -0.450  6.739   1.00 25.04 ? 138 TYR A CA  1 
ATOM   971  C C   . TYR A 1 138 ? -4.389  -0.020  7.277   1.00 31.66 ? 138 TYR A C   1 
ATOM   972  O O   . TYR A 1 138 ? -3.627  0.677   6.608   1.00 32.41 ? 138 TYR A O   1 
ATOM   973  C CB  . TYR A 1 138 ? -5.590  -1.767  5.974   1.00 24.87 ? 138 TYR A CB  1 
ATOM   974  C CG  . TYR A 1 138 ? -6.887  -2.381  5.490   1.00 28.59 ? 138 TYR A CG  1 
ATOM   975  C CD1 . TYR A 1 138 ? -7.476  -1.960  4.304   1.00 28.78 ? 138 TYR A CD1 1 
ATOM   976  C CD2 . TYR A 1 138 ? -7.511  -3.393  6.211   1.00 27.94 ? 138 TYR A CD2 1 
ATOM   977  C CE1 . TYR A 1 138 ? -8.658  -2.523  3.853   1.00 29.74 ? 138 TYR A CE1 1 
ATOM   978  C CE2 . TYR A 1 138 ? -8.692  -3.961  5.771   1.00 29.40 ? 138 TYR A CE2 1 
ATOM   979  C CZ  . TYR A 1 138 ? -9.262  -3.523  4.591   1.00 40.74 ? 138 TYR A CZ  1 
ATOM   980  O OH  . TYR A 1 138 ? -10.440 -4.088  4.151   1.00 36.95 ? 138 TYR A OH  1 
ATOM   981  N N   . MET A 1 139 ? -4.093  -0.448  8.498   1.00 29.19 ? 139 MET A N   1 
ATOM   982  C CA  . MET A 1 139 ? -2.769  -0.273  9.072   1.00 27.10 ? 139 MET A CA  1 
ATOM   983  C C   . MET A 1 139 ? -2.001  -1.584  8.984   1.00 31.64 ? 139 MET A C   1 
ATOM   984  O O   . MET A 1 139 ? -2.593  -2.650  8.818   1.00 28.83 ? 139 MET A O   1 
ATOM   985  C CB  . MET A 1 139 ? -2.863  0.178   10.532  1.00 29.67 ? 139 MET A CB  1 
ATOM   986  C CG  . MET A 1 139 ? -3.187  1.649   10.719  1.00 36.95 ? 139 MET A CG  1 
ATOM   987  S SD  . MET A 1 139 ? -3.295  2.090   12.463  1.00 49.46 ? 139 MET A SD  1 
ATOM   988  C CE  . MET A 1 139 ? -4.622  1.014   12.993  1.00 30.45 ? 139 MET A CE  1 
ATOM   989  N N   . GLY A 1 140 ? -0.679  -1.497  9.090   1.00 28.53 ? 140 GLY A N   1 
ATOM   990  C CA  . GLY A 1 140 ? 0.171   -2.673  9.096   1.00 24.47 ? 140 GLY A CA  1 
ATOM   991  C C   . GLY A 1 140 ? 0.082   -3.410  10.417  1.00 28.93 ? 140 GLY A C   1 
ATOM   992  O O   . GLY A 1 140 ? -0.739  -3.073  11.269  1.00 30.79 ? 140 GLY A O   1 
ATOM   993  N N   . GLU A 1 141 ? 0.929   -4.418  10.594  1.00 28.86 ? 141 GLU A N   1 
ATOM   994  C CA  . GLU A 1 141 ? 0.914   -5.214  11.814  1.00 28.00 ? 141 GLU A CA  1 
ATOM   995  C C   . GLU A 1 141 ? 1.329   -4.382  13.026  1.00 30.33 ? 141 GLU A C   1 
ATOM   996  O O   . GLU A 1 141 ? 0.983   -4.707  14.162  1.00 31.27 ? 141 GLU A O   1 
ATOM   997  C CB  . GLU A 1 141 ? 1.829   -6.433  11.675  1.00 27.45 ? 141 GLU A CB  1 
ATOM   998  C CG  . GLU A 1 141 ? 1.712   -7.424  12.818  1.00 36.48 ? 141 GLU A CG  1 
ATOM   999  C CD  . GLU A 1 141 ? 2.748   -8.528  12.748  1.00 42.21 ? 141 GLU A CD  1 
ATOM   1000 O OE1 . GLU A 1 141 ? 3.625   -8.475  11.858  1.00 34.90 ? 141 GLU A OE1 1 
ATOM   1001 O OE2 . GLU A 1 141 ? 2.682   -9.449  13.589  1.00 46.47 ? 141 GLU A OE2 1 
ATOM   1002 N N   . SER A 1 142 ? 2.067   -3.305  12.777  1.00 32.03 ? 142 SER A N   1 
ATOM   1003 C CA  . SER A 1 142 ? 2.549   -2.451  13.855  1.00 26.56 ? 142 SER A CA  1 
ATOM   1004 C C   . SER A 1 142 ? 1.478   -1.475  14.341  1.00 27.11 ? 142 SER A C   1 
ATOM   1005 O O   . SER A 1 142 ? 1.626   -0.856  15.395  1.00 30.51 ? 142 SER A O   1 
ATOM   1006 C CB  . SER A 1 142 ? 3.810   -1.697  13.426  1.00 24.69 ? 142 SER A CB  1 
ATOM   1007 O OG  . SER A 1 142 ? 4.869   -2.591  13.135  1.00 23.94 ? 142 SER A OG  1 
ATOM   1008 N N   . LEU A 1 143 ? 0.401   -1.347  13.572  1.00 33.94 ? 143 LEU A N   1 
ATOM   1009 C CA  . LEU A 1 143 ? -0.698  -0.456  13.932  1.00 31.40 ? 143 LEU A CA  1 
ATOM   1010 C C   . LEU A 1 143 ? -0.188  0.957   14.182  1.00 28.22 ? 143 LEU A C   1 
ATOM   1011 O O   . LEU A 1 143 ? -0.600  1.619   15.135  1.00 32.55 ? 143 LEU A O   1 
ATOM   1012 C CB  . LEU A 1 143 ? -1.430  -0.979  15.171  1.00 31.62 ? 143 LEU A CB  1 
ATOM   1013 C CG  . LEU A 1 143 ? -2.090  -2.355  15.046  1.00 34.44 ? 143 LEU A CG  1 
ATOM   1014 C CD1 . LEU A 1 143 ? -2.639  -2.818  16.389  1.00 22.00 ? 143 LEU A CD1 1 
ATOM   1015 C CD2 . LEU A 1 143 ? -3.185  -2.342  13.986  1.00 32.54 ? 143 LEU A CD2 1 
ATOM   1016 N N   . ASP A 1 144 ? 0.711   1.411   13.318  1.00 29.96 ? 144 ASP A N   1 
ATOM   1017 C CA  . ASP A 1 144 ? 1.305   2.737   13.444  1.00 29.38 ? 144 ASP A CA  1 
ATOM   1018 C C   . ASP A 1 144 ? 0.555   3.745   12.580  1.00 39.85 ? 144 ASP A C   1 
ATOM   1019 O O   . ASP A 1 144 ? 0.651   3.714   11.353  1.00 40.78 ? 144 ASP A O   1 
ATOM   1020 C CB  . ASP A 1 144 ? 2.783   2.690   13.046  1.00 30.66 ? 144 ASP A CB  1 
ATOM   1021 C CG  . ASP A 1 144 ? 3.513   3.985   13.340  1.00 39.84 ? 144 ASP A CG  1 
ATOM   1022 O OD1 . ASP A 1 144 ? 2.876   5.058   13.302  1.00 38.53 ? 144 ASP A OD1 1 
ATOM   1023 O OD2 . ASP A 1 144 ? 4.730   3.927   13.612  1.00 36.77 ? 144 ASP A OD2 1 
ATOM   1024 N N   . MET A 1 145 ? -0.185  4.640   13.227  1.00 43.87 ? 145 MET A N   1 
ATOM   1025 C CA  . MET A 1 145 ? -0.999  5.622   12.517  1.00 40.77 ? 145 MET A CA  1 
ATOM   1026 C C   . MET A 1 145 ? -0.161  6.709   11.842  1.00 34.97 ? 145 MET A C   1 
ATOM   1027 O O   . MET A 1 145 ? -0.707  7.636   11.244  1.00 33.18 ? 145 MET A O   1 
ATOM   1028 C CB  . MET A 1 145 ? -2.026  6.257   13.461  1.00 48.06 ? 145 MET A CB  1 
ATOM   1029 C CG  . MET A 1 145 ? -3.033  5.275   14.048  1.00 62.74 ? 145 MET A CG  1 
ATOM   1030 S SD  . MET A 1 145 ? -4.262  6.071   15.106  1.00 92.82 ? 145 MET A SD  1 
ATOM   1031 C CE  . MET A 1 145 ? -5.113  7.104   13.909  1.00 74.94 ? 145 MET A CE  1 
ATOM   1032 N N   . GLU A 1 146 ? 1.160   6.593   11.940  1.00 32.83 ? 146 GLU A N   1 
ATOM   1033 C CA  . GLU A 1 146 ? 2.063   7.545   11.296  1.00 35.45 ? 146 GLU A CA  1 
ATOM   1034 C C   . GLU A 1 146 ? 2.755   6.936   10.079  1.00 33.53 ? 146 GLU A C   1 
ATOM   1035 O O   . GLU A 1 146 ? 3.399   7.642   9.301   1.00 36.66 ? 146 GLU A O   1 
ATOM   1036 C CB  . GLU A 1 146 ? 3.109   8.067   12.286  1.00 37.63 ? 146 GLU A CB  1 
ATOM   1037 C CG  . GLU A 1 146 ? 2.596   9.127   13.252  1.00 43.54 ? 146 GLU A CG  1 
ATOM   1038 C CD  . GLU A 1 146 ? 3.721   9.844   13.979  1.00 54.35 ? 146 GLU A CD  1 
ATOM   1039 O OE1 . GLU A 1 146 ? 4.899   9.495   13.749  1.00 55.11 ? 146 GLU A OE1 1 
ATOM   1040 O OE2 . GLU A 1 146 ? 3.428   10.760  14.777  1.00 53.43 ? 146 GLU A OE2 1 
ATOM   1041 N N   . ALA A 1 147 ? 2.619   5.623   9.921   1.00 33.70 ? 147 ALA A N   1 
ATOM   1042 C CA  . ALA A 1 147 ? 3.239   4.910   8.810   1.00 31.51 ? 147 ALA A CA  1 
ATOM   1043 C C   . ALA A 1 147 ? 2.288   4.784   7.623   1.00 30.20 ? 147 ALA A C   1 
ATOM   1044 O O   . ALA A 1 147 ? 1.304   5.516   7.524   1.00 27.77 ? 147 ALA A O   1 
ATOM   1045 C CB  . ALA A 1 147 ? 3.719   3.540   9.260   1.00 31.06 ? 147 ALA A CB  1 
ATOM   1046 N N   . GLY A 1 148 ? 2.583   3.843   6.733   1.00 25.69 ? 148 GLY A N   1 
ATOM   1047 C CA  . GLY A 1 148 ? 1.818   3.669   5.514   1.00 28.96 ? 148 GLY A CA  1 
ATOM   1048 C C   . GLY A 1 148 ? 0.432   3.080   5.699   1.00 33.22 ? 148 GLY A C   1 
ATOM   1049 O O   . GLY A 1 148 ? 0.257   2.061   6.370   1.00 33.51 ? 148 GLY A O   1 
ATOM   1050 N N   . ILE A 1 149 ? -0.559  3.732   5.099   1.00 31.36 ? 149 ILE A N   1 
ATOM   1051 C CA  . ILE A 1 149 ? -1.928  3.227   5.090   1.00 32.34 ? 149 ILE A CA  1 
ATOM   1052 C C   . ILE A 1 149 ? -2.213  2.502   3.783   1.00 26.62 ? 149 ILE A C   1 
ATOM   1053 O O   . ILE A 1 149 ? -1.965  3.040   2.704   1.00 33.20 ? 149 ILE A O   1 
ATOM   1054 C CB  . ILE A 1 149 ? -2.955  4.365   5.243   1.00 28.92 ? 149 ILE A CB  1 
ATOM   1055 C CG1 . ILE A 1 149 ? -3.070  4.788   6.707   1.00 28.67 ? 149 ILE A CG1 1 
ATOM   1056 C CG2 . ILE A 1 149 ? -4.317  3.925   4.723   1.00 28.14 ? 149 ILE A CG2 1 
ATOM   1057 C CD1 . ILE A 1 149 ? -3.820  3.801   7.567   1.00 27.57 ? 149 ILE A CD1 1 
ATOM   1058 N N   . ILE A 1 150 ? -2.731  1.283   3.877   1.00 27.51 ? 150 ILE A N   1 
ATOM   1059 C CA  . ILE A 1 150 ? -3.107  0.537   2.683   1.00 26.82 ? 150 ILE A CA  1 
ATOM   1060 C C   . ILE A 1 150 ? -4.563  0.814   2.332   1.00 30.17 ? 150 ILE A C   1 
ATOM   1061 O O   . ILE A 1 150 ? -5.456  0.656   3.164   1.00 26.95 ? 150 ILE A O   1 
ATOM   1062 C CB  . ILE A 1 150 ? -2.904  -0.982  2.850   1.00 29.34 ? 150 ILE A CB  1 
ATOM   1063 C CG1 . ILE A 1 150 ? -1.469  -1.296  3.279   1.00 22.74 ? 150 ILE A CG1 1 
ATOM   1064 C CG2 . ILE A 1 150 ? -3.246  -1.706  1.559   1.00 24.95 ? 150 ILE A CG2 1 
ATOM   1065 C CD1 . ILE A 1 150 ? -1.246  -1.214  4.770   1.00 23.37 ? 150 ILE A CD1 1 
ATOM   1066 N N   . TYR A 1 151 ? -4.793  1.233   1.093   1.00 28.22 ? 151 TYR A N   1 
ATOM   1067 C CA  . TYR A 1 151 ? -6.133  1.573   0.638   1.00 28.26 ? 151 TYR A CA  1 
ATOM   1068 C C   . TYR A 1 151 ? -6.792  0.393   -0.059  1.00 24.96 ? 151 TYR A C   1 
ATOM   1069 O O   . TYR A 1 151 ? -6.124  -0.403  -0.716  1.00 25.42 ? 151 TYR A O   1 
ATOM   1070 C CB  . TYR A 1 151 ? -6.088  2.767   -0.317  1.00 28.55 ? 151 TYR A CB  1 
ATOM   1071 C CG  . TYR A 1 151 ? -5.352  3.970   0.223   1.00 30.28 ? 151 TYR A CG  1 
ATOM   1072 C CD1 . TYR A 1 151 ? -3.978  4.093   0.068   1.00 27.46 ? 151 TYR A CD1 1 
ATOM   1073 C CD2 . TYR A 1 151 ? -6.031  4.986   0.882   1.00 28.46 ? 151 TYR A CD2 1 
ATOM   1074 C CE1 . TYR A 1 151 ? -3.299  5.193   0.557   1.00 25.55 ? 151 TYR A CE1 1 
ATOM   1075 C CE2 . TYR A 1 151 ? -5.362  6.090   1.375   1.00 30.06 ? 151 TYR A CE2 1 
ATOM   1076 C CZ  . TYR A 1 151 ? -3.997  6.188   1.209   1.00 29.63 ? 151 TYR A CZ  1 
ATOM   1077 O OH  . TYR A 1 151 ? -3.327  7.286   1.698   1.00 34.57 ? 151 TYR A OH  1 
ATOM   1078 N N   . SER A 1 152 ? -8.107  0.288   0.086   1.00 21.03 ? 152 SER A N   1 
ATOM   1079 C CA  . SER A 1 152 ? -8.868  -0.748  -0.601  1.00 25.89 ? 152 SER A CA  1 
ATOM   1080 C C   . SER A 1 152 ? -10.236 -0.224  -1.014  1.00 26.73 ? 152 SER A C   1 
ATOM   1081 O O   . SER A 1 152 ? -10.840 0.587   -0.312  1.00 29.28 ? 152 SER A O   1 
ATOM   1082 C CB  . SER A 1 152 ? -9.034  -1.983  0.283   1.00 24.84 ? 152 SER A CB  1 
ATOM   1083 O OG  . SER A 1 152 ? -10.041 -1.774  1.256   1.00 33.79 ? 152 SER A OG  1 
ATOM   1084 N N   . TYR A 1 153 ? -10.714 -0.698  -2.157  1.00 22.40 ? 153 TYR A N   1 
ATOM   1085 C CA  . TYR A 1 153 ? -12.013 -0.305  -2.676  1.00 23.40 ? 153 TYR A CA  1 
ATOM   1086 C C   . TYR A 1 153 ? -12.555 -1.430  -3.543  1.00 27.07 ? 153 TYR A C   1 
ATOM   1087 O O   . TYR A 1 153 ? -11.809 -2.312  -3.969  1.00 28.78 ? 153 TYR A O   1 
ATOM   1088 C CB  . TYR A 1 153 ? -11.884 0.964   -3.515  1.00 21.62 ? 153 TYR A CB  1 
ATOM   1089 C CG  . TYR A 1 153 ? -11.208 0.733   -4.847  1.00 20.55 ? 153 TYR A CG  1 
ATOM   1090 C CD1 . TYR A 1 153 ? -9.825  0.653   -4.941  1.00 18.96 ? 153 TYR A CD1 1 
ATOM   1091 C CD2 . TYR A 1 153 ? -11.954 0.585   -6.009  1.00 23.22 ? 153 TYR A CD2 1 
ATOM   1092 C CE1 . TYR A 1 153 ? -9.202  0.436   -6.155  1.00 21.49 ? 153 TYR A CE1 1 
ATOM   1093 C CE2 . TYR A 1 153 ? -11.342 0.367   -7.231  1.00 20.12 ? 153 TYR A CE2 1 
ATOM   1094 C CZ  . TYR A 1 153 ? -9.965  0.294   -7.297  1.00 25.50 ? 153 TYR A CZ  1 
ATOM   1095 O OH  . TYR A 1 153 ? -9.349  0.079   -8.507  1.00 23.01 ? 153 TYR A OH  1 
ATOM   1096 N N   . TYR A 1 154 ? -13.853 -1.392  -3.812  1.00 18.43 ? 154 TYR A N   1 
ATOM   1097 C CA  . TYR A 1 154 ? -14.486 -2.388  -4.663  1.00 23.37 ? 154 TYR A CA  1 
ATOM   1098 C C   . TYR A 1 154 ? -14.701 -1.829  -6.064  1.00 23.89 ? 154 TYR A C   1 
ATOM   1099 O O   . TYR A 1 154 ? -15.365 -0.808  -6.234  1.00 31.17 ? 154 TYR A O   1 
ATOM   1100 C CB  . TYR A 1 154 ? -15.824 -2.824  -4.061  1.00 22.75 ? 154 TYR A CB  1 
ATOM   1101 C CG  . TYR A 1 154 ? -15.692 -3.637  -2.794  1.00 24.73 ? 154 TYR A CG  1 
ATOM   1102 C CD1 . TYR A 1 154 ? -15.441 -3.024  -1.573  1.00 25.15 ? 154 TYR A CD1 1 
ATOM   1103 C CD2 . TYR A 1 154 ? -15.824 -5.020  -2.819  1.00 21.90 ? 154 TYR A CD2 1 
ATOM   1104 C CE1 . TYR A 1 154 ? -15.319 -3.769  -0.411  1.00 24.67 ? 154 TYR A CE1 1 
ATOM   1105 C CE2 . TYR A 1 154 ? -15.705 -5.771  -1.665  1.00 24.58 ? 154 TYR A CE2 1 
ATOM   1106 C CZ  . TYR A 1 154 ? -15.453 -5.141  -0.464  1.00 30.81 ? 154 TYR A CZ  1 
ATOM   1107 O OH  . TYR A 1 154 ? -15.334 -5.885  0.688   1.00 31.65 ? 154 TYR A OH  1 
ATOM   1108 N N   . LYS A 1 155 ? -14.132 -2.491  -7.067  1.00 20.85 ? 155 LYS A N   1 
ATOM   1109 C CA  . LYS A 1 155 ? -14.346 -2.089  -8.453  1.00 30.66 ? 155 LYS A CA  1 
ATOM   1110 C C   . LYS A 1 155 ? -15.667 -2.650  -8.968  1.00 31.10 ? 155 LYS A C   1 
ATOM   1111 O O   . LYS A 1 155 ? -15.889 -3.859  -8.935  1.00 31.70 ? 155 LYS A O   1 
ATOM   1112 C CB  . LYS A 1 155 ? -13.197 -2.560  -9.350  1.00 28.21 ? 155 LYS A CB  1 
ATOM   1113 C CG  . LYS A 1 155 ? -13.358 -2.147  -10.809 1.00 26.69 ? 155 LYS A CG  1 
ATOM   1114 C CD  . LYS A 1 155 ? -12.419 -2.910  -11.736 1.00 39.37 ? 155 LYS A CD  1 
ATOM   1115 C CE  . LYS A 1 155 ? -11.063 -2.233  -11.871 1.00 43.25 ? 155 LYS A CE  1 
ATOM   1116 N NZ  . LYS A 1 155 ? -10.244 -2.857  -12.951 1.00 42.98 ? 155 LYS A NZ  1 
ATOM   1117 N N   . GLY A 1 156 ? -16.538 -1.768  -9.445  1.00 30.01 ? 156 GLY A N   1 
ATOM   1118 C CA  . GLY A 1 156 ? -17.834 -2.177  -9.955  1.00 26.60 ? 156 GLY A CA  1 
ATOM   1119 C C   . GLY A 1 156 ? -18.588 -3.079  -8.997  1.00 32.83 ? 156 GLY A C   1 
ATOM   1120 O O   . GLY A 1 156 ? -18.835 -2.716  -7.847  1.00 30.47 ? 156 GLY A O   1 
ATOM   1121 N N   . GLU A 1 157 ? -18.948 -4.266  -9.473  1.00 33.15 ? 157 GLU A N   1 
ATOM   1122 C CA  . GLU A 1 157 ? -19.719 -5.212  -8.676  1.00 34.13 ? 157 GLU A CA  1 
ATOM   1123 C C   . GLU A 1 157 ? -18.856 -6.373  -8.194  1.00 34.19 ? 157 GLU A C   1 
ATOM   1124 O O   . GLU A 1 157 ? -19.377 -7.408  -7.779  1.00 33.30 ? 157 GLU A O   1 
ATOM   1125 C CB  . GLU A 1 157 ? -20.905 -5.745  -9.483  1.00 42.22 ? 157 GLU A CB  1 
ATOM   1126 C CG  . GLU A 1 157 ? -21.819 -4.661  -10.032 1.00 43.58 ? 157 GLU A CG  1 
ATOM   1127 C CD  . GLU A 1 157 ? -22.890 -5.210  -10.953 1.00 50.69 ? 157 GLU A CD  1 
ATOM   1128 O OE1 . GLU A 1 157 ? -23.617 -6.136  -10.536 1.00 43.31 ? 157 GLU A OE1 1 
ATOM   1129 O OE2 . GLU A 1 157 ? -23.001 -4.719  -12.097 1.00 63.29 ? 157 GLU A OE2 1 
ATOM   1130 N N   . GLU A 1 158 ? -17.540 -6.199  -8.252  1.00 31.12 ? 158 GLU A N   1 
ATOM   1131 C CA  . GLU A 1 158 ? -16.617 -7.240  -7.807  1.00 32.59 ? 158 GLU A CA  1 
ATOM   1132 C C   . GLU A 1 158 ? -16.841 -7.575  -6.334  1.00 35.80 ? 158 GLU A C   1 
ATOM   1133 O O   . GLU A 1 158 ? -17.141 -6.695  -5.528  1.00 37.09 ? 158 GLU A O   1 
ATOM   1134 C CB  . GLU A 1 158 ? -15.163 -6.834  -8.065  1.00 29.00 ? 158 GLU A CB  1 
ATOM   1135 C CG  . GLU A 1 158 ? -14.790 -6.793  -9.543  1.00 23.55 ? 158 GLU A CG  1 
ATOM   1136 C CD  . GLU A 1 158 ? -13.320 -6.490  -9.781  1.00 34.88 ? 158 GLU A CD  1 
ATOM   1137 O OE1 . GLU A 1 158 ? -12.558 -6.405  -8.794  1.00 28.85 ? 158 GLU A OE1 1 
ATOM   1138 O OE2 . GLU A 1 158 ? -12.926 -6.336  -10.957 1.00 38.14 ? 158 GLU A OE2 1 
ATOM   1139 N N   . ILE A 1 159 ? -16.701 -8.852  -5.994  1.00 32.61 ? 159 ILE A N   1 
ATOM   1140 C CA  . ILE A 1 159 ? -17.021 -9.335  -4.653  1.00 33.30 ? 159 ILE A CA  1 
ATOM   1141 C C   . ILE A 1 159 ? -15.908 -9.069  -3.639  1.00 31.98 ? 159 ILE A C   1 
ATOM   1142 O O   . ILE A 1 159 ? -16.180 -8.759  -2.478  1.00 32.66 ? 159 ILE A O   1 
ATOM   1143 C CB  . ILE A 1 159 ? -17.382 -10.838 -4.670  1.00 40.24 ? 159 ILE A CB  1 
ATOM   1144 C CG1 . ILE A 1 159 ? -18.654 -11.060 -5.490  1.00 41.63 ? 159 ILE A CG1 1 
ATOM   1145 C CG2 . ILE A 1 159 ? -17.568 -11.365 -3.256  1.00 43.29 ? 159 ILE A CG2 1 
ATOM   1146 C CD1 . ILE A 1 159 ? -19.077 -12.508 -5.587  1.00 47.75 ? 159 ILE A CD1 1 
ATOM   1147 N N   . THR A 1 160 ? -14.659 -9.186  -4.080  1.00 32.03 ? 160 THR A N   1 
ATOM   1148 C CA  . THR A 1 160 ? -13.518 -8.901  -3.212  1.00 34.44 ? 160 THR A CA  1 
ATOM   1149 C C   . THR A 1 160 ? -12.867 -7.566  -3.570  1.00 27.88 ? 160 THR A C   1 
ATOM   1150 O O   . THR A 1 160 ? -12.889 -7.152  -4.729  1.00 31.76 ? 160 THR A O   1 
ATOM   1151 C CB  . THR A 1 160 ? -12.467 -10.028 -3.265  1.00 35.93 ? 160 THR A CB  1 
ATOM   1152 O OG1 . THR A 1 160 ? -12.052 -10.234 -4.621  1.00 32.96 ? 160 THR A OG1 1 
ATOM   1153 C CG2 . THR A 1 160 ? -13.045 -11.321 -2.713  1.00 28.32 ? 160 THR A CG2 1 
ATOM   1154 N N   . PRO A 1 161 ? -12.287 -6.889  -2.570  1.00 27.65 ? 161 PRO A N   1 
ATOM   1155 C CA  . PRO A 1 161 ? -11.718 -5.549  -2.750  1.00 27.01 ? 161 PRO A CA  1 
ATOM   1156 C C   . PRO A 1 161 ? -10.416 -5.554  -3.550  1.00 25.62 ? 161 PRO A C   1 
ATOM   1157 O O   . PRO A 1 161 ? -9.840  -6.612  -3.804  1.00 27.28 ? 161 PRO A O   1 
ATOM   1158 C CB  . PRO A 1 161 ? -11.438 -5.085  -1.310  1.00 23.76 ? 161 PRO A CB  1 
ATOM   1159 C CG  . PRO A 1 161 ? -12.184 -6.046  -0.421  1.00 28.72 ? 161 PRO A CG  1 
ATOM   1160 C CD  . PRO A 1 161 ? -12.199 -7.335  -1.170  1.00 28.46 ? 161 PRO A CD  1 
ATOM   1161 N N   . ARG A 1 162 ? -9.975  -4.366  -3.951  1.00 30.41 ? 162 ARG A N   1 
ATOM   1162 C CA  . ARG A 1 162 ? -8.672  -4.183  -4.572  1.00 27.71 ? 162 ARG A CA  1 
ATOM   1163 C C   . ARG A 1 162 ? -7.860  -3.273  -3.666  1.00 25.86 ? 162 ARG A C   1 
ATOM   1164 O O   . ARG A 1 162 ? -8.392  -2.312  -3.113  1.00 24.01 ? 162 ARG A O   1 
ATOM   1165 C CB  . ARG A 1 162 ? -8.816  -3.562  -5.961  1.00 20.91 ? 162 ARG A CB  1 
ATOM   1166 C CG  . ARG A 1 162 ? -9.269  -4.543  -7.025  1.00 28.84 ? 162 ARG A CG  1 
ATOM   1167 C CD  . ARG A 1 162 ? -9.740  -3.830  -8.280  1.00 31.31 ? 162 ARG A CD  1 
ATOM   1168 N NE  . ARG A 1 162 ? -10.105 -4.777  -9.329  1.00 41.29 ? 162 ARG A NE  1 
ATOM   1169 C CZ  . ARG A 1 162 ? -9.263  -5.236  -10.248 1.00 44.24 ? 162 ARG A CZ  1 
ATOM   1170 N NH1 . ARG A 1 162 ? -8.000  -4.832  -10.255 1.00 43.14 ? 162 ARG A NH1 1 
ATOM   1171 N NH2 . ARG A 1 162 ? -9.684  -6.100  -11.162 1.00 40.87 ? 162 ARG A NH2 1 
ATOM   1172 N N   . PHE A 1 163 ? -6.577  -3.580  -3.503  1.00 29.05 ? 163 PHE A N   1 
ATOM   1173 C CA  . PHE A 1 163 ? -5.739  -2.849  -2.562  1.00 25.49 ? 163 PHE A CA  1 
ATOM   1174 C C   . PHE A 1 163 ? -4.695  -1.982  -3.259  1.00 25.93 ? 163 PHE A C   1 
ATOM   1175 O O   . PHE A 1 163 ? -3.991  -2.436  -4.161  1.00 26.78 ? 163 PHE A O   1 
ATOM   1176 C CB  . PHE A 1 163 ? -5.072  -3.815  -1.579  1.00 25.91 ? 163 PHE A CB  1 
ATOM   1177 C CG  . PHE A 1 163 ? -6.031  -4.446  -0.606  1.00 24.86 ? 163 PHE A CG  1 
ATOM   1178 C CD1 . PHE A 1 163 ? -6.869  -5.473  -1.008  1.00 24.74 ? 163 PHE A CD1 1 
ATOM   1179 C CD2 . PHE A 1 163 ? -6.098  -4.009  0.708   1.00 25.61 ? 163 PHE A CD2 1 
ATOM   1180 C CE1 . PHE A 1 163 ? -7.756  -6.053  -0.118  1.00 28.62 ? 163 PHE A CE1 1 
ATOM   1181 C CE2 . PHE A 1 163 ? -6.982  -4.585  1.601   1.00 22.83 ? 163 PHE A CE2 1 
ATOM   1182 C CZ  . PHE A 1 163 ? -7.811  -5.608  1.186   1.00 26.54 ? 163 PHE A CZ  1 
ATOM   1183 N N   . VAL A 1 164 ? -4.604  -0.728  -2.829  1.00 25.00 ? 164 VAL A N   1 
ATOM   1184 C CA  . VAL A 1 164 ? -3.690  0.232   -3.434  1.00 25.17 ? 164 VAL A CA  1 
ATOM   1185 C C   . VAL A 1 164 ? -2.580  0.635   -2.468  1.00 25.08 ? 164 VAL A C   1 
ATOM   1186 O O   . VAL A 1 164 ? -2.837  0.934   -1.302  1.00 24.66 ? 164 VAL A O   1 
ATOM   1187 C CB  . VAL A 1 164 ? -4.437  1.493   -3.891  1.00 21.13 ? 164 VAL A CB  1 
ATOM   1188 C CG1 . VAL A 1 164 ? -3.477  2.468   -4.547  1.00 22.43 ? 164 VAL A CG1 1 
ATOM   1189 C CG2 . VAL A 1 164 ? -5.560  1.117   -4.843  1.00 17.17 ? 164 VAL A CG2 1 
ATOM   1190 N N   . TYR A 1 165 ? -1.346  0.645   -2.958  1.00 26.56 ? 165 TYR A N   1 
ATOM   1191 C CA  . TYR A 1 165 ? -0.199  0.976   -2.124  1.00 25.75 ? 165 TYR A CA  1 
ATOM   1192 C C   . TYR A 1 165 ? 0.537   2.201   -2.652  1.00 23.36 ? 165 TYR A C   1 
ATOM   1193 O O   . TYR A 1 165 ? 0.754   2.328   -3.855  1.00 23.86 ? 165 TYR A O   1 
ATOM   1194 C CB  . TYR A 1 165 ? 0.777   -0.202  -2.070  1.00 27.28 ? 165 TYR A CB  1 
ATOM   1195 C CG  . TYR A 1 165 ? 0.194   -1.491  -1.534  1.00 24.61 ? 165 TYR A CG  1 
ATOM   1196 C CD1 . TYR A 1 165 ? -0.680  -2.252  -2.300  1.00 21.90 ? 165 TYR A CD1 1 
ATOM   1197 C CD2 . TYR A 1 165 ? 0.537   -1.958  -0.273  1.00 20.50 ? 165 TYR A CD2 1 
ATOM   1198 C CE1 . TYR A 1 165 ? -1.210  -3.435  -1.819  1.00 24.12 ? 165 TYR A CE1 1 
ATOM   1199 C CE2 . TYR A 1 165 ? 0.015   -3.141  0.219   1.00 24.12 ? 165 TYR A CE2 1 
ATOM   1200 C CZ  . TYR A 1 165 ? -0.858  -3.875  -0.558  1.00 28.48 ? 165 TYR A CZ  1 
ATOM   1201 O OH  . TYR A 1 165 ? -1.379  -5.050  -0.072  1.00 26.05 ? 165 TYR A OH  1 
ATOM   1202 N N   . ILE A 1 166 ? 0.926   3.098   -1.750  1.00 23.19 ? 166 ILE A N   1 
ATOM   1203 C CA  . ILE A 1 166 ? 1.834   4.185   -2.106  1.00 26.93 ? 166 ILE A CA  1 
ATOM   1204 C C   . ILE A 1 166 ? 3.265   3.650   -2.033  1.00 27.68 ? 166 ILE A C   1 
ATOM   1205 O O   . ILE A 1 166 ? 3.835   3.506   -0.952  1.00 24.30 ? 166 ILE A O   1 
ATOM   1206 C CB  . ILE A 1 166 ? 1.657   5.408   -1.185  1.00 27.38 ? 166 ILE A CB  1 
ATOM   1207 C CG1 . ILE A 1 166 ? 0.206   5.899   -1.224  1.00 22.88 ? 166 ILE A CG1 1 
ATOM   1208 C CG2 . ILE A 1 166 ? 2.602   6.527   -1.591  1.00 20.82 ? 166 ILE A CG2 1 
ATOM   1209 C CD1 . ILE A 1 166 ? -0.040  7.154   -0.414  1.00 21.61 ? 166 ILE A CD1 1 
ATOM   1210 N N   . SER A 1 167 ? 3.836   3.368   -3.199  1.00 21.41 ? 167 SER A N   1 
ATOM   1211 C CA  . SER A 1 167 ? 5.050   2.557   -3.312  1.00 24.59 ? 167 SER A CA  1 
ATOM   1212 C C   . SER A 1 167 ? 6.337   3.162   -2.736  1.00 23.68 ? 167 SER A C   1 
ATOM   1213 O O   . SER A 1 167 ? 7.243   2.424   -2.343  1.00 30.45 ? 167 SER A O   1 
ATOM   1214 C CB  . SER A 1 167 ? 5.276   2.147   -4.771  1.00 26.11 ? 167 SER A CB  1 
ATOM   1215 O OG  . SER A 1 167 ? 5.392   3.283   -5.608  1.00 34.08 ? 167 SER A OG  1 
ATOM   1216 N N   . ASP A 1 168 ? 6.428   4.488   -2.690  1.00 23.93 ? 168 ASP A N   1 
ATOM   1217 C CA  . ASP A 1 168 ? 7.632   5.143   -2.174  1.00 25.08 ? 168 ASP A CA  1 
ATOM   1218 C C   . ASP A 1 168 ? 7.718   5.077   -0.653  1.00 24.29 ? 168 ASP A C   1 
ATOM   1219 O O   . ASP A 1 168 ? 8.730   5.461   -0.062  1.00 21.30 ? 168 ASP A O   1 
ATOM   1220 C CB  . ASP A 1 168 ? 7.714   6.598   -2.648  1.00 26.52 ? 168 ASP A CB  1 
ATOM   1221 C CG  . ASP A 1 168 ? 8.095   6.715   -4.110  1.00 29.38 ? 168 ASP A CG  1 
ATOM   1222 O OD1 . ASP A 1 168 ? 9.267   6.437   -4.444  1.00 24.66 ? 168 ASP A OD1 1 
ATOM   1223 O OD2 . ASP A 1 168 ? 7.225   7.094   -4.921  1.00 30.17 ? 168 ASP A OD2 1 
ATOM   1224 N N   . GLY A 1 169 ? 6.649   4.597   -0.026  1.00 26.08 ? 169 GLY A N   1 
ATOM   1225 C CA  . GLY A 1 169 ? 6.650   4.364   1.404   1.00 22.02 ? 169 GLY A CA  1 
ATOM   1226 C C   . GLY A 1 169 ? 7.040   2.927   1.683   1.00 24.36 ? 169 GLY A C   1 
ATOM   1227 O O   . GLY A 1 169 ? 7.057   2.478   2.830   1.00 25.07 ? 169 GLY A O   1 
ATOM   1228 N N   . LEU A 1 170 ? 7.361   2.204   0.616   1.00 22.77 ? 170 LEU A N   1 
ATOM   1229 C CA  . LEU A 1 170 ? 7.718   0.798   0.720   1.00 21.64 ? 170 LEU A CA  1 
ATOM   1230 C C   . LEU A 1 170 ? 9.111   0.540   0.162   1.00 25.26 ? 170 LEU A C   1 
ATOM   1231 O O   . LEU A 1 170 ? 9.650   1.346   -0.595  1.00 26.97 ? 170 LEU A O   1 
ATOM   1232 C CB  . LEU A 1 170 ? 6.710   -0.065  -0.041  1.00 19.75 ? 170 LEU A CB  1 
ATOM   1233 C CG  . LEU A 1 170 ? 5.224   0.058   0.295   1.00 21.57 ? 170 LEU A CG  1 
ATOM   1234 C CD1 . LEU A 1 170 ? 4.400   -0.790  -0.664  1.00 19.38 ? 170 LEU A CD1 1 
ATOM   1235 C CD2 . LEU A 1 170 ? 4.945   -0.341  1.735   1.00 19.82 ? 170 LEU A CD2 1 
ATOM   1236 N N   . PHE A 1 171 ? 9.687   -0.594  0.546   1.00 26.38 ? 171 PHE A N   1 
ATOM   1237 C CA  . PHE A 1 171 ? 10.917  -1.072  -0.070  1.00 29.81 ? 171 PHE A CA  1 
ATOM   1238 C C   . PHE A 1 171 ? 10.815  -2.573  -0.312  1.00 29.53 ? 171 PHE A C   1 
ATOM   1239 O O   . PHE A 1 171 ? 10.088  -3.275  0.390   1.00 23.59 ? 171 PHE A O   1 
ATOM   1240 C CB  . PHE A 1 171 ? 12.140  -0.732  0.787   1.00 26.22 ? 171 PHE A CB  1 
ATOM   1241 C CG  . PHE A 1 171 ? 12.250  -1.543  2.047   1.00 25.01 ? 171 PHE A CG  1 
ATOM   1242 C CD1 . PHE A 1 171 ? 11.710  -1.080  3.235   1.00 24.14 ? 171 PHE A CD1 1 
ATOM   1243 C CD2 . PHE A 1 171 ? 12.910  -2.761  2.047   1.00 27.23 ? 171 PHE A CD2 1 
ATOM   1244 C CE1 . PHE A 1 171 ? 11.819  -1.822  4.398   1.00 22.77 ? 171 PHE A CE1 1 
ATOM   1245 C CE2 . PHE A 1 171 ? 13.021  -3.507  3.204   1.00 28.88 ? 171 PHE A CE2 1 
ATOM   1246 C CZ  . PHE A 1 171 ? 12.475  -3.035  4.381   1.00 30.89 ? 171 PHE A CZ  1 
ATOM   1247 N N   . GLU A 1 172 ? 11.538  -3.058  -1.313  1.00 29.06 ? 172 GLU A N   1 
ATOM   1248 C CA  . GLU A 1 172 ? 11.447  -4.458  -1.701  1.00 31.18 ? 172 GLU A CA  1 
ATOM   1249 C C   . GLU A 1 172 ? 12.560  -5.283  -1.069  1.00 31.85 ? 172 GLU A C   1 
ATOM   1250 O O   . GLU A 1 172 ? 13.685  -4.811  -0.917  1.00 28.37 ? 172 GLU A O   1 
ATOM   1251 C CB  . GLU A 1 172 ? 11.493  -4.591  -3.224  1.00 32.81 ? 172 GLU A CB  1 
ATOM   1252 C CG  . GLU A 1 172 ? 10.424  -3.786  -3.946  1.00 45.04 ? 172 GLU A CG  1 
ATOM   1253 C CD  . GLU A 1 172 ? 10.510  -3.923  -5.455  1.00 47.27 ? 172 GLU A CD  1 
ATOM   1254 O OE1 . GLU A 1 172 ? 11.066  -4.934  -5.933  1.00 35.93 ? 172 GLU A OE1 1 
ATOM   1255 O OE2 . GLU A 1 172 ? 10.024  -3.014  -6.163  1.00 45.94 ? 172 GLU A OE2 1 
ATOM   1256 N N   . GLU A 1 173 ? 12.235  -6.516  -0.695  1.00 30.02 ? 173 GLU A N   1 
ATOM   1257 C CA  . GLU A 1 173 ? 13.224  -7.415  -0.113  1.00 34.28 ? 173 GLU A CA  1 
ATOM   1258 C C   . GLU A 1 173 ? 13.078  -8.822  -0.680  1.00 35.24 ? 173 GLU A C   1 
ATOM   1259 O O   . GLU A 1 173 ? 12.078  -9.501  -0.449  1.00 35.99 ? 173 GLU A O   1 
ATOM   1260 C CB  . GLU A 1 173 ? 13.119  -7.428  1.415   1.00 33.21 ? 173 GLU A CB  1 
ATOM   1261 C CG  . GLU A 1 173 ? 14.339  -8.010  2.118   1.00 39.73 ? 173 GLU A CG  1 
ATOM   1262 C CD  . GLU A 1 173 ? 14.420  -7.599  3.578   1.00 46.69 ? 173 GLU A CD  1 
ATOM   1263 O OE1 . GLU A 1 173 ? 13.742  -6.620  3.958   1.00 50.33 ? 173 GLU A OE1 1 
ATOM   1264 O OE2 . GLU A 1 173 ? 15.160  -8.250  4.345   1.00 50.95 ? 173 GLU A OE2 1 
ATOM   1265 N N   . LYS A 1 174 ? 14.087  -9.245  -1.434  1.00 33.90 ? 174 LYS A N   1 
ATOM   1266 C CA  . LYS A 1 174 ? 14.083  -10.555 -2.066  1.00 33.47 ? 174 LYS A CA  1 
ATOM   1267 C C   . LYS A 1 174 ? 14.510  -11.631 -1.074  1.00 36.28 ? 174 LYS A C   1 
ATOM   1268 O O   . LYS A 1 174 ? 15.421  -11.420 -0.272  1.00 44.07 ? 174 LYS A O   1 
ATOM   1269 C CB  . LYS A 1 174 ? 15.014  -10.549 -3.279  1.00 33.42 ? 174 LYS A CB  1 
ATOM   1270 C CG  . LYS A 1 174 ? 14.376  -11.059 -4.557  1.00 44.98 ? 174 LYS A CG  1 
ATOM   1271 C CD  . LYS A 1 174 ? 14.877  -10.278 -5.761  1.00 35.17 ? 174 LYS A CD  1 
ATOM   1272 C CE  . LYS A 1 174 ? 14.522  -8.804  -5.633  1.00 40.59 ? 174 LYS A CE  1 
ATOM   1273 N NZ  . LYS A 1 174 ? 14.950  -8.012  -6.819  1.00 55.22 ? 174 LYS A NZ  1 
ATOM   1274 N N   . TYR A 1 175 ? 13.848  -12.782 -1.122  1.00 36.62 ? 175 TYR A N   1 
ATOM   1275 C CA  . TYR A 1 175 ? 14.180  -13.877 -0.219  1.00 34.22 ? 175 TYR A CA  1 
ATOM   1276 C C   . TYR A 1 175 ? 14.417  -15.187 -0.964  1.00 32.42 ? 175 TYR A C   1 
ATOM   1277 O O   . TYR A 1 175 ? 13.563  -15.648 -1.722  1.00 38.52 ? 175 TYR A O   1 
ATOM   1278 C CB  . TYR A 1 175 ? 13.091  -14.063 0.843   1.00 39.90 ? 175 TYR A CB  1 
ATOM   1279 C CG  . TYR A 1 175 ? 13.130  -13.045 1.960   1.00 48.04 ? 175 TYR A CG  1 
ATOM   1280 C CD1 . TYR A 1 175 ? 14.106  -13.106 2.949   1.00 36.84 ? 175 TYR A CD1 1 
ATOM   1281 C CD2 . TYR A 1 175 ? 12.184  -12.029 2.034   1.00 45.78 ? 175 TYR A CD2 1 
ATOM   1282 C CE1 . TYR A 1 175 ? 14.141  -12.178 3.976   1.00 39.54 ? 175 TYR A CE1 1 
ATOM   1283 C CE2 . TYR A 1 175 ? 12.216  -11.096 3.057   1.00 44.61 ? 175 TYR A CE2 1 
ATOM   1284 C CZ  . TYR A 1 175 ? 13.195  -11.177 4.024   1.00 48.54 ? 175 TYR A CZ  1 
ATOM   1285 O OH  . TYR A 1 175 ? 13.230  -10.253 5.045   1.00 51.78 ? 175 TYR A OH  1 
ATOM   1286 N N   . LEU A 1 176 ? 15.587  -15.775 -0.741  1.00 31.10 ? 176 LEU A N   1 
ATOM   1287 C CA  . LEU A 1 176 ? 15.927  -17.078 -1.299  1.00 29.10 ? 176 LEU A CA  1 
ATOM   1288 C C   . LEU A 1 176 ? 16.473  -17.981 -0.199  1.00 35.44 ? 176 LEU A C   1 
ATOM   1289 O O   . LEU A 1 176 ? 17.674  -17.992 0.070   1.00 37.54 ? 176 LEU A O   1 
ATOM   1290 C CB  . LEU A 1 176 ? 16.948  -16.932 -2.428  1.00 29.14 ? 176 LEU A CB  1 
ATOM   1291 C CG  . LEU A 1 176 ? 17.504  -18.230 -3.021  1.00 35.84 ? 176 LEU A CG  1 
ATOM   1292 C CD1 . LEU A 1 176 ? 16.398  -19.257 -3.230  1.00 32.90 ? 176 LEU A CD1 1 
ATOM   1293 C CD2 . LEU A 1 176 ? 18.240  -17.947 -4.321  1.00 27.24 ? 176 LEU A CD2 1 
ATOM   1294 N N   . GLU A 1 177 ? 15.580  -18.737 0.430   1.00 34.87 ? 177 GLU A N   1 
ATOM   1295 C CA  . GLU A 1 177 ? 15.936  -19.545 1.589   1.00 31.12 ? 177 GLU A CA  1 
ATOM   1296 C C   . GLU A 1 177 ? 15.805  -21.032 1.297   1.00 27.77 ? 177 GLU A C   1 
ATOM   1297 O O   . GLU A 1 177 ? 15.332  -21.426 0.232   1.00 26.27 ? 177 GLU A O   1 
ATOM   1298 C CB  . GLU A 1 177 ? 15.032  -19.179 2.765   1.00 33.50 ? 177 GLU A CB  1 
ATOM   1299 C CG  . GLU A 1 177 ? 15.030  -17.700 3.103   1.00 35.34 ? 177 GLU A CG  1 
ATOM   1300 C CD  . GLU A 1 177 ? 13.683  -17.221 3.613   1.00 45.69 ? 177 GLU A CD  1 
ATOM   1301 O OE1 . GLU A 1 177 ? 12.648  -17.703 3.104   1.00 36.86 ? 177 GLU A OE1 1 
ATOM   1302 O OE2 . GLU A 1 177 ? 13.662  -16.369 4.527   1.00 43.87 ? 177 GLU A OE2 1 
ATOM   1303 N N   . HIS A 1 178 ? 16.234  -21.856 2.246   1.00 29.89 ? 178 HIS A N   1 
ATOM   1304 C CA  . HIS A 1 178 ? 16.059  -23.296 2.134   1.00 25.19 ? 178 HIS A CA  1 
ATOM   1305 C C   . HIS A 1 178 ? 14.825  -23.731 2.910   1.00 27.09 ? 178 HIS A C   1 
ATOM   1306 O O   . HIS A 1 178 ? 14.575  -24.922 3.101   1.00 25.33 ? 178 HIS A O   1 
ATOM   1307 C CB  . HIS A 1 178 ? 17.307  -24.033 2.617   1.00 27.69 ? 178 HIS A CB  1 
ATOM   1308 C CG  . HIS A 1 178 ? 18.430  -24.007 1.628   1.00 33.69 ? 178 HIS A CG  1 
ATOM   1309 N ND1 . HIS A 1 178 ? 18.228  -24.135 0.276   1.00 32.95 ? 178 HIS A ND1 1 
ATOM   1310 C CD2 . HIS A 1 178 ? 19.767  -23.855 1.799   1.00 39.71 ? 178 HIS A CD2 1 
ATOM   1311 C CE1 . HIS A 1 178 ? 19.391  -24.071 -0.353  1.00 32.58 ? 178 HIS A CE1 1 
ATOM   1312 N NE2 . HIS A 1 178 ? 20.337  -23.900 0.551   1.00 40.84 ? 178 HIS A NE2 1 
ATOM   1313 N N   . HIS A 1 179 ? 14.057  -22.742 3.353   1.00 25.63 ? 179 HIS A N   1 
ATOM   1314 C CA  . HIS A 1 179 ? 12.783  -22.978 4.013   1.00 24.44 ? 179 HIS A CA  1 
ATOM   1315 C C   . HIS A 1 179 ? 11.806  -21.884 3.603   1.00 28.38 ? 179 HIS A C   1 
ATOM   1316 O O   . HIS A 1 179 ? 12.217  -20.798 3.189   1.00 28.07 ? 179 HIS A O   1 
ATOM   1317 C CB  . HIS A 1 179 ? 12.956  -22.994 5.531   1.00 29.04 ? 179 HIS A CB  1 
ATOM   1318 C CG  . HIS A 1 179 ? 13.485  -21.709 6.093   1.00 33.49 ? 179 HIS A CG  1 
ATOM   1319 N ND1 . HIS A 1 179 ? 12.721  -20.568 6.185   1.00 36.65 ? 179 HIS A ND1 1 
ATOM   1320 C CD2 . HIS A 1 179 ? 14.703  -21.392 6.591   1.00 30.09 ? 179 HIS A CD2 1 
ATOM   1321 C CE1 . HIS A 1 179 ? 13.447  -19.598 6.716   1.00 29.20 ? 179 HIS A CE1 1 
ATOM   1322 N NE2 . HIS A 1 179 ? 14.650  -20.071 6.973   1.00 32.47 ? 179 HIS A NE2 1 
ATOM   1323 N N   . HIS A 1 180 ? 10.514  -22.174 3.716   1.00 35.16 ? 180 HIS A N   1 
ATOM   1324 C CA  . HIS A 1 180 ? 9.484   -21.208 3.355   1.00 36.87 ? 180 HIS A CA  1 
ATOM   1325 C C   . HIS A 1 180 ? 9.678   -19.911 4.129   1.00 36.12 ? 180 HIS A C   1 
ATOM   1326 O O   . HIS A 1 180 ? 10.158  -19.921 5.260   1.00 40.38 ? 180 HIS A O   1 
ATOM   1327 C CB  . HIS A 1 180 ? 8.094   -21.782 3.632   1.00 32.62 ? 180 HIS A CB  1 
ATOM   1328 C CG  . HIS A 1 180 ? 7.693   -21.728 5.071   1.00 30.44 ? 180 HIS A CG  1 
ATOM   1329 N ND1 . HIS A 1 180 ? 6.731   -20.856 5.545   1.00 35.44 ? 180 HIS A ND1 1 
ATOM   1330 C CD2 . HIS A 1 180 ? 8.118   -22.431 6.147   1.00 37.23 ? 180 HIS A CD2 1 
ATOM   1331 C CE1 . HIS A 1 180 ? 6.583   -21.030 6.845   1.00 34.36 ? 180 HIS A CE1 1 
ATOM   1332 N NE2 . HIS A 1 180 ? 7.414   -21.981 7.235   1.00 43.29 ? 180 HIS A NE2 1 
ATOM   1333 N N   . HIS A 1 181 ? 9.308   -18.793 3.513   1.00 37.59 ? 181 HIS A N   1 
ATOM   1334 C CA  . HIS A 1 181 ? 9.449   -17.493 4.156   1.00 34.90 ? 181 HIS A CA  1 
ATOM   1335 C C   . HIS A 1 181 ? 8.288   -17.212 5.101   1.00 36.02 ? 181 HIS A C   1 
ATOM   1336 O O   . HIS A 1 181 ? 7.125   -17.402 4.746   1.00 34.12 ? 181 HIS A O   1 
ATOM   1337 C CB  . HIS A 1 181 ? 9.549   -16.378 3.114   1.00 37.26 ? 181 HIS A CB  1 
ATOM   1338 C CG  . HIS A 1 181 ? 9.501   -14.999 3.702   1.00 40.68 ? 181 HIS A CG  1 
ATOM   1339 N ND1 . HIS A 1 181 ? 10.620  -14.356 4.181   1.00 49.28 ? 181 HIS A ND1 1 
ATOM   1340 C CD2 . HIS A 1 181 ? 8.464   -14.149 3.890   1.00 39.62 ? 181 HIS A CD2 1 
ATOM   1341 C CE1 . HIS A 1 181 ? 10.275  -13.163 4.639   1.00 42.25 ? 181 HIS A CE1 1 
ATOM   1342 N NE2 . HIS A 1 181 ? 8.976   -13.013 4.475   1.00 45.80 ? 181 HIS A NE2 1 
ATOM   1343 N N   . HIS A 1 182 ? 8.613   -16.761 6.309   1.00 43.79 ? 182 HIS A N   1 
ATOM   1344 C CA  . HIS A 1 182 ? 7.598   -16.375 7.286   1.00 44.44 ? 182 HIS A CA  1 
ATOM   1345 C C   . HIS A 1 182 ? 8.078   -15.201 8.138   1.00 50.90 ? 182 HIS A C   1 
ATOM   1346 O O   . HIS A 1 182 ? 7.786   -14.040 7.826   1.00 49.59 ? 182 HIS A O   1 
ATOM   1347 C CB  . HIS A 1 182 ? 7.227   -17.555 8.181   1.00 43.05 ? 182 HIS A CB  1 
ATOM   1348 C CG  . HIS A 1 182 ? 8.408   -18.192 8.860   1.00 49.94 ? 182 HIS A CG  1 
ATOM   1349 N ND1 . HIS A 1 182 ? 9.088   -19.253 8.313   1.00 40.34 ? 182 HIS A ND1 1 
ATOM   1350 C CD2 . HIS A 1 182 ? 9.015   -17.908 10.034  1.00 50.24 ? 182 HIS A CD2 1 
ATOM   1351 C CE1 . HIS A 1 182 ? 10.077  -19.603 9.129   1.00 40.72 ? 182 HIS A CE1 1 
ATOM   1352 N NE2 . HIS A 1 182 ? 10.052  -18.806 10.172  1.00 47.16 ? 182 HIS A NE2 1 
HETATM 1353 O O   . HOH B 2 .   ? -12.654 -5.139  -6.536  1.00 22.83 ? 184 HOH A O   1 
HETATM 1354 O O   . HOH B 2 .   ? 5.480   4.191   4.392   1.00 25.89 ? 185 HOH A O   1 
HETATM 1355 O O   . HOH B 2 .   ? -0.855  6.225   2.872   1.00 29.13 ? 186 HOH A O   1 
HETATM 1356 O O   . HOH B 2 .   ? -17.811 -0.551  -6.298  1.00 20.98 ? 187 HOH A O   1 
HETATM 1357 O O   . HOH B 2 .   ? 1.659   -5.959  7.917   1.00 23.38 ? 188 HOH A O   1 
HETATM 1358 O O   . HOH B 2 .   ? 11.114  10.823  7.612   1.00 28.07 ? 189 HOH A O   1 
HETATM 1359 O O   . HOH B 2 .   ? 2.116   -14.034 -0.078  1.00 22.53 ? 190 HOH A O   1 
HETATM 1360 O O   . HOH B 2 .   ? 2.936   -7.601  -5.990  1.00 29.36 ? 191 HOH A O   1 
HETATM 1361 O O   . HOH B 2 .   ? 8.745   -18.734 0.498   1.00 28.16 ? 192 HOH A O   1 
HETATM 1362 O O   . HOH B 2 .   ? -0.192  -14.305 0.564   1.00 28.75 ? 193 HOH A O   1 
HETATM 1363 O O   . HOH B 2 .   ? -12.587 -2.158  0.628   1.00 28.17 ? 194 HOH A O   1 
HETATM 1364 O O   . HOH B 2 .   ? 10.795  3.853   -0.844  1.00 32.29 ? 195 HOH A O   1 
HETATM 1365 O O   . HOH B 2 .   ? -3.360  -8.641  -8.619  1.00 30.12 ? 196 HOH A O   1 
HETATM 1366 O O   . HOH B 2 .   ? -15.570 1.234   -3.617  1.00 24.53 ? 197 HOH A O   1 
HETATM 1367 O O   . HOH B 2 .   ? -12.438 -14.497 -4.317  1.00 33.79 ? 198 HOH A O   1 
HETATM 1368 O O   . HOH B 2 .   ? -14.836 0.432   0.088   1.00 34.58 ? 199 HOH A O   1 
HETATM 1369 O O   . HOH B 2 .   ? -9.910  22.561  9.875   1.00 39.97 ? 200 HOH A O   1 
HETATM 1370 O O   . HOH B 2 .   ? -0.322  -16.707 4.394   1.00 30.98 ? 201 HOH A O   1 
HETATM 1371 O O   . HOH B 2 .   ? 5.223   -8.058  9.353   1.00 27.84 ? 202 HOH A O   1 
HETATM 1372 O O   . HOH B 2 .   ? -2.284  -2.284  -15.260 1.00 23.13 ? 203 HOH A O   1 
HETATM 1373 O O   . HOH B 2 .   ? 11.326  4.745   -3.470  1.00 26.64 ? 204 HOH A O   1 
HETATM 1374 O O   . HOH B 2 .   ? -17.911 -4.999  -11.858 1.00 29.86 ? 205 HOH A O   1 
HETATM 1375 O O   . HOH B 2 .   ? 2.321   -0.094  6.209   1.00 30.25 ? 206 HOH A O   1 
HETATM 1376 O O   . HOH B 2 .   ? 3.194   -0.512  8.895   1.00 23.93 ? 207 HOH A O   1 
HETATM 1377 O O   . HOH B 2 .   ? 0.476   12.129  -12.927 1.00 19.26 ? 208 HOH A O   1 
HETATM 1378 O O   . HOH B 2 .   ? 0.505   10.472  -10.916 1.00 24.11 ? 209 HOH A O   1 
HETATM 1379 O O   . HOH B 2 .   ? 3.319   9.605   -14.459 1.00 33.56 ? 210 HOH A O   1 
HETATM 1380 O O   . HOH B 2 .   ? 5.962   8.965   -14.638 1.00 31.54 ? 211 HOH A O   1 
HETATM 1381 O O   . HOH B 2 .   ? 5.739   14.417  9.076   1.00 32.23 ? 212 HOH A O   1 
HETATM 1382 O O   . HOH B 2 .   ? 0.539   4.850   16.228  1.00 31.48 ? 213 HOH A O   1 
HETATM 1383 O O   . HOH B 2 .   ? 16.054  -30.744 -1.399  1.00 29.76 ? 214 HOH A O   1 
HETATM 1384 O O   . HOH B 2 .   ? -5.846  8.241   -16.738 1.00 32.87 ? 215 HOH A O   1 
HETATM 1385 O O   . HOH B 2 .   ? 13.435  -1.644  -3.134  1.00 29.39 ? 216 HOH A O   1 
HETATM 1386 O O   . HOH B 2 .   ? 13.010  12.679  -8.686  1.00 26.79 ? 217 HOH A O   1 
HETATM 1387 O O   . HOH B 2 .   ? -15.956 -10.640 -8.222  1.00 31.71 ? 218 HOH A O   1 
HETATM 1388 O O   . HOH B 2 .   ? 13.507  -5.416  -5.632  1.00 31.54 ? 219 HOH A O   1 
HETATM 1389 O O   . HOH B 2 .   ? -4.453  -11.437 -7.422  1.00 32.94 ? 220 HOH A O   1 
HETATM 1390 O O   . HOH B 2 .   ? 11.272  -16.721 7.032   1.00 37.74 ? 221 HOH A O   1 
HETATM 1391 O O   . HOH B 2 .   ? 3.442   5.756   -14.698 1.00 27.98 ? 222 HOH A O   1 
HETATM 1392 O O   . HOH B 2 .   ? -5.018  -1.420  -16.454 1.00 28.00 ? 223 HOH A O   1 
HETATM 1393 O O   . HOH B 2 .   ? 9.723   -14.896 -6.330  1.00 30.94 ? 224 HOH A O   1 
HETATM 1394 O O   . HOH B 2 .   ? 2.328   0.217   -16.010 1.00 27.71 ? 225 HOH A O   1 
HETATM 1395 O O   . HOH B 2 .   ? -4.609  1.395   -17.530 1.00 28.80 ? 226 HOH A O   1 
HETATM 1396 O O   . HOH B 2 .   ? -11.981 16.459  -2.017  1.00 26.63 ? 227 HOH A O   1 
HETATM 1397 O O   . HOH B 2 .   ? -0.140  2.049   8.843   1.00 32.53 ? 228 HOH A O   1 
HETATM 1398 O O   . HOH B 2 .   ? -13.375 5.147   7.279   1.00 34.18 ? 229 HOH A O   1 
HETATM 1399 O O   . HOH B 2 .   ? 2.517   3.076   1.710   1.00 27.57 ? 230 HOH A O   1 
HETATM 1400 O O   . HOH B 2 .   ? 6.823   -12.193 8.747   1.00 28.88 ? 231 HOH A O   1 
HETATM 1401 O O   . HOH B 2 .   ? -7.998  -1.423  -11.845 1.00 36.36 ? 232 HOH A O   1 
HETATM 1402 O O   . HOH B 2 .   ? 17.887  -21.126 4.128   1.00 36.98 ? 233 HOH A O   1 
HETATM 1403 O O   . HOH B 2 .   ? 14.568  14.599  -7.340  1.00 35.57 ? 234 HOH A O   1 
HETATM 1404 O O   . HOH B 2 .   ? 1.401   0.403   10.742  1.00 28.51 ? 235 HOH A O   1 
HETATM 1405 O O   . HOH B 2 .   ? 7.977   10.425  -14.065 1.00 31.40 ? 236 HOH A O   1 
HETATM 1406 O O   . HOH B 2 .   ? 16.903  -10.290 1.542   1.00 40.20 ? 237 HOH A O   1 
HETATM 1407 O O   . HOH B 2 .   ? -14.056 5.943   3.274   1.00 33.68 ? 238 HOH A O   1 
HETATM 1408 O O   . HOH B 2 .   ? 0.279   2.811   1.366   1.00 34.44 ? 239 HOH A O   1 
HETATM 1409 O O   . HOH B 2 .   ? -5.621  -12.917 -5.104  1.00 37.58 ? 240 HOH A O   1 
HETATM 1410 O O   . HOH B 2 .   ? -13.348 -0.292  7.233   1.00 44.24 ? 241 HOH A O   1 
HETATM 1411 O O   . HOH B 2 .   ? 16.301  -4.411  0.776   1.00 35.89 ? 242 HOH A O   1 
HETATM 1412 O O   . HOH B 2 .   ? -16.298 1.347   -9.324  1.00 34.49 ? 243 HOH A O   1 
HETATM 1413 O O   . HOH B 2 .   ? -8.009  21.359  8.497   1.00 41.51 ? 244 HOH A O   1 
HETATM 1414 O O   . HOH B 2 .   ? -5.794  -9.352  9.989   1.00 35.36 ? 245 HOH A O   1 
HETATM 1415 O O   . HOH B 2 .   ? -10.499 -10.262 5.992   1.00 38.81 ? 246 HOH A O   1 
HETATM 1416 O O   . HOH B 2 .   ? -5.838  -1.636  -12.945 1.00 31.43 ? 247 HOH A O   1 
HETATM 1417 O O   . HOH B 2 .   ? -7.255  18.528  7.706   1.00 35.52 ? 248 HOH A O   1 
HETATM 1418 O O   . HOH B 2 .   ? 16.219  -18.025 7.617   1.00 32.39 ? 249 HOH A O   1 
# 
loop_
_pdbx_poly_seq_scheme.asym_id 
_pdbx_poly_seq_scheme.entity_id 
_pdbx_poly_seq_scheme.seq_id 
_pdbx_poly_seq_scheme.mon_id 
_pdbx_poly_seq_scheme.ndb_seq_num 
_pdbx_poly_seq_scheme.pdb_seq_num 
_pdbx_poly_seq_scheme.auth_seq_num 
_pdbx_poly_seq_scheme.pdb_mon_id 
_pdbx_poly_seq_scheme.auth_mon_id 
_pdbx_poly_seq_scheme.pdb_strand_id 
_pdbx_poly_seq_scheme.pdb_ins_code 
_pdbx_poly_seq_scheme.hetero 
A 1 1   MET 1   1   1   MET MET A . n 
A 1 2   GLU 2   2   2   GLU GLU A . n 
A 1 3   PHE 3   3   3   PHE PHE A . n 
A 1 4   ARG 4   4   4   ARG ARG A . n 
A 1 5   MET 5   5   5   MET MET A . n 
A 1 6   LYS 6   6   6   LYS LYS A . n 
A 1 7   VAL 7   7   7   VAL VAL A . n 
A 1 8   PHE 8   8   8   PHE PHE A . n 
A 1 9   LYS 9   9   9   LYS LYS A . n 
A 1 10  ASP 10  10  10  ASP ASP A . n 
A 1 11  VAL 11  11  11  VAL VAL A . n 
A 1 12  PHE 12  12  12  PHE PHE A . n 
A 1 13  THR 13  13  13  THR THR A . n 
A 1 14  ASN 14  14  14  ASN ASN A . n 
A 1 15  ASP 15  15  15  ASP ASP A . n 
A 1 16  GLU 16  16  16  GLU GLU A . n 
A 1 17  VAL 17  17  17  VAL VAL A . n 
A 1 18  CYS 18  18  18  CYS CYS A . n 
A 1 19  SER 19  19  19  SER SER A . n 
A 1 20  ASP 20  20  20  ASP ASP A . n 
A 1 21  SER 21  21  21  SER SER A . n 
A 1 22  TYR 22  22  22  TYR TYR A . n 
A 1 23  VAL 23  23  23  VAL VAL A . n 
A 1 24  GLN 24  24  24  GLN GLN A . n 
A 1 25  GLN 25  25  25  GLN GLN A . n 
A 1 26  ASP 26  26  26  ASP ASP A . n 
A 1 27  PRO 27  27  27  PRO PRO A . n 
A 1 28  PHE 28  28  28  PHE PHE A . n 
A 1 29  GLU 29  29  29  GLU GLU A . n 
A 1 30  VAL 30  30  30  VAL VAL A . n 
A 1 31  PRO 31  31  31  PRO PRO A . n 
A 1 32  GLU 32  32  32  GLU GLU A . n 
A 1 33  PHE 33  33  33  PHE PHE A . n 
A 1 34  ARG 34  34  34  ARG ARG A . n 
A 1 35  GLU 35  35  35  GLU GLU A . n 
A 1 36  ILE 36  36  36  ILE ILE A . n 
A 1 37  ALA 37  37  37  ALA ALA A . n 
A 1 38  PHE 38  38  38  PHE PHE A . n 
A 1 39  GLU 39  39  39  GLU GLU A . n 
A 1 40  VAL 40  40  40  VAL VAL A . n 
A 1 41  LYS 41  41  41  LYS LYS A . n 
A 1 42  SER 42  42  42  SER SER A . n 
A 1 43  ASN 43  43  43  ASN ASN A . n 
A 1 44  LYS 44  44  44  LYS LYS A . n 
A 1 45  ARG 45  45  45  ARG ARG A . n 
A 1 46  ILE 46  46  46  ILE ILE A . n 
A 1 47  LYS 47  47  47  LYS LYS A . n 
A 1 48  GLY 48  48  ?   ?   ?   A . n 
A 1 49  ASN 49  49  ?   ?   ?   A . n 
A 1 50  GLU 50  50  ?   ?   ?   A . n 
A 1 51  ASP 51  51  ?   ?   ?   A . n 
A 1 52  TYR 52  52  ?   ?   ?   A . n 
A 1 53  GLY 53  53  ?   ?   ?   A . n 
A 1 54  ILE 54  54  ?   ?   ?   A . n 
A 1 55  ALA 55  55  ?   ?   ?   A . n 
A 1 56  ASP 56  56  ?   ?   ?   A . n 
A 1 57  ASN 57  57  ?   ?   ?   A . n 
A 1 58  SER 58  58  ?   ?   ?   A . n 
A 1 59  GLU 59  59  ?   ?   ?   A . n 
A 1 60  ASP 60  60  ?   ?   ?   A . n 
A 1 61  ALA 61  61  ?   ?   ?   A . n 
A 1 62  VAL 62  62  ?   ?   ?   A . n 
A 1 63  GLU 63  63  ?   ?   ?   A . n 
A 1 64  GLY 64  64  ?   ?   ?   A . n 
A 1 65  MET 65  65  ?   ?   ?   A . n 
A 1 66  GLY 66  66  ?   ?   ?   A . n 
A 1 67  ALA 67  67  ?   ?   ?   A . n 
A 1 68  ASP 68  68  ?   ?   ?   A . n 
A 1 69  VAL 69  69  ?   ?   ?   A . n 
A 1 70  GLU 70  70  ?   ?   ?   A . n 
A 1 71  HIS 71  71  71  HIS HIS A . n 
A 1 72  VAL 72  72  72  VAL VAL A . n 
A 1 73  ILE 73  73  73  ILE ILE A . n 
A 1 74  ASP 74  74  74  ASP ASP A . n 
A 1 75  ILE 75  75  75  ILE ILE A . n 
A 1 76  VAL 76  76  76  VAL VAL A . n 
A 1 77  ASP 77  77  77  ASP ASP A . n 
A 1 78  SER 78  78  78  SER SER A . n 
A 1 79  PHE 79  79  79  PHE PHE A . n 
A 1 80  GLN 80  80  80  GLN GLN A . n 
A 1 81  LEU 81  81  81  LEU LEU A . n 
A 1 82  THR 82  82  82  THR THR A . n 
A 1 83  SER 83  83  83  SER SER A . n 
A 1 84  THR 84  84  84  THR THR A . n 
A 1 85  ALA 85  85  85  ALA ALA A . n 
A 1 86  PHE 86  86  86  PHE PHE A . n 
A 1 87  SER 87  87  87  SER SER A . n 
A 1 88  LYS 88  88  88  LYS LYS A . n 
A 1 89  LYS 89  89  89  LYS LYS A . n 
A 1 90  GLU 90  90  90  GLU GLU A . n 
A 1 91  TYR 91  91  91  TYR TYR A . n 
A 1 92  SER 92  92  92  SER SER A . n 
A 1 93  ALA 93  93  93  ALA ALA A . n 
A 1 94  TYR 94  94  94  TYR TYR A . n 
A 1 95  ILE 95  95  95  ILE ILE A . n 
A 1 96  LYS 96  96  96  LYS LYS A . n 
A 1 97  ASN 97  97  97  ASN ASN A . n 
A 1 98  TYR 98  98  98  TYR TYR A . n 
A 1 99  MET 99  99  99  MET MET A . n 
A 1 100 GLN 100 100 100 GLN GLN A . n 
A 1 101 LYS 101 101 101 LYS LYS A . n 
A 1 102 VAL 102 102 102 VAL VAL A . n 
A 1 103 ALA 103 103 103 ALA ALA A . n 
A 1 104 LYS 104 104 104 LYS LYS A . n 
A 1 105 TYR 105 105 105 TYR TYR A . n 
A 1 106 LEU 106 106 106 LEU LEU A . n 
A 1 107 GLU 107 107 107 GLU GLU A . n 
A 1 108 GLU 108 108 108 GLU GLU A . n 
A 1 109 LYS 109 109 109 LYS LYS A . n 
A 1 110 LYS 110 110 110 LYS LYS A . n 
A 1 111 PRO 111 111 111 PRO PRO A . n 
A 1 112 ASP 112 112 112 ASP ASP A . n 
A 1 113 ARG 113 113 113 ARG ARG A . n 
A 1 114 VAL 114 114 114 VAL VAL A . n 
A 1 115 GLU 115 115 115 GLU GLU A . n 
A 1 116 ILE 116 116 116 ILE ILE A . n 
A 1 117 PHE 117 117 117 PHE PHE A . n 
A 1 118 LYS 118 118 118 LYS LYS A . n 
A 1 119 THR 119 119 119 THR THR A . n 
A 1 120 LYS 120 120 120 LYS LYS A . n 
A 1 121 ALA 121 121 121 ALA ALA A . n 
A 1 122 GLN 122 122 122 GLN GLN A . n 
A 1 123 PRO 123 123 123 PRO PRO A . n 
A 1 124 PHE 124 124 124 PHE PHE A . n 
A 1 125 ILE 125 125 125 ILE ILE A . n 
A 1 126 LYS 126 126 126 LYS LYS A . n 
A 1 127 HIS 127 127 127 HIS HIS A . n 
A 1 128 ILE 128 128 128 ILE ILE A . n 
A 1 129 LEU 129 129 129 LEU LEU A . n 
A 1 130 THR 130 130 130 THR THR A . n 
A 1 131 ASN 131 131 131 ASN ASN A . n 
A 1 132 PHE 132 132 132 PHE PHE A . n 
A 1 133 ASP 133 133 133 ASP ASP A . n 
A 1 134 ASP 134 134 134 ASP ASP A . n 
A 1 135 PHE 135 135 135 PHE PHE A . n 
A 1 136 GLU 136 136 136 GLU GLU A . n 
A 1 137 PHE 137 137 137 PHE PHE A . n 
A 1 138 TYR 138 138 138 TYR TYR A . n 
A 1 139 MET 139 139 139 MET MET A . n 
A 1 140 GLY 140 140 140 GLY GLY A . n 
A 1 141 GLU 141 141 141 GLU GLU A . n 
A 1 142 SER 142 142 142 SER SER A . n 
A 1 143 LEU 143 143 143 LEU LEU A . n 
A 1 144 ASP 144 144 144 ASP ASP A . n 
A 1 145 MET 145 145 145 MET MET A . n 
A 1 146 GLU 146 146 146 GLU GLU A . n 
A 1 147 ALA 147 147 147 ALA ALA A . n 
A 1 148 GLY 148 148 148 GLY GLY A . n 
A 1 149 ILE 149 149 149 ILE ILE A . n 
A 1 150 ILE 150 150 150 ILE ILE A . n 
A 1 151 TYR 151 151 151 TYR TYR A . n 
A 1 152 SER 152 152 152 SER SER A . n 
A 1 153 TYR 153 153 153 TYR TYR A . n 
A 1 154 TYR 154 154 154 TYR TYR A . n 
A 1 155 LYS 155 155 155 LYS LYS A . n 
A 1 156 GLY 156 156 156 GLY GLY A . n 
A 1 157 GLU 157 157 157 GLU GLU A . n 
A 1 158 GLU 158 158 158 GLU GLU A . n 
A 1 159 ILE 159 159 159 ILE ILE A . n 
A 1 160 THR 160 160 160 THR THR A . n 
A 1 161 PRO 161 161 161 PRO PRO A . n 
A 1 162 ARG 162 162 162 ARG ARG A . n 
A 1 163 PHE 163 163 163 PHE PHE A . n 
A 1 164 VAL 164 164 164 VAL VAL A . n 
A 1 165 TYR 165 165 165 TYR TYR A . n 
A 1 166 ILE 166 166 166 ILE ILE A . n 
A 1 167 SER 167 167 167 SER SER A . n 
A 1 168 ASP 168 168 168 ASP ASP A . n 
A 1 169 GLY 169 169 169 GLY GLY A . n 
A 1 170 LEU 170 170 170 LEU LEU A . n 
A 1 171 PHE 171 171 171 PHE PHE A . n 
A 1 172 GLU 172 172 172 GLU GLU A . n 
A 1 173 GLU 173 173 173 GLU GLU A . n 
A 1 174 LYS 174 174 174 LYS LYS A . n 
A 1 175 TYR 175 175 175 TYR TYR A . n 
A 1 176 LEU 176 176 176 LEU LEU A . n 
A 1 177 GLU 177 177 177 GLU GLU A . n 
A 1 178 HIS 178 178 178 HIS HIS A . n 
A 1 179 HIS 179 179 179 HIS HIS A . n 
A 1 180 HIS 180 180 180 HIS HIS A . n 
A 1 181 HIS 181 181 181 HIS HIS A . n 
A 1 182 HIS 182 182 182 HIS HIS A . n 
A 1 183 HIS 183 183 ?   ?   ?   A . n 
# 
loop_
_pdbx_nonpoly_scheme.asym_id 
_pdbx_nonpoly_scheme.entity_id 
_pdbx_nonpoly_scheme.mon_id 
_pdbx_nonpoly_scheme.ndb_seq_num 
_pdbx_nonpoly_scheme.pdb_seq_num 
_pdbx_nonpoly_scheme.auth_seq_num 
_pdbx_nonpoly_scheme.pdb_mon_id 
_pdbx_nonpoly_scheme.auth_mon_id 
_pdbx_nonpoly_scheme.pdb_strand_id 
_pdbx_nonpoly_scheme.pdb_ins_code 
B 2 HOH 1  184 1  HOH HOH A . 
B 2 HOH 2  185 2  HOH HOH A . 
B 2 HOH 3  186 3  HOH HOH A . 
B 2 HOH 4  187 4  HOH HOH A . 
B 2 HOH 5  188 5  HOH HOH A . 
B 2 HOH 6  189 6  HOH HOH A . 
B 2 HOH 7  190 7  HOH HOH A . 
B 2 HOH 8  191 8  HOH HOH A . 
B 2 HOH 9  192 9  HOH HOH A . 
B 2 HOH 10 193 10 HOH HOH A . 
B 2 HOH 11 194 11 HOH HOH A . 
B 2 HOH 12 195 12 HOH HOH A . 
B 2 HOH 13 196 13 HOH HOH A . 
B 2 HOH 14 197 14 HOH HOH A . 
B 2 HOH 15 198 15 HOH HOH A . 
B 2 HOH 16 199 16 HOH HOH A . 
B 2 HOH 17 200 17 HOH HOH A . 
B 2 HOH 18 201 18 HOH HOH A . 
B 2 HOH 19 202 19 HOH HOH A . 
B 2 HOH 20 203 20 HOH HOH A . 
B 2 HOH 21 204 21 HOH HOH A . 
B 2 HOH 22 205 22 HOH HOH A . 
B 2 HOH 23 206 23 HOH HOH A . 
B 2 HOH 24 207 24 HOH HOH A . 
B 2 HOH 25 208 25 HOH HOH A . 
B 2 HOH 26 209 26 HOH HOH A . 
B 2 HOH 27 210 27 HOH HOH A . 
B 2 HOH 28 211 28 HOH HOH A . 
B 2 HOH 29 212 29 HOH HOH A . 
B 2 HOH 30 213 30 HOH HOH A . 
B 2 HOH 31 214 31 HOH HOH A . 
B 2 HOH 32 215 32 HOH HOH A . 
B 2 HOH 33 216 33 HOH HOH A . 
B 2 HOH 34 217 34 HOH HOH A . 
B 2 HOH 35 218 35 HOH HOH A . 
B 2 HOH 36 219 36 HOH HOH A . 
B 2 HOH 37 220 37 HOH HOH A . 
B 2 HOH 38 221 38 HOH HOH A . 
B 2 HOH 39 222 39 HOH HOH A . 
B 2 HOH 40 223 40 HOH HOH A . 
B 2 HOH 41 224 41 HOH HOH A . 
B 2 HOH 42 225 42 HOH HOH A . 
B 2 HOH 43 226 43 HOH HOH A . 
B 2 HOH 44 227 44 HOH HOH A . 
B 2 HOH 45 228 45 HOH HOH A . 
B 2 HOH 46 229 46 HOH HOH A . 
B 2 HOH 47 230 47 HOH HOH A . 
B 2 HOH 48 231 48 HOH HOH A . 
B 2 HOH 49 232 49 HOH HOH A . 
B 2 HOH 50 233 50 HOH HOH A . 
B 2 HOH 51 234 51 HOH HOH A . 
B 2 HOH 52 235 52 HOH HOH A . 
B 2 HOH 53 236 53 HOH HOH A . 
B 2 HOH 54 237 54 HOH HOH A . 
B 2 HOH 55 238 55 HOH HOH A . 
B 2 HOH 56 239 56 HOH HOH A . 
B 2 HOH 57 240 57 HOH HOH A . 
B 2 HOH 58 241 58 HOH HOH A . 
B 2 HOH 59 242 59 HOH HOH A . 
B 2 HOH 60 243 60 HOH HOH A . 
B 2 HOH 61 244 61 HOH HOH A . 
B 2 HOH 62 245 62 HOH HOH A . 
B 2 HOH 63 246 63 HOH HOH A . 
B 2 HOH 64 247 64 HOH HOH A . 
B 2 HOH 65 248 65 HOH HOH A . 
B 2 HOH 66 249 66 HOH HOH A . 
# 
_pdbx_struct_assembly.id                   1 
_pdbx_struct_assembly.details              author_and_software_defined_assembly 
_pdbx_struct_assembly.method_details       PISA 
_pdbx_struct_assembly.oligomeric_details   monomeric 
_pdbx_struct_assembly.oligomeric_count     1 
# 
_pdbx_struct_assembly_gen.assembly_id       1 
_pdbx_struct_assembly_gen.oper_expression   1 
_pdbx_struct_assembly_gen.asym_id_list      A,B 
# 
_pdbx_struct_oper_list.id                   1 
_pdbx_struct_oper_list.type                 'identity operation' 
_pdbx_struct_oper_list.name                 1_555 
_pdbx_struct_oper_list.symmetry_operation   x,y,z 
_pdbx_struct_oper_list.matrix[1][1]         1.0000000000 
_pdbx_struct_oper_list.matrix[1][2]         0.0000000000 
_pdbx_struct_oper_list.matrix[1][3]         0.0000000000 
_pdbx_struct_oper_list.vector[1]            0.0000000000 
_pdbx_struct_oper_list.matrix[2][1]         0.0000000000 
_pdbx_struct_oper_list.matrix[2][2]         1.0000000000 
_pdbx_struct_oper_list.matrix[2][3]         0.0000000000 
_pdbx_struct_oper_list.vector[2]            0.0000000000 
_pdbx_struct_oper_list.matrix[3][1]         0.0000000000 
_pdbx_struct_oper_list.matrix[3][2]         0.0000000000 
_pdbx_struct_oper_list.matrix[3][3]         1.0000000000 
_pdbx_struct_oper_list.vector[3]            0.0000000000 
# 
loop_
_pdbx_audit_revision_history.ordinal 
_pdbx_audit_revision_history.data_content_type 
_pdbx_audit_revision_history.major_revision 
_pdbx_audit_revision_history.minor_revision 
_pdbx_audit_revision_history.revision_date 
1 'Structure model' 1 0 2011-11-09 
2 'Structure model' 1 1 2012-11-07 
3 'Structure model' 1 2 2013-01-09 
4 'Structure model' 1 3 2023-09-06 
# 
_pdbx_audit_revision_details.ordinal             1 
_pdbx_audit_revision_details.revision_ordinal    1 
_pdbx_audit_revision_details.data_content_type   'Structure model' 
_pdbx_audit_revision_details.provider            repository 
_pdbx_audit_revision_details.type                'Initial release' 
_pdbx_audit_revision_details.description         ? 
_pdbx_audit_revision_details.details             ? 
# 
loop_
_pdbx_audit_revision_group.ordinal 
_pdbx_audit_revision_group.revision_ordinal 
_pdbx_audit_revision_group.data_content_type 
_pdbx_audit_revision_group.group 
1 2 'Structure model' 'Database references'    
2 3 'Structure model' 'Database references'    
3 4 'Structure model' 'Data collection'        
4 4 'Structure model' 'Database references'    
5 4 'Structure model' 'Refinement description' 
# 
loop_
_pdbx_audit_revision_category.ordinal 
_pdbx_audit_revision_category.revision_ordinal 
_pdbx_audit_revision_category.data_content_type 
_pdbx_audit_revision_category.category 
1 4 'Structure model' chem_comp_atom                
2 4 'Structure model' chem_comp_bond                
3 4 'Structure model' database_2                    
4 4 'Structure model' pdbx_initial_refinement_model 
5 4 'Structure model' struct_ref_seq_dif            
# 
loop_
_pdbx_audit_revision_item.ordinal 
_pdbx_audit_revision_item.revision_ordinal 
_pdbx_audit_revision_item.data_content_type 
_pdbx_audit_revision_item.item 
1 4 'Structure model' '_database_2.pdbx_DOI'                
2 4 'Structure model' '_database_2.pdbx_database_accession' 
3 4 'Structure model' '_struct_ref_seq_dif.details'         
# 
loop_
_software.name 
_software.classification 
_software.version 
_software.citation_id 
_software.pdbx_ordinal 
MAR345dtb 'data collection' .                            ? 1 
MOLREP    phasing           .                            ? 2 
PHENIX    refinement        '(phenix.refine: 1.6.4_486)' ? 3 
MOSFLM    'data reduction'  .                            ? 4 
SCALA     'data scaling'    .                            ? 5 
# 
loop_
_pdbx_unobs_or_zero_occ_residues.id 
_pdbx_unobs_or_zero_occ_residues.PDB_model_num 
_pdbx_unobs_or_zero_occ_residues.polymer_flag 
_pdbx_unobs_or_zero_occ_residues.occupancy_flag 
_pdbx_unobs_or_zero_occ_residues.auth_asym_id 
_pdbx_unobs_or_zero_occ_residues.auth_comp_id 
_pdbx_unobs_or_zero_occ_residues.auth_seq_id 
_pdbx_unobs_or_zero_occ_residues.PDB_ins_code 
_pdbx_unobs_or_zero_occ_residues.label_asym_id 
_pdbx_unobs_or_zero_occ_residues.label_comp_id 
_pdbx_unobs_or_zero_occ_residues.label_seq_id 
1  1 Y 1 A GLY 48  ? A GLY 48  
2  1 Y 1 A ASN 49  ? A ASN 49  
3  1 Y 1 A GLU 50  ? A GLU 50  
4  1 Y 1 A ASP 51  ? A ASP 51  
5  1 Y 1 A TYR 52  ? A TYR 52  
6  1 Y 1 A GLY 53  ? A GLY 53  
7  1 Y 1 A ILE 54  ? A ILE 54  
8  1 Y 1 A ALA 55  ? A ALA 55  
9  1 Y 1 A ASP 56  ? A ASP 56  
10 1 Y 1 A ASN 57  ? A ASN 57  
11 1 Y 1 A SER 58  ? A SER 58  
12 1 Y 1 A GLU 59  ? A GLU 59  
13 1 Y 1 A ASP 60  ? A ASP 60  
14 1 Y 1 A ALA 61  ? A ALA 61  
15 1 Y 1 A VAL 62  ? A VAL 62  
16 1 Y 1 A GLU 63  ? A GLU 63  
17 1 Y 1 A GLY 64  ? A GLY 64  
18 1 Y 1 A MET 65  ? A MET 65  
19 1 Y 1 A GLY 66  ? A GLY 66  
20 1 Y 1 A ALA 67  ? A ALA 67  
21 1 Y 1 A ASP 68  ? A ASP 68  
22 1 Y 1 A VAL 69  ? A VAL 69  
23 1 Y 1 A GLU 70  ? A GLU 70  
24 1 Y 1 A HIS 183 ? A HIS 183 
# 
loop_
_chem_comp_atom.comp_id 
_chem_comp_atom.atom_id 
_chem_comp_atom.type_symbol 
_chem_comp_atom.pdbx_aromatic_flag 
_chem_comp_atom.pdbx_stereo_config 
_chem_comp_atom.pdbx_ordinal 
ALA N    N N N 1   
ALA CA   C N S 2   
ALA C    C N N 3   
ALA O    O N N 4   
ALA CB   C N N 5   
ALA OXT  O N N 6   
ALA H    H N N 7   
ALA H2   H N N 8   
ALA HA   H N N 9   
ALA HB1  H N N 10  
ALA HB2  H N N 11  
ALA HB3  H N N 12  
ALA HXT  H N N 13  
ARG N    N N N 14  
ARG CA   C N S 15  
ARG C    C N N 16  
ARG O    O N N 17  
ARG CB   C N N 18  
ARG CG   C N N 19  
ARG CD   C N N 20  
ARG NE   N N N 21  
ARG CZ   C N N 22  
ARG NH1  N N N 23  
ARG NH2  N N N 24  
ARG OXT  O N N 25  
ARG H    H N N 26  
ARG H2   H N N 27  
ARG HA   H N N 28  
ARG HB2  H N N 29  
ARG HB3  H N N 30  
ARG HG2  H N N 31  
ARG HG3  H N N 32  
ARG HD2  H N N 33  
ARG HD3  H N N 34  
ARG HE   H N N 35  
ARG HH11 H N N 36  
ARG HH12 H N N 37  
ARG HH21 H N N 38  
ARG HH22 H N N 39  
ARG HXT  H N N 40  
ASN N    N N N 41  
ASN CA   C N S 42  
ASN C    C N N 43  
ASN O    O N N 44  
ASN CB   C N N 45  
ASN CG   C N N 46  
ASN OD1  O N N 47  
ASN ND2  N N N 48  
ASN OXT  O N N 49  
ASN H    H N N 50  
ASN H2   H N N 51  
ASN HA   H N N 52  
ASN HB2  H N N 53  
ASN HB3  H N N 54  
ASN HD21 H N N 55  
ASN HD22 H N N 56  
ASN HXT  H N N 57  
ASP N    N N N 58  
ASP CA   C N S 59  
ASP C    C N N 60  
ASP O    O N N 61  
ASP CB   C N N 62  
ASP CG   C N N 63  
ASP OD1  O N N 64  
ASP OD2  O N N 65  
ASP OXT  O N N 66  
ASP H    H N N 67  
ASP H2   H N N 68  
ASP HA   H N N 69  
ASP HB2  H N N 70  
ASP HB3  H N N 71  
ASP HD2  H N N 72  
ASP HXT  H N N 73  
CYS N    N N N 74  
CYS CA   C N R 75  
CYS C    C N N 76  
CYS O    O N N 77  
CYS CB   C N N 78  
CYS SG   S N N 79  
CYS OXT  O N N 80  
CYS H    H N N 81  
CYS H2   H N N 82  
CYS HA   H N N 83  
CYS HB2  H N N 84  
CYS HB3  H N N 85  
CYS HG   H N N 86  
CYS HXT  H N N 87  
GLN N    N N N 88  
GLN CA   C N S 89  
GLN C    C N N 90  
GLN O    O N N 91  
GLN CB   C N N 92  
GLN CG   C N N 93  
GLN CD   C N N 94  
GLN OE1  O N N 95  
GLN NE2  N N N 96  
GLN OXT  O N N 97  
GLN H    H N N 98  
GLN H2   H N N 99  
GLN HA   H N N 100 
GLN HB2  H N N 101 
GLN HB3  H N N 102 
GLN HG2  H N N 103 
GLN HG3  H N N 104 
GLN HE21 H N N 105 
GLN HE22 H N N 106 
GLN HXT  H N N 107 
GLU N    N N N 108 
GLU CA   C N S 109 
GLU C    C N N 110 
GLU O    O N N 111 
GLU CB   C N N 112 
GLU CG   C N N 113 
GLU CD   C N N 114 
GLU OE1  O N N 115 
GLU OE2  O N N 116 
GLU OXT  O N N 117 
GLU H    H N N 118 
GLU H2   H N N 119 
GLU HA   H N N 120 
GLU HB2  H N N 121 
GLU HB3  H N N 122 
GLU HG2  H N N 123 
GLU HG3  H N N 124 
GLU HE2  H N N 125 
GLU HXT  H N N 126 
GLY N    N N N 127 
GLY CA   C N N 128 
GLY C    C N N 129 
GLY O    O N N 130 
GLY OXT  O N N 131 
GLY H    H N N 132 
GLY H2   H N N 133 
GLY HA2  H N N 134 
GLY HA3  H N N 135 
GLY HXT  H N N 136 
HIS N    N N N 137 
HIS CA   C N S 138 
HIS C    C N N 139 
HIS O    O N N 140 
HIS CB   C N N 141 
HIS CG   C Y N 142 
HIS ND1  N Y N 143 
HIS CD2  C Y N 144 
HIS CE1  C Y N 145 
HIS NE2  N Y N 146 
HIS OXT  O N N 147 
HIS H    H N N 148 
HIS H2   H N N 149 
HIS HA   H N N 150 
HIS HB2  H N N 151 
HIS HB3  H N N 152 
HIS HD1  H N N 153 
HIS HD2  H N N 154 
HIS HE1  H N N 155 
HIS HE2  H N N 156 
HIS HXT  H N N 157 
HOH O    O N N 158 
HOH H1   H N N 159 
HOH H2   H N N 160 
ILE N    N N N 161 
ILE CA   C N S 162 
ILE C    C N N 163 
ILE O    O N N 164 
ILE CB   C N S 165 
ILE CG1  C N N 166 
ILE CG2  C N N 167 
ILE CD1  C N N 168 
ILE OXT  O N N 169 
ILE H    H N N 170 
ILE H2   H N N 171 
ILE HA   H N N 172 
ILE HB   H N N 173 
ILE HG12 H N N 174 
ILE HG13 H N N 175 
ILE HG21 H N N 176 
ILE HG22 H N N 177 
ILE HG23 H N N 178 
ILE HD11 H N N 179 
ILE HD12 H N N 180 
ILE HD13 H N N 181 
ILE HXT  H N N 182 
LEU N    N N N 183 
LEU CA   C N S 184 
LEU C    C N N 185 
LEU O    O N N 186 
LEU CB   C N N 187 
LEU CG   C N N 188 
LEU CD1  C N N 189 
LEU CD2  C N N 190 
LEU OXT  O N N 191 
LEU H    H N N 192 
LEU H2   H N N 193 
LEU HA   H N N 194 
LEU HB2  H N N 195 
LEU HB3  H N N 196 
LEU HG   H N N 197 
LEU HD11 H N N 198 
LEU HD12 H N N 199 
LEU HD13 H N N 200 
LEU HD21 H N N 201 
LEU HD22 H N N 202 
LEU HD23 H N N 203 
LEU HXT  H N N 204 
LYS N    N N N 205 
LYS CA   C N S 206 
LYS C    C N N 207 
LYS O    O N N 208 
LYS CB   C N N 209 
LYS CG   C N N 210 
LYS CD   C N N 211 
LYS CE   C N N 212 
LYS NZ   N N N 213 
LYS OXT  O N N 214 
LYS H    H N N 215 
LYS H2   H N N 216 
LYS HA   H N N 217 
LYS HB2  H N N 218 
LYS HB3  H N N 219 
LYS HG2  H N N 220 
LYS HG3  H N N 221 
LYS HD2  H N N 222 
LYS HD3  H N N 223 
LYS HE2  H N N 224 
LYS HE3  H N N 225 
LYS HZ1  H N N 226 
LYS HZ2  H N N 227 
LYS HZ3  H N N 228 
LYS HXT  H N N 229 
MET N    N N N 230 
MET CA   C N S 231 
MET C    C N N 232 
MET O    O N N 233 
MET CB   C N N 234 
MET CG   C N N 235 
MET SD   S N N 236 
MET CE   C N N 237 
MET OXT  O N N 238 
MET H    H N N 239 
MET H2   H N N 240 
MET HA   H N N 241 
MET HB2  H N N 242 
MET HB3  H N N 243 
MET HG2  H N N 244 
MET HG3  H N N 245 
MET HE1  H N N 246 
MET HE2  H N N 247 
MET HE3  H N N 248 
MET HXT  H N N 249 
PHE N    N N N 250 
PHE CA   C N S 251 
PHE C    C N N 252 
PHE O    O N N 253 
PHE CB   C N N 254 
PHE CG   C Y N 255 
PHE CD1  C Y N 256 
PHE CD2  C Y N 257 
PHE CE1  C Y N 258 
PHE CE2  C Y N 259 
PHE CZ   C Y N 260 
PHE OXT  O N N 261 
PHE H    H N N 262 
PHE H2   H N N 263 
PHE HA   H N N 264 
PHE HB2  H N N 265 
PHE HB3  H N N 266 
PHE HD1  H N N 267 
PHE HD2  H N N 268 
PHE HE1  H N N 269 
PHE HE2  H N N 270 
PHE HZ   H N N 271 
PHE HXT  H N N 272 
PRO N    N N N 273 
PRO CA   C N S 274 
PRO C    C N N 275 
PRO O    O N N 276 
PRO CB   C N N 277 
PRO CG   C N N 278 
PRO CD   C N N 279 
PRO OXT  O N N 280 
PRO H    H N N 281 
PRO HA   H N N 282 
PRO HB2  H N N 283 
PRO HB3  H N N 284 
PRO HG2  H N N 285 
PRO HG3  H N N 286 
PRO HD2  H N N 287 
PRO HD3  H N N 288 
PRO HXT  H N N 289 
SER N    N N N 290 
SER CA   C N S 291 
SER C    C N N 292 
SER O    O N N 293 
SER CB   C N N 294 
SER OG   O N N 295 
SER OXT  O N N 296 
SER H    H N N 297 
SER H2   H N N 298 
SER HA   H N N 299 
SER HB2  H N N 300 
SER HB3  H N N 301 
SER HG   H N N 302 
SER HXT  H N N 303 
THR N    N N N 304 
THR CA   C N S 305 
THR C    C N N 306 
THR O    O N N 307 
THR CB   C N R 308 
THR OG1  O N N 309 
THR CG2  C N N 310 
THR OXT  O N N 311 
THR H    H N N 312 
THR H2   H N N 313 
THR HA   H N N 314 
THR HB   H N N 315 
THR HG1  H N N 316 
THR HG21 H N N 317 
THR HG22 H N N 318 
THR HG23 H N N 319 
THR HXT  H N N 320 
TYR N    N N N 321 
TYR CA   C N S 322 
TYR C    C N N 323 
TYR O    O N N 324 
TYR CB   C N N 325 
TYR CG   C Y N 326 
TYR CD1  C Y N 327 
TYR CD2  C Y N 328 
TYR CE1  C Y N 329 
TYR CE2  C Y N 330 
TYR CZ   C Y N 331 
TYR OH   O N N 332 
TYR OXT  O N N 333 
TYR H    H N N 334 
TYR H2   H N N 335 
TYR HA   H N N 336 
TYR HB2  H N N 337 
TYR HB3  H N N 338 
TYR HD1  H N N 339 
TYR HD2  H N N 340 
TYR HE1  H N N 341 
TYR HE2  H N N 342 
TYR HH   H N N 343 
TYR HXT  H N N 344 
VAL N    N N N 345 
VAL CA   C N S 346 
VAL C    C N N 347 
VAL O    O N N 348 
VAL CB   C N N 349 
VAL CG1  C N N 350 
VAL CG2  C N N 351 
VAL OXT  O N N 352 
VAL H    H N N 353 
VAL H2   H N N 354 
VAL HA   H N N 355 
VAL HB   H N N 356 
VAL HG11 H N N 357 
VAL HG12 H N N 358 
VAL HG13 H N N 359 
VAL HG21 H N N 360 
VAL HG22 H N N 361 
VAL HG23 H N N 362 
VAL HXT  H N N 363 
# 
loop_
_chem_comp_bond.comp_id 
_chem_comp_bond.atom_id_1 
_chem_comp_bond.atom_id_2 
_chem_comp_bond.value_order 
_chem_comp_bond.pdbx_aromatic_flag 
_chem_comp_bond.pdbx_stereo_config 
_chem_comp_bond.pdbx_ordinal 
ALA N   CA   sing N N 1   
ALA N   H    sing N N 2   
ALA N   H2   sing N N 3   
ALA CA  C    sing N N 4   
ALA CA  CB   sing N N 5   
ALA CA  HA   sing N N 6   
ALA C   O    doub N N 7   
ALA C   OXT  sing N N 8   
ALA CB  HB1  sing N N 9   
ALA CB  HB2  sing N N 10  
ALA CB  HB3  sing N N 11  
ALA OXT HXT  sing N N 12  
ARG N   CA   sing N N 13  
ARG N   H    sing N N 14  
ARG N   H2   sing N N 15  
ARG CA  C    sing N N 16  
ARG CA  CB   sing N N 17  
ARG CA  HA   sing N N 18  
ARG C   O    doub N N 19  
ARG C   OXT  sing N N 20  
ARG CB  CG   sing N N 21  
ARG CB  HB2  sing N N 22  
ARG CB  HB3  sing N N 23  
ARG CG  CD   sing N N 24  
ARG CG  HG2  sing N N 25  
ARG CG  HG3  sing N N 26  
ARG CD  NE   sing N N 27  
ARG CD  HD2  sing N N 28  
ARG CD  HD3  sing N N 29  
ARG NE  CZ   sing N N 30  
ARG NE  HE   sing N N 31  
ARG CZ  NH1  sing N N 32  
ARG CZ  NH2  doub N N 33  
ARG NH1 HH11 sing N N 34  
ARG NH1 HH12 sing N N 35  
ARG NH2 HH21 sing N N 36  
ARG NH2 HH22 sing N N 37  
ARG OXT HXT  sing N N 38  
ASN N   CA   sing N N 39  
ASN N   H    sing N N 40  
ASN N   H2   sing N N 41  
ASN CA  C    sing N N 42  
ASN CA  CB   sing N N 43  
ASN CA  HA   sing N N 44  
ASN C   O    doub N N 45  
ASN C   OXT  sing N N 46  
ASN CB  CG   sing N N 47  
ASN CB  HB2  sing N N 48  
ASN CB  HB3  sing N N 49  
ASN CG  OD1  doub N N 50  
ASN CG  ND2  sing N N 51  
ASN ND2 HD21 sing N N 52  
ASN ND2 HD22 sing N N 53  
ASN OXT HXT  sing N N 54  
ASP N   CA   sing N N 55  
ASP N   H    sing N N 56  
ASP N   H2   sing N N 57  
ASP CA  C    sing N N 58  
ASP CA  CB   sing N N 59  
ASP CA  HA   sing N N 60  
ASP C   O    doub N N 61  
ASP C   OXT  sing N N 62  
ASP CB  CG   sing N N 63  
ASP CB  HB2  sing N N 64  
ASP CB  HB3  sing N N 65  
ASP CG  OD1  doub N N 66  
ASP CG  OD2  sing N N 67  
ASP OD2 HD2  sing N N 68  
ASP OXT HXT  sing N N 69  
CYS N   CA   sing N N 70  
CYS N   H    sing N N 71  
CYS N   H2   sing N N 72  
CYS CA  C    sing N N 73  
CYS CA  CB   sing N N 74  
CYS CA  HA   sing N N 75  
CYS C   O    doub N N 76  
CYS C   OXT  sing N N 77  
CYS CB  SG   sing N N 78  
CYS CB  HB2  sing N N 79  
CYS CB  HB3  sing N N 80  
CYS SG  HG   sing N N 81  
CYS OXT HXT  sing N N 82  
GLN N   CA   sing N N 83  
GLN N   H    sing N N 84  
GLN N   H2   sing N N 85  
GLN CA  C    sing N N 86  
GLN CA  CB   sing N N 87  
GLN CA  HA   sing N N 88  
GLN C   O    doub N N 89  
GLN C   OXT  sing N N 90  
GLN CB  CG   sing N N 91  
GLN CB  HB2  sing N N 92  
GLN CB  HB3  sing N N 93  
GLN CG  CD   sing N N 94  
GLN CG  HG2  sing N N 95  
GLN CG  HG3  sing N N 96  
GLN CD  OE1  doub N N 97  
GLN CD  NE2  sing N N 98  
GLN NE2 HE21 sing N N 99  
GLN NE2 HE22 sing N N 100 
GLN OXT HXT  sing N N 101 
GLU N   CA   sing N N 102 
GLU N   H    sing N N 103 
GLU N   H2   sing N N 104 
GLU CA  C    sing N N 105 
GLU CA  CB   sing N N 106 
GLU CA  HA   sing N N 107 
GLU C   O    doub N N 108 
GLU C   OXT  sing N N 109 
GLU CB  CG   sing N N 110 
GLU CB  HB2  sing N N 111 
GLU CB  HB3  sing N N 112 
GLU CG  CD   sing N N 113 
GLU CG  HG2  sing N N 114 
GLU CG  HG3  sing N N 115 
GLU CD  OE1  doub N N 116 
GLU CD  OE2  sing N N 117 
GLU OE2 HE2  sing N N 118 
GLU OXT HXT  sing N N 119 
GLY N   CA   sing N N 120 
GLY N   H    sing N N 121 
GLY N   H2   sing N N 122 
GLY CA  C    sing N N 123 
GLY CA  HA2  sing N N 124 
GLY CA  HA3  sing N N 125 
GLY C   O    doub N N 126 
GLY C   OXT  sing N N 127 
GLY OXT HXT  sing N N 128 
HIS N   CA   sing N N 129 
HIS N   H    sing N N 130 
HIS N   H2   sing N N 131 
HIS CA  C    sing N N 132 
HIS CA  CB   sing N N 133 
HIS CA  HA   sing N N 134 
HIS C   O    doub N N 135 
HIS C   OXT  sing N N 136 
HIS CB  CG   sing N N 137 
HIS CB  HB2  sing N N 138 
HIS CB  HB3  sing N N 139 
HIS CG  ND1  sing Y N 140 
HIS CG  CD2  doub Y N 141 
HIS ND1 CE1  doub Y N 142 
HIS ND1 HD1  sing N N 143 
HIS CD2 NE2  sing Y N 144 
HIS CD2 HD2  sing N N 145 
HIS CE1 NE2  sing Y N 146 
HIS CE1 HE1  sing N N 147 
HIS NE2 HE2  sing N N 148 
HIS OXT HXT  sing N N 149 
HOH O   H1   sing N N 150 
HOH O   H2   sing N N 151 
ILE N   CA   sing N N 152 
ILE N   H    sing N N 153 
ILE N   H2   sing N N 154 
ILE CA  C    sing N N 155 
ILE CA  CB   sing N N 156 
ILE CA  HA   sing N N 157 
ILE C   O    doub N N 158 
ILE C   OXT  sing N N 159 
ILE CB  CG1  sing N N 160 
ILE CB  CG2  sing N N 161 
ILE CB  HB   sing N N 162 
ILE CG1 CD1  sing N N 163 
ILE CG1 HG12 sing N N 164 
ILE CG1 HG13 sing N N 165 
ILE CG2 HG21 sing N N 166 
ILE CG2 HG22 sing N N 167 
ILE CG2 HG23 sing N N 168 
ILE CD1 HD11 sing N N 169 
ILE CD1 HD12 sing N N 170 
ILE CD1 HD13 sing N N 171 
ILE OXT HXT  sing N N 172 
LEU N   CA   sing N N 173 
LEU N   H    sing N N 174 
LEU N   H2   sing N N 175 
LEU CA  C    sing N N 176 
LEU CA  CB   sing N N 177 
LEU CA  HA   sing N N 178 
LEU C   O    doub N N 179 
LEU C   OXT  sing N N 180 
LEU CB  CG   sing N N 181 
LEU CB  HB2  sing N N 182 
LEU CB  HB3  sing N N 183 
LEU CG  CD1  sing N N 184 
LEU CG  CD2  sing N N 185 
LEU CG  HG   sing N N 186 
LEU CD1 HD11 sing N N 187 
LEU CD1 HD12 sing N N 188 
LEU CD1 HD13 sing N N 189 
LEU CD2 HD21 sing N N 190 
LEU CD2 HD22 sing N N 191 
LEU CD2 HD23 sing N N 192 
LEU OXT HXT  sing N N 193 
LYS N   CA   sing N N 194 
LYS N   H    sing N N 195 
LYS N   H2   sing N N 196 
LYS CA  C    sing N N 197 
LYS CA  CB   sing N N 198 
LYS CA  HA   sing N N 199 
LYS C   O    doub N N 200 
LYS C   OXT  sing N N 201 
LYS CB  CG   sing N N 202 
LYS CB  HB2  sing N N 203 
LYS CB  HB3  sing N N 204 
LYS CG  CD   sing N N 205 
LYS CG  HG2  sing N N 206 
LYS CG  HG3  sing N N 207 
LYS CD  CE   sing N N 208 
LYS CD  HD2  sing N N 209 
LYS CD  HD3  sing N N 210 
LYS CE  NZ   sing N N 211 
LYS CE  HE2  sing N N 212 
LYS CE  HE3  sing N N 213 
LYS NZ  HZ1  sing N N 214 
LYS NZ  HZ2  sing N N 215 
LYS NZ  HZ3  sing N N 216 
LYS OXT HXT  sing N N 217 
MET N   CA   sing N N 218 
MET N   H    sing N N 219 
MET N   H2   sing N N 220 
MET CA  C    sing N N 221 
MET CA  CB   sing N N 222 
MET CA  HA   sing N N 223 
MET C   O    doub N N 224 
MET C   OXT  sing N N 225 
MET CB  CG   sing N N 226 
MET CB  HB2  sing N N 227 
MET CB  HB3  sing N N 228 
MET CG  SD   sing N N 229 
MET CG  HG2  sing N N 230 
MET CG  HG3  sing N N 231 
MET SD  CE   sing N N 232 
MET CE  HE1  sing N N 233 
MET CE  HE2  sing N N 234 
MET CE  HE3  sing N N 235 
MET OXT HXT  sing N N 236 
PHE N   CA   sing N N 237 
PHE N   H    sing N N 238 
PHE N   H2   sing N N 239 
PHE CA  C    sing N N 240 
PHE CA  CB   sing N N 241 
PHE CA  HA   sing N N 242 
PHE C   O    doub N N 243 
PHE C   OXT  sing N N 244 
PHE CB  CG   sing N N 245 
PHE CB  HB2  sing N N 246 
PHE CB  HB3  sing N N 247 
PHE CG  CD1  doub Y N 248 
PHE CG  CD2  sing Y N 249 
PHE CD1 CE1  sing Y N 250 
PHE CD1 HD1  sing N N 251 
PHE CD2 CE2  doub Y N 252 
PHE CD2 HD2  sing N N 253 
PHE CE1 CZ   doub Y N 254 
PHE CE1 HE1  sing N N 255 
PHE CE2 CZ   sing Y N 256 
PHE CE2 HE2  sing N N 257 
PHE CZ  HZ   sing N N 258 
PHE OXT HXT  sing N N 259 
PRO N   CA   sing N N 260 
PRO N   CD   sing N N 261 
PRO N   H    sing N N 262 
PRO CA  C    sing N N 263 
PRO CA  CB   sing N N 264 
PRO CA  HA   sing N N 265 
PRO C   O    doub N N 266 
PRO C   OXT  sing N N 267 
PRO CB  CG   sing N N 268 
PRO CB  HB2  sing N N 269 
PRO CB  HB3  sing N N 270 
PRO CG  CD   sing N N 271 
PRO CG  HG2  sing N N 272 
PRO CG  HG3  sing N N 273 
PRO CD  HD2  sing N N 274 
PRO CD  HD3  sing N N 275 
PRO OXT HXT  sing N N 276 
SER N   CA   sing N N 277 
SER N   H    sing N N 278 
SER N   H2   sing N N 279 
SER CA  C    sing N N 280 
SER CA  CB   sing N N 281 
SER CA  HA   sing N N 282 
SER C   O    doub N N 283 
SER C   OXT  sing N N 284 
SER CB  OG   sing N N 285 
SER CB  HB2  sing N N 286 
SER CB  HB3  sing N N 287 
SER OG  HG   sing N N 288 
SER OXT HXT  sing N N 289 
THR N   CA   sing N N 290 
THR N   H    sing N N 291 
THR N   H2   sing N N 292 
THR CA  C    sing N N 293 
THR CA  CB   sing N N 294 
THR CA  HA   sing N N 295 
THR C   O    doub N N 296 
THR C   OXT  sing N N 297 
THR CB  OG1  sing N N 298 
THR CB  CG2  sing N N 299 
THR CB  HB   sing N N 300 
THR OG1 HG1  sing N N 301 
THR CG2 HG21 sing N N 302 
THR CG2 HG22 sing N N 303 
THR CG2 HG23 sing N N 304 
THR OXT HXT  sing N N 305 
TYR N   CA   sing N N 306 
TYR N   H    sing N N 307 
TYR N   H2   sing N N 308 
TYR CA  C    sing N N 309 
TYR CA  CB   sing N N 310 
TYR CA  HA   sing N N 311 
TYR C   O    doub N N 312 
TYR C   OXT  sing N N 313 
TYR CB  CG   sing N N 314 
TYR CB  HB2  sing N N 315 
TYR CB  HB3  sing N N 316 
TYR CG  CD1  doub Y N 317 
TYR CG  CD2  sing Y N 318 
TYR CD1 CE1  sing Y N 319 
TYR CD1 HD1  sing N N 320 
TYR CD2 CE2  doub Y N 321 
TYR CD2 HD2  sing N N 322 
TYR CE1 CZ   doub Y N 323 
TYR CE1 HE1  sing N N 324 
TYR CE2 CZ   sing Y N 325 
TYR CE2 HE2  sing N N 326 
TYR CZ  OH   sing N N 327 
TYR OH  HH   sing N N 328 
TYR OXT HXT  sing N N 329 
VAL N   CA   sing N N 330 
VAL N   H    sing N N 331 
VAL N   H2   sing N N 332 
VAL CA  C    sing N N 333 
VAL CA  CB   sing N N 334 
VAL CA  HA   sing N N 335 
VAL C   O    doub N N 336 
VAL C   OXT  sing N N 337 
VAL CB  CG1  sing N N 338 
VAL CB  CG2  sing N N 339 
VAL CB  HB   sing N N 340 
VAL CG1 HG11 sing N N 341 
VAL CG1 HG12 sing N N 342 
VAL CG1 HG13 sing N N 343 
VAL CG2 HG21 sing N N 344 
VAL CG2 HG22 sing N N 345 
VAL CG2 HG23 sing N N 346 
VAL OXT HXT  sing N N 347 
# 
_pdbx_entity_nonpoly.entity_id   2 
_pdbx_entity_nonpoly.name        water 
_pdbx_entity_nonpoly.comp_id     HOH 
# 
_pdbx_initial_refinement_model.id               1 
_pdbx_initial_refinement_model.entity_id_list   ? 
_pdbx_initial_refinement_model.type             'experimental model' 
_pdbx_initial_refinement_model.source_name      PDB 
_pdbx_initial_refinement_model.accession_code   1TXJ 
_pdbx_initial_refinement_model.details          'PDB ENTRY 1TXJ' 
# 
